data_6S7C
#
_entry.id   6S7C
#
_cell.length_a   74.697
_cell.length_b   98.629
_cell.length_c   207.438
_cell.angle_alpha   90.000
_cell.angle_beta   90.000
_cell.angle_gamma   90.000
#
_symmetry.space_group_name_H-M   'P 21 21 2'
#
loop_
_entity.id
_entity.type
_entity.pdbx_description
1 polymer 'Histone-arginine methyltransferase CARM1'
2 non-polymer 1-[3-[[(2~{R},3~{S},4~{R},5~{R})-5-(6-aminopurin-9-yl)-3,4-bis(oxidanyl)oxolan-2-yl]methyl-(3-azanylpropyl)amino]propyl]guanidine
3 water water
#
_entity_poly.entity_id   1
_entity_poly.type   'polypeptide(L)'
_entity_poly.pdbx_seq_one_letter_code
;SVFSERTEESSAVQYFQFYGYLSQQQNMMQDYVRTGTYQRAILQNHTDFKDKIVLDVGCGSGILSFFAAQAGARKIYAVE
ASTMAQHAEVLVKSNNLTDRIVVIPGKVEEVSLPEQVDIIISEPMGYMLFNERMLESYLHAKKYLKPSGNMFPTIGDVHL
APFTDEQLYMEQFTKANFWYQPSFHGVDLSALRGAAVDEYFRQPVVDTFDIRILMAKSVKYTVNFLEAKEGDLHRIEIPF
KFHMLHSGLVHGLAFWFDVAFIGSIMTVWLSTAPTEPLTHWYQVRCLFQSPLFAKAGDTLSGTCLLIANKRQSYDISIVA
QVDQTGSKSSNLLDLKNPFFRYTGTHHHHHH
;
_entity_poly.pdbx_strand_id   A,B,C,D
#
loop_
_chem_comp.id
_chem_comp.type
_chem_comp.name
_chem_comp.formula
KY2 non-polymer 1-[3-[[(2~{R},3~{S},4~{R},5~{R})-5-(6-aminopurin-9-yl)-3,4-bis(oxidanyl)oxolan-2-yl]methyl-(3-azanylpropyl)amino]propyl]guanidine 'C17 H30 N10 O3'
#
# COMPACT_ATOMS: atom_id res chain seq x y z
N SER A 1 -7.45 17.04 42.19
CA SER A 1 -8.45 17.82 41.42
C SER A 1 -9.82 17.13 41.49
N VAL A 2 -10.85 17.77 40.92
CA VAL A 2 -12.16 17.18 40.77
C VAL A 2 -12.07 15.84 40.00
N PHE A 3 -11.23 15.79 38.95
CA PHE A 3 -10.97 14.55 38.17
C PHE A 3 -10.35 13.42 39.03
N SER A 4 -9.20 13.66 39.67
CA SER A 4 -8.54 12.58 40.47
C SER A 4 -9.41 12.15 41.68
N GLU A 5 -10.27 13.04 42.22
CA GLU A 5 -11.12 12.64 43.41
C GLU A 5 -12.23 11.65 43.00
N ARG A 6 -12.77 11.74 41.77
CA ARG A 6 -13.87 10.87 41.28
C ARG A 6 -13.35 9.65 40.49
N THR A 7 -12.01 9.48 40.41
CA THR A 7 -11.37 8.48 39.48
C THR A 7 -10.21 7.68 40.14
N GLU A 8 -10.31 6.34 40.21
CA GLU A 8 -9.12 5.46 40.55
C GLU A 8 -8.01 5.74 39.51
N GLU A 9 -6.76 5.91 39.98
CA GLU A 9 -5.63 6.18 39.05
C GLU A 9 -5.49 5.02 38.05
N SER A 10 -5.72 3.78 38.48
CA SER A 10 -5.75 2.61 37.61
C SER A 10 -6.71 2.73 36.40
N SER A 11 -7.91 3.27 36.64
CA SER A 11 -8.90 3.53 35.56
C SER A 11 -8.38 4.63 34.62
N ALA A 12 -7.84 5.72 35.17
CA ALA A 12 -7.32 6.89 34.41
C ALA A 12 -6.13 6.49 33.50
N VAL A 13 -5.15 5.73 34.03
CA VAL A 13 -4.00 5.22 33.25
C VAL A 13 -4.53 4.45 32.02
N GLN A 14 -5.35 3.39 32.22
CA GLN A 14 -5.91 2.57 31.12
C GLN A 14 -6.61 3.51 30.12
N TYR A 15 -7.45 4.44 30.65
CA TYR A 15 -8.29 5.33 29.83
C TYR A 15 -7.45 6.21 28.88
N PHE A 16 -6.46 6.94 29.45
CA PHE A 16 -5.61 7.82 28.66
C PHE A 16 -4.60 7.02 27.79
N GLN A 17 -4.13 5.82 28.18
CA GLN A 17 -3.32 5.01 27.25
C GLN A 17 -4.14 4.72 25.98
N PHE A 18 -5.39 4.30 26.15
CA PHE A 18 -6.31 3.93 25.06
C PHE A 18 -6.51 5.11 24.09
N TYR A 19 -6.75 6.32 24.60
CA TYR A 19 -6.98 7.49 23.72
C TYR A 19 -5.68 8.06 23.13
N GLY A 20 -4.51 7.59 23.60
CA GLY A 20 -3.22 7.89 23.05
C GLY A 20 -2.90 7.26 21.68
N TYR A 21 -3.65 6.24 21.25
CA TYR A 21 -3.37 5.57 20.00
C TYR A 21 -4.06 6.30 18.85
N LEU A 22 -3.26 6.52 17.80
CA LEU A 22 -3.79 7.07 16.57
C LEU A 22 -4.82 6.12 15.97
N SER A 23 -4.69 4.81 16.13
CA SER A 23 -5.70 3.92 15.58
C SER A 23 -7.08 4.19 16.15
N GLN A 24 -7.16 4.54 17.44
CA GLN A 24 -8.40 4.83 18.07
C GLN A 24 -8.97 6.16 17.58
N GLN A 25 -8.11 7.17 17.42
CA GLN A 25 -8.52 8.43 16.80
C GLN A 25 -9.10 8.18 15.40
N GLN A 26 -8.41 7.34 14.63
CA GLN A 26 -8.80 7.03 13.29
C GLN A 26 -10.16 6.34 13.27
N ASN A 27 -10.38 5.42 14.19
CA ASN A 27 -11.64 4.72 14.25
C ASN A 27 -12.74 5.75 14.42
N MET A 28 -12.51 6.78 15.23
CA MET A 28 -13.57 7.74 15.50
C MET A 28 -13.71 8.70 14.32
N MET A 29 -12.60 9.11 13.72
CA MET A 29 -12.66 9.98 12.58
C MET A 29 -13.40 9.30 11.42
N GLN A 30 -13.25 7.99 11.25
CA GLN A 30 -13.86 7.23 10.09
C GLN A 30 -15.36 7.02 10.26
N ASP A 31 -15.90 7.25 11.46
CA ASP A 31 -17.34 7.25 11.65
C ASP A 31 -17.88 8.52 11.00
N TYR A 32 -18.42 8.32 9.81
CA TYR A 32 -18.81 9.40 8.96
C TYR A 32 -19.92 10.22 9.62
N VAL A 33 -20.85 9.54 10.28
CA VAL A 33 -21.95 10.23 10.90
C VAL A 33 -21.42 11.17 11.97
N ARG A 34 -20.50 10.68 12.80
CA ARG A 34 -19.90 11.44 13.90
C ARG A 34 -19.21 12.67 13.29
N THR A 35 -18.27 12.44 12.41
CA THR A 35 -17.38 13.49 12.01
C THR A 35 -18.10 14.51 11.13
N GLY A 36 -18.91 14.00 10.21
CA GLY A 36 -19.62 14.82 9.26
C GLY A 36 -20.66 15.67 9.95
N THR A 37 -21.32 15.13 10.98
N THR A 37 -21.32 15.13 10.98
CA THR A 37 -22.33 15.87 11.69
CA THR A 37 -22.33 15.87 11.69
C THR A 37 -21.69 16.97 12.55
C THR A 37 -21.69 16.97 12.55
N TYR A 38 -20.56 16.69 13.21
CA TYR A 38 -19.86 17.74 13.92
C TYR A 38 -19.45 18.88 12.98
N GLN A 39 -18.92 18.52 11.80
CA GLN A 39 -18.49 19.53 10.85
C GLN A 39 -19.69 20.37 10.41
N ARG A 40 -20.81 19.73 10.04
CA ARG A 40 -22.03 20.44 9.60
C ARG A 40 -22.51 21.38 10.72
N ALA A 41 -22.56 20.88 11.97
CA ALA A 41 -23.03 21.65 13.14
C ALA A 41 -22.19 22.92 13.33
N ILE A 42 -20.88 22.78 13.20
CA ILE A 42 -19.99 23.90 13.39
C ILE A 42 -20.03 24.85 12.17
N LEU A 43 -19.86 24.32 10.95
CA LEU A 43 -19.80 25.21 9.73
C LEU A 43 -21.16 25.91 9.46
N GLN A 44 -22.31 25.22 9.59
CA GLN A 44 -23.60 25.83 9.31
C GLN A 44 -23.98 26.85 10.41
N ASN A 45 -23.31 26.84 11.57
CA ASN A 45 -23.47 27.83 12.64
C ASN A 45 -22.23 28.71 12.74
N HIS A 46 -21.74 29.21 11.61
CA HIS A 46 -20.46 29.98 11.51
C HIS A 46 -20.49 31.23 12.38
N THR A 47 -21.67 31.84 12.56
CA THR A 47 -21.84 33.01 13.43
C THR A 47 -21.57 32.67 14.90
N ASP A 48 -21.74 31.42 15.31
CA ASP A 48 -21.35 30.99 16.70
C ASP A 48 -19.83 30.83 16.84
N PHE A 49 -19.09 30.89 15.72
CA PHE A 49 -17.63 30.72 15.74
C PHE A 49 -16.84 31.94 15.22
N LYS A 50 -17.36 32.68 14.24
CA LYS A 50 -16.56 33.74 13.51
C LYS A 50 -16.03 34.73 14.55
N ASP A 51 -14.69 34.83 14.66
CA ASP A 51 -13.99 35.80 15.54
C ASP A 51 -14.24 35.48 17.02
N LYS A 52 -14.64 34.25 17.35
CA LYS A 52 -14.92 33.90 18.75
C LYS A 52 -13.75 33.13 19.37
N ILE A 53 -13.81 33.05 20.69
CA ILE A 53 -12.88 32.26 21.49
C ILE A 53 -13.58 30.93 21.81
N VAL A 54 -12.83 29.83 21.69
CA VAL A 54 -13.41 28.50 21.72
C VAL A 54 -12.59 27.62 22.66
N LEU A 55 -13.26 26.76 23.43
CA LEU A 55 -12.56 25.74 24.18
C LEU A 55 -12.99 24.38 23.64
N ASP A 56 -12.00 23.52 23.32
CA ASP A 56 -12.24 22.15 22.85
C ASP A 56 -11.79 21.17 23.93
N VAL A 57 -12.78 20.50 24.52
CA VAL A 57 -12.50 19.73 25.70
C VAL A 57 -12.20 18.33 25.24
N GLY A 58 -10.95 17.90 25.45
CA GLY A 58 -10.56 16.58 25.01
C GLY A 58 -10.47 16.51 23.49
N CYS A 59 -9.58 17.29 22.91
CA CYS A 59 -9.50 17.53 21.48
C CYS A 59 -8.98 16.32 20.66
N GLY A 60 -8.31 15.39 21.32
CA GLY A 60 -7.73 14.29 20.66
C GLY A 60 -6.78 14.77 19.60
N SER A 61 -6.99 14.29 18.36
CA SER A 61 -6.18 14.68 17.18
C SER A 61 -6.33 16.19 16.89
N GLY A 62 -7.42 16.81 17.33
CA GLY A 62 -7.61 18.20 17.13
C GLY A 62 -8.71 18.50 16.13
N ILE A 63 -9.35 17.48 15.57
CA ILE A 63 -10.24 17.64 14.44
C ILE A 63 -11.33 18.72 14.66
N LEU A 64 -11.93 18.78 15.85
CA LEU A 64 -13.05 19.72 16.07
C LEU A 64 -12.49 21.15 16.12
N SER A 65 -11.28 21.30 16.65
CA SER A 65 -10.63 22.58 16.64
C SER A 65 -10.38 23.07 15.22
N PHE A 66 -9.98 22.14 14.34
CA PHE A 66 -9.81 22.53 12.94
C PHE A 66 -11.16 22.95 12.34
N PHE A 67 -12.25 22.29 12.71
CA PHE A 67 -13.53 22.72 12.22
C PHE A 67 -13.88 24.11 12.77
N ALA A 68 -13.65 24.37 14.06
CA ALA A 68 -13.85 25.69 14.59
C ALA A 68 -13.07 26.75 13.81
N ALA A 69 -11.83 26.42 13.45
CA ALA A 69 -10.96 27.28 12.67
C ALA A 69 -11.52 27.52 11.25
N GLN A 70 -11.98 26.48 10.58
CA GLN A 70 -12.59 26.63 9.24
C GLN A 70 -13.82 27.58 9.30
N ALA A 71 -14.52 27.61 10.43
CA ALA A 71 -15.70 28.48 10.68
C ALA A 71 -15.34 29.90 11.13
N GLY A 72 -14.05 30.19 11.37
CA GLY A 72 -13.59 31.58 11.58
C GLY A 72 -13.17 31.93 13.00
N ALA A 73 -13.09 30.96 13.92
CA ALA A 73 -12.72 31.26 15.31
C ALA A 73 -11.41 32.04 15.32
N ARG A 74 -11.32 33.01 16.24
CA ARG A 74 -10.13 33.78 16.42
C ARG A 74 -9.11 32.95 17.21
N LYS A 75 -9.57 32.30 18.27
CA LYS A 75 -8.69 31.56 19.14
C LYS A 75 -9.43 30.34 19.68
N ILE A 76 -8.71 29.20 19.68
CA ILE A 76 -9.22 27.93 20.11
C ILE A 76 -8.21 27.30 21.08
N TYR A 77 -8.65 27.01 22.30
CA TYR A 77 -7.84 26.34 23.27
C TYR A 77 -8.25 24.89 23.26
N ALA A 78 -7.29 24.02 22.93
CA ALA A 78 -7.57 22.68 22.71
C ALA A 78 -6.91 21.87 23.82
N VAL A 79 -7.73 21.34 24.73
CA VAL A 79 -7.25 20.68 25.91
C VAL A 79 -7.35 19.17 25.71
N GLU A 80 -6.26 18.48 26.05
CA GLU A 80 -6.18 17.02 25.87
C GLU A 80 -5.18 16.43 26.86
N ALA A 81 -5.59 15.37 27.53
CA ALA A 81 -4.87 14.82 28.68
C ALA A 81 -4.00 13.62 28.32
N SER A 82 -4.34 12.97 27.23
CA SER A 82 -3.54 11.86 26.72
C SER A 82 -2.31 12.37 25.93
N THR A 83 -1.39 11.45 25.64
CA THR A 83 -0.21 11.72 24.81
C THR A 83 -0.61 12.13 23.37
N MET A 84 -1.87 11.95 22.98
CA MET A 84 -2.45 12.50 21.73
C MET A 84 -2.27 14.01 21.60
N ALA A 85 -2.04 14.71 22.72
CA ALA A 85 -1.81 16.19 22.67
C ALA A 85 -0.63 16.55 21.77
N GLN A 86 0.41 15.73 21.82
CA GLN A 86 1.63 15.98 21.07
C GLN A 86 1.36 15.83 19.57
N HIS A 87 0.56 14.84 19.20
CA HIS A 87 0.18 14.64 17.81
C HIS A 87 -0.73 15.78 17.34
N ALA A 88 -1.64 16.25 18.21
CA ALA A 88 -2.45 17.40 17.89
C ALA A 88 -1.57 18.62 17.62
N GLU A 89 -0.53 18.80 18.43
CA GLU A 89 0.39 19.93 18.27
C GLU A 89 1.07 19.86 16.88
N VAL A 90 1.57 18.68 16.50
CA VAL A 90 2.18 18.52 15.20
C VAL A 90 1.17 18.95 14.11
N LEU A 91 -0.07 18.54 14.17
CA LEU A 91 -1.04 18.90 13.13
C LEU A 91 -1.34 20.39 13.13
N VAL A 92 -1.36 21.03 14.30
CA VAL A 92 -1.58 22.47 14.29
C VAL A 92 -0.44 23.18 13.53
N LYS A 93 0.81 22.76 13.72
CA LYS A 93 1.94 23.33 13.00
C LYS A 93 1.86 23.00 11.50
N SER A 94 1.55 21.75 11.13
CA SER A 94 1.58 21.38 9.75
C SER A 94 0.39 22.00 9.00
N ASN A 95 -0.68 22.40 9.70
CA ASN A 95 -1.78 23.10 9.03
C ASN A 95 -1.71 24.61 9.25
N ASN A 96 -0.60 25.11 9.79
CA ASN A 96 -0.26 26.55 9.82
C ASN A 96 -1.32 27.33 10.61
N LEU A 97 -1.61 26.84 11.82
CA LEU A 97 -2.63 27.38 12.67
C LEU A 97 -2.11 27.62 14.09
N THR A 98 -0.80 27.77 14.32
CA THR A 98 -0.28 28.02 15.69
C THR A 98 -0.72 29.40 16.23
N ASP A 99 -1.05 30.32 15.36
CA ASP A 99 -1.61 31.66 15.76
C ASP A 99 -3.06 31.53 16.28
N ARG A 100 -3.74 30.43 15.95
CA ARG A 100 -5.16 30.31 16.24
C ARG A 100 -5.53 29.11 17.15
N ILE A 101 -4.77 28.01 17.16
CA ILE A 101 -5.09 26.86 17.96
C ILE A 101 -3.92 26.65 18.90
N VAL A 102 -4.23 26.61 20.19
CA VAL A 102 -3.27 26.44 21.22
C VAL A 102 -3.63 25.16 21.96
N VAL A 103 -2.74 24.18 21.84
CA VAL A 103 -2.95 22.94 22.46
C VAL A 103 -2.40 23.06 23.88
N ILE A 104 -3.20 22.61 24.85
CA ILE A 104 -2.85 22.66 26.27
C ILE A 104 -2.93 21.26 26.83
N PRO A 105 -1.79 20.59 27.07
CA PRO A 105 -1.79 19.23 27.60
C PRO A 105 -2.26 19.18 29.06
N GLY A 106 -3.09 18.20 29.40
CA GLY A 106 -3.54 17.95 30.74
C GLY A 106 -5.06 17.86 30.84
N LYS A 107 -5.54 17.66 32.07
CA LYS A 107 -6.96 17.43 32.32
C LYS A 107 -7.62 18.81 32.38
N VAL A 108 -8.84 18.95 31.88
CA VAL A 108 -9.51 20.27 31.84
C VAL A 108 -9.83 20.77 33.27
N GLU A 109 -9.85 19.82 34.21
CA GLU A 109 -10.02 20.09 35.63
C GLU A 109 -8.73 20.61 36.26
N GLU A 110 -7.57 20.55 35.59
CA GLU A 110 -6.26 20.86 36.22
C GLU A 110 -5.53 22.01 35.53
N VAL A 111 -5.82 22.24 34.26
CA VAL A 111 -5.10 23.22 33.49
C VAL A 111 -5.62 24.63 33.75
N SER A 112 -4.85 25.61 33.27
CA SER A 112 -5.16 27.02 33.28
C SER A 112 -5.42 27.51 31.85
N LEU A 113 -6.48 28.27 31.65
CA LEU A 113 -6.68 28.99 30.41
C LEU A 113 -6.40 30.45 30.69
N PRO A 114 -5.92 31.19 29.69
CA PRO A 114 -5.65 32.59 29.92
C PRO A 114 -6.93 33.44 29.88
N GLU A 115 -8.04 32.95 29.32
CA GLU A 115 -9.25 33.80 29.18
C GLU A 115 -10.50 32.92 29.17
N GLN A 116 -11.65 33.56 29.37
CA GLN A 116 -12.93 32.96 29.24
C GLN A 116 -13.26 32.81 27.76
N VAL A 117 -14.15 31.86 27.46
CA VAL A 117 -14.43 31.49 26.07
C VAL A 117 -15.92 31.71 25.76
N ASP A 118 -16.20 31.89 24.48
CA ASP A 118 -17.56 32.18 23.98
C ASP A 118 -18.37 30.89 23.81
N ILE A 119 -17.68 29.78 23.58
CA ILE A 119 -18.34 28.53 23.25
C ILE A 119 -17.40 27.35 23.56
N ILE A 120 -18.00 26.27 24.09
CA ILE A 120 -17.27 25.04 24.34
C ILE A 120 -17.77 23.99 23.37
N ILE A 121 -16.84 23.25 22.80
CA ILE A 121 -17.11 22.11 21.95
C ILE A 121 -16.40 20.86 22.50
N SER A 122 -17.04 19.72 22.29
CA SER A 122 -16.48 18.48 22.78
C SER A 122 -17.29 17.33 22.21
N GLU A 123 -16.72 16.15 22.31
CA GLU A 123 -17.44 14.91 22.11
C GLU A 123 -17.33 14.05 23.36
N PRO A 124 -18.08 14.39 24.42
CA PRO A 124 -18.03 13.65 25.68
C PRO A 124 -18.89 12.39 25.79
N MET A 125 -19.63 12.04 24.74
CA MET A 125 -20.56 10.95 24.79
C MET A 125 -19.83 9.61 24.70
N GLY A 126 -20.12 8.73 25.67
CA GLY A 126 -19.74 7.31 25.62
C GLY A 126 -20.94 6.45 25.32
N TYR A 127 -20.74 5.14 25.44
CA TYR A 127 -21.86 4.18 25.32
C TYR A 127 -22.95 4.60 26.26
N MET A 128 -24.18 4.54 25.77
CA MET A 128 -25.35 4.84 26.60
C MET A 128 -25.28 6.30 27.03
N LEU A 129 -24.51 7.10 26.30
CA LEU A 129 -24.25 8.52 26.53
C LEU A 129 -23.26 8.73 27.67
N PHE A 130 -23.52 8.13 28.84
CA PHE A 130 -22.84 8.52 30.06
C PHE A 130 -21.55 7.75 30.34
N ASN A 131 -21.33 6.61 29.71
CA ASN A 131 -20.11 5.83 29.97
C ASN A 131 -18.89 6.73 29.72
N GLU A 132 -17.88 6.52 30.56
CA GLU A 132 -16.57 7.25 30.58
C GLU A 132 -16.62 8.49 31.48
N ARG A 133 -17.85 8.96 31.83
CA ARG A 133 -18.03 10.09 32.73
C ARG A 133 -17.26 11.30 32.22
N MET A 134 -17.19 11.45 30.92
CA MET A 134 -16.52 12.58 30.37
C MET A 134 -17.51 13.76 30.29
N LEU A 135 -18.80 13.48 30.36
CA LEU A 135 -19.76 14.61 30.49
C LEU A 135 -19.46 15.51 31.70
N GLU A 136 -18.89 14.94 32.76
CA GLU A 136 -18.53 15.71 33.92
C GLU A 136 -17.43 16.71 33.61
N SER A 137 -16.43 16.28 32.83
CA SER A 137 -15.33 17.14 32.42
C SER A 137 -15.89 18.24 31.55
N TYR A 138 -16.81 17.88 30.68
CA TYR A 138 -17.44 18.86 29.79
C TYR A 138 -18.18 19.92 30.61
N LEU A 139 -18.90 19.49 31.64
CA LEU A 139 -19.71 20.46 32.44
C LEU A 139 -18.80 21.29 33.36
N HIS A 140 -17.79 20.64 33.96
CA HIS A 140 -16.79 21.29 34.72
C HIS A 140 -16.17 22.46 33.97
N ALA A 141 -16.01 22.26 32.66
CA ALA A 141 -15.37 23.26 31.80
C ALA A 141 -16.22 24.51 31.71
N LYS A 142 -17.50 24.49 32.14
CA LYS A 142 -18.30 25.71 32.12
C LYS A 142 -17.72 26.81 33.01
N LYS A 143 -16.84 26.46 33.93
CA LYS A 143 -16.14 27.48 34.68
C LYS A 143 -15.34 28.45 33.78
N TYR A 144 -15.02 28.06 32.55
CA TYR A 144 -14.32 28.93 31.60
C TYR A 144 -15.26 29.58 30.61
N LEU A 145 -16.55 29.35 30.76
CA LEU A 145 -17.53 29.87 29.80
C LEU A 145 -18.02 31.26 30.19
N LYS A 146 -17.94 32.19 29.25
CA LYS A 146 -18.52 33.55 29.45
C LYS A 146 -20.00 33.40 29.75
N PRO A 147 -20.55 34.31 30.59
CA PRO A 147 -22.00 34.39 30.76
C PRO A 147 -22.67 34.36 29.40
N SER A 148 -23.66 33.49 29.25
CA SER A 148 -24.44 33.36 28.00
C SER A 148 -23.60 32.78 26.84
N GLY A 149 -22.47 32.13 27.17
CA GLY A 149 -21.78 31.28 26.21
C GLY A 149 -22.57 30.02 25.85
N ASN A 150 -22.20 29.40 24.72
CA ASN A 150 -22.89 28.26 24.18
C ASN A 150 -22.05 26.98 24.43
N MET A 151 -22.71 25.84 24.21
CA MET A 151 -22.08 24.54 24.24
C MET A 151 -22.54 23.71 23.07
N PHE A 152 -21.57 23.00 22.51
CA PHE A 152 -21.72 22.16 21.34
C PHE A 152 -21.09 20.79 21.64
N PRO A 153 -21.91 19.81 22.01
CA PRO A 153 -23.37 19.82 21.94
C PRO A 153 -24.06 20.51 23.12
N THR A 154 -25.30 20.93 22.87
CA THR A 154 -26.06 21.74 23.79
C THR A 154 -26.90 20.88 24.74
N ILE A 155 -27.55 19.85 24.18
CA ILE A 155 -28.36 18.97 25.01
C ILE A 155 -28.11 17.53 24.55
N GLY A 156 -28.33 16.58 25.47
CA GLY A 156 -28.27 15.11 25.22
C GLY A 156 -29.53 14.41 25.71
N ASP A 157 -30.14 13.55 24.89
CA ASP A 157 -31.28 12.78 25.21
C ASP A 157 -30.85 11.31 25.22
N VAL A 158 -30.99 10.66 26.37
CA VAL A 158 -31.03 9.22 26.41
C VAL A 158 -32.42 8.66 26.17
N HIS A 159 -32.51 7.66 25.29
CA HIS A 159 -33.74 6.91 25.02
C HIS A 159 -33.63 5.47 25.57
N LEU A 160 -34.70 4.99 26.19
CA LEU A 160 -34.86 3.66 26.67
C LEU A 160 -36.14 3.06 26.08
N ALA A 161 -36.13 1.75 25.81
CA ALA A 161 -37.30 1.08 25.38
C ALA A 161 -37.19 -0.40 25.67
N PRO A 162 -38.28 -1.07 26.01
CA PRO A 162 -38.24 -2.49 26.26
C PRO A 162 -38.07 -3.25 24.97
N PHE A 163 -37.33 -4.37 25.03
CA PHE A 163 -37.17 -5.20 23.82
C PHE A 163 -37.45 -6.69 24.12
N THR A 164 -37.72 -7.43 23.05
CA THR A 164 -37.80 -8.87 23.06
C THR A 164 -36.73 -9.43 22.14
N ASP A 165 -35.90 -10.36 22.64
CA ASP A 165 -34.91 -10.96 21.86
C ASP A 165 -34.51 -12.27 22.51
N GLU A 166 -35.27 -13.29 22.15
CA GLU A 166 -35.20 -14.58 22.73
C GLU A 166 -33.80 -15.19 22.51
N GLN A 167 -33.23 -15.02 21.33
CA GLN A 167 -31.92 -15.58 20.98
C GLN A 167 -30.85 -14.96 21.85
N LEU A 168 -30.93 -13.64 22.11
CA LEU A 168 -29.94 -12.97 22.96
C LEU A 168 -30.01 -13.50 24.38
N TYR A 169 -31.25 -13.61 24.87
CA TYR A 169 -31.47 -14.09 26.22
C TYR A 169 -30.89 -15.49 26.38
N MET A 170 -31.11 -16.36 25.41
CA MET A 170 -30.78 -17.75 25.53
C MET A 170 -29.25 -17.93 25.43
N GLU A 171 -28.61 -17.15 24.57
CA GLU A 171 -27.17 -17.14 24.43
C GLU A 171 -26.51 -17.09 25.81
N GLN A 172 -27.08 -16.42 26.82
CA GLN A 172 -26.42 -16.29 28.10
C GLN A 172 -26.39 -17.62 28.86
N PHE A 173 -27.48 -18.37 28.78
CA PHE A 173 -27.52 -19.63 29.46
C PHE A 173 -26.70 -20.66 28.73
N THR A 174 -26.70 -20.57 27.41
CA THR A 174 -25.92 -21.46 26.61
C THR A 174 -24.43 -21.33 26.97
N LYS A 175 -23.93 -20.10 27.10
CA LYS A 175 -22.57 -19.85 27.46
C LYS A 175 -22.29 -20.33 28.88
N ALA A 176 -23.18 -20.03 29.80
CA ALA A 176 -22.96 -20.39 31.18
C ALA A 176 -23.05 -21.90 31.40
N ASN A 177 -23.79 -22.63 30.52
CA ASN A 177 -24.02 -24.03 30.77
C ASN A 177 -22.73 -24.84 30.53
N PHE A 178 -21.69 -24.18 30.04
CA PHE A 178 -20.38 -24.79 30.03
C PHE A 178 -20.03 -25.31 31.44
N TRP A 179 -20.44 -24.58 32.46
CA TRP A 179 -20.14 -24.95 33.84
C TRP A 179 -21.03 -26.07 34.37
N TYR A 180 -22.07 -26.48 33.64
CA TYR A 180 -23.04 -27.46 34.13
C TYR A 180 -22.64 -28.80 33.56
N GLN A 181 -21.49 -29.28 34.03
CA GLN A 181 -20.84 -30.49 33.57
C GLN A 181 -20.32 -31.23 34.81
N PRO A 182 -20.76 -32.46 35.10
CA PRO A 182 -20.30 -33.13 36.31
C PRO A 182 -18.88 -33.70 36.13
N SER A 183 -18.35 -33.74 34.92
CA SER A 183 -17.03 -34.34 34.74
C SER A 183 -16.31 -33.73 33.54
N PHE A 184 -15.89 -32.48 33.70
CA PHE A 184 -15.02 -31.81 32.77
C PHE A 184 -13.59 -32.26 33.06
N HIS A 185 -13.05 -33.15 32.22
CA HIS A 185 -11.74 -33.78 32.51
C HIS A 185 -11.71 -34.27 33.96
N GLY A 186 -12.83 -34.83 34.41
CA GLY A 186 -12.92 -35.44 35.72
C GLY A 186 -13.30 -34.50 36.85
N VAL A 187 -13.68 -33.27 36.58
CA VAL A 187 -13.99 -32.27 37.57
C VAL A 187 -15.43 -31.83 37.40
N ASP A 188 -16.13 -31.74 38.51
CA ASP A 188 -17.46 -31.32 38.52
C ASP A 188 -17.49 -29.80 38.62
N LEU A 189 -17.90 -29.13 37.56
CA LEU A 189 -17.88 -27.68 37.51
C LEU A 189 -19.21 -27.02 37.89
N SER A 190 -20.24 -27.83 38.12
CA SER A 190 -21.64 -27.38 38.16
C SER A 190 -21.91 -26.32 39.21
N ALA A 191 -21.13 -26.33 40.30
CA ALA A 191 -21.30 -25.38 41.41
C ALA A 191 -21.10 -23.92 40.95
N LEU A 192 -20.40 -23.69 39.82
CA LEU A 192 -20.10 -22.33 39.40
C LEU A 192 -21.10 -21.83 38.34
N ARG A 193 -22.06 -22.65 37.99
CA ARG A 193 -22.93 -22.28 36.90
C ARG A 193 -23.74 -21.02 37.23
N GLY A 194 -24.29 -20.93 38.44
CA GLY A 194 -25.02 -19.78 38.83
C GLY A 194 -24.18 -18.53 38.78
N ALA A 195 -22.93 -18.61 39.22
CA ALA A 195 -22.05 -17.42 39.21
C ALA A 195 -21.71 -17.02 37.76
N ALA A 196 -21.62 -18.00 36.86
CA ALA A 196 -21.35 -17.68 35.47
C ALA A 196 -22.54 -16.95 34.82
N VAL A 197 -23.73 -17.41 35.09
CA VAL A 197 -24.95 -16.71 34.66
C VAL A 197 -24.96 -15.28 35.18
N ASP A 198 -24.73 -15.08 36.48
CA ASP A 198 -24.67 -13.76 37.08
C ASP A 198 -23.70 -12.88 36.31
N GLU A 199 -22.51 -13.41 36.02
CA GLU A 199 -21.53 -12.60 35.39
C GLU A 199 -21.97 -12.15 33.99
N TYR A 200 -22.57 -13.03 33.19
CA TYR A 200 -22.92 -12.63 31.85
C TYR A 200 -24.08 -11.61 31.86
N PHE A 201 -25.02 -11.73 32.79
CA PHE A 201 -26.18 -10.85 32.85
C PHE A 201 -25.75 -9.49 33.42
N ARG A 202 -24.60 -9.40 34.08
CA ARG A 202 -24.09 -8.09 34.53
C ARG A 202 -23.52 -7.26 33.34
N GLN A 203 -23.34 -7.86 32.16
CA GLN A 203 -22.70 -7.16 31.09
C GLN A 203 -23.73 -6.50 30.19
N PRO A 204 -23.71 -5.20 29.98
CA PRO A 204 -24.52 -4.63 28.90
C PRO A 204 -24.00 -5.11 27.55
N VAL A 205 -24.91 -5.27 26.60
CA VAL A 205 -24.65 -5.75 25.29
C VAL A 205 -24.67 -4.62 24.30
N VAL A 206 -23.50 -4.38 23.71
CA VAL A 206 -23.26 -3.31 22.74
C VAL A 206 -23.27 -3.97 21.39
N ASP A 207 -24.31 -3.69 20.62
CA ASP A 207 -24.46 -4.05 19.27
C ASP A 207 -25.70 -3.33 18.75
N THR A 208 -26.08 -3.62 17.52
CA THR A 208 -27.21 -3.05 16.90
C THR A 208 -28.25 -4.15 16.75
N PHE A 209 -29.44 -3.78 16.29
CA PHE A 209 -30.55 -4.66 16.22
C PHE A 209 -31.61 -4.03 15.34
N ASP A 210 -32.51 -4.88 14.85
CA ASP A 210 -33.61 -4.48 14.07
C ASP A 210 -34.66 -3.82 14.99
N ILE A 211 -35.24 -2.70 14.57
CA ILE A 211 -36.20 -1.96 15.40
C ILE A 211 -37.46 -2.75 15.73
N ARG A 212 -37.73 -3.84 15.02
CA ARG A 212 -38.92 -4.63 15.26
C ARG A 212 -38.88 -5.30 16.64
N ILE A 213 -37.71 -5.50 17.25
CA ILE A 213 -37.65 -6.08 18.57
C ILE A 213 -38.17 -5.12 19.66
N LEU A 214 -38.39 -3.84 19.35
CA LEU A 214 -38.80 -2.86 20.34
C LEU A 214 -40.29 -2.98 20.55
N MET A 215 -40.68 -3.01 21.83
CA MET A 215 -42.04 -3.32 22.19
C MET A 215 -42.84 -2.10 22.72
N ALA A 216 -42.28 -0.90 22.76
CA ALA A 216 -43.01 0.30 23.14
C ALA A 216 -42.19 1.50 22.72
N LYS A 217 -42.88 2.62 22.52
CA LYS A 217 -42.29 3.90 22.22
C LYS A 217 -41.28 4.19 23.32
N SER A 218 -40.14 4.77 22.92
CA SER A 218 -39.05 5.06 23.88
C SER A 218 -39.51 6.11 24.90
N VAL A 219 -38.93 6.05 26.09
CA VAL A 219 -38.91 7.14 27.05
C VAL A 219 -37.56 7.87 26.94
N LYS A 220 -37.57 9.17 27.15
CA LYS A 220 -36.52 10.11 26.93
C LYS A 220 -36.11 10.69 28.28
N TYR A 221 -34.81 10.74 28.58
CA TYR A 221 -34.26 11.50 29.70
C TYR A 221 -33.24 12.48 29.13
N THR A 222 -33.39 13.77 29.44
CA THR A 222 -32.71 14.85 28.82
C THR A 222 -31.77 15.52 29.82
N VAL A 223 -30.55 15.77 29.38
CA VAL A 223 -29.57 16.57 30.09
C VAL A 223 -29.37 17.83 29.24
N ASN A 224 -29.60 18.99 29.84
CA ASN A 224 -29.35 20.24 29.27
C ASN A 224 -27.96 20.67 29.72
N PHE A 225 -26.99 20.74 28.79
CA PHE A 225 -25.58 20.95 29.22
C PHE A 225 -25.31 22.42 29.56
N LEU A 226 -26.14 23.34 29.04
CA LEU A 226 -26.10 24.76 29.50
C LEU A 226 -26.41 24.89 30.99
N GLU A 227 -27.22 24.02 31.55
CA GLU A 227 -27.76 24.21 32.91
C GLU A 227 -27.29 23.14 33.90
N ALA A 228 -26.89 21.95 33.43
CA ALA A 228 -26.52 20.86 34.36
C ALA A 228 -25.19 21.14 35.09
N LYS A 229 -25.07 20.60 36.32
CA LYS A 229 -23.88 20.65 37.12
C LYS A 229 -23.29 19.24 37.14
N GLU A 230 -21.97 19.16 37.31
CA GLU A 230 -21.26 17.90 37.45
C GLU A 230 -22.00 16.90 38.35
N GLY A 231 -22.40 17.36 39.52
CA GLY A 231 -22.99 16.49 40.52
C GLY A 231 -24.29 15.86 40.08
N ASP A 232 -24.95 16.46 39.08
CA ASP A 232 -26.21 15.92 38.57
C ASP A 232 -25.99 14.57 37.90
N LEU A 233 -24.75 14.25 37.51
CA LEU A 233 -24.47 13.01 36.78
C LEU A 233 -23.96 11.91 37.72
N HIS A 234 -23.84 12.14 39.00
CA HIS A 234 -23.35 11.10 39.92
C HIS A 234 -24.44 10.05 40.15
N ARG A 235 -25.70 10.47 40.07
CA ARG A 235 -26.83 9.66 40.32
C ARG A 235 -27.91 10.05 39.31
N ILE A 236 -28.24 9.16 38.38
CA ILE A 236 -29.16 9.48 37.36
C ILE A 236 -30.34 8.53 37.46
N GLU A 237 -31.53 9.12 37.72
CA GLU A 237 -32.73 8.37 38.02
C GLU A 237 -33.68 8.55 36.85
N ILE A 238 -33.99 7.44 36.17
CA ILE A 238 -34.82 7.50 35.01
C ILE A 238 -36.06 6.68 35.25
N PRO A 239 -37.17 7.31 35.68
CA PRO A 239 -38.40 6.56 35.86
C PRO A 239 -38.92 6.26 34.45
N PHE A 240 -39.68 5.17 34.33
CA PHE A 240 -40.28 4.85 33.05
C PHE A 240 -41.63 4.19 33.23
N LYS A 241 -42.51 4.50 32.28
CA LYS A 241 -43.83 3.89 32.18
C LYS A 241 -44.07 3.63 30.69
N PHE A 242 -43.88 2.37 30.27
CA PHE A 242 -44.05 2.06 28.87
C PHE A 242 -45.46 1.52 28.61
N HIS A 243 -46.07 2.02 27.54
CA HIS A 243 -47.32 1.51 27.10
C HIS A 243 -47.05 0.50 26.00
N MET A 244 -47.20 -0.77 26.33
CA MET A 244 -46.79 -1.87 25.47
C MET A 244 -47.57 -1.84 24.16
N LEU A 245 -46.85 -1.86 23.02
CA LEU A 245 -47.47 -1.85 21.68
C LEU A 245 -47.58 -3.27 21.09
N HIS A 246 -46.84 -4.22 21.67
CA HIS A 246 -46.78 -5.62 21.18
C HIS A 246 -46.80 -6.53 22.40
N SER A 247 -47.38 -7.71 22.25
CA SER A 247 -47.39 -8.72 23.28
C SER A 247 -46.16 -9.60 23.16
N GLY A 248 -45.56 -10.02 24.25
CA GLY A 248 -44.44 -10.94 24.21
C GLY A 248 -43.69 -10.94 25.53
N LEU A 249 -42.54 -11.62 25.61
CA LEU A 249 -41.67 -11.51 26.72
C LEU A 249 -40.73 -10.32 26.52
N VAL A 250 -40.57 -9.51 27.56
CA VAL A 250 -39.61 -8.45 27.63
C VAL A 250 -38.32 -8.98 28.25
N HIS A 251 -37.25 -8.98 27.47
CA HIS A 251 -36.02 -9.54 27.91
C HIS A 251 -35.10 -8.48 28.49
N GLY A 252 -35.45 -7.21 28.30
CA GLY A 252 -34.68 -6.11 28.89
C GLY A 252 -34.97 -4.77 28.26
N LEU A 253 -34.07 -3.81 28.49
CA LEU A 253 -34.23 -2.46 27.91
C LEU A 253 -33.08 -2.16 26.97
N ALA A 254 -33.42 -1.44 25.89
CA ALA A 254 -32.48 -0.93 24.94
C ALA A 254 -32.29 0.58 25.14
N PHE A 255 -31.04 1.01 25.00
CA PHE A 255 -30.64 2.37 25.17
C PHE A 255 -29.94 2.86 23.91
N TRP A 256 -30.24 4.12 23.57
CA TRP A 256 -29.51 4.88 22.59
C TRP A 256 -29.57 6.36 22.96
N PHE A 257 -28.89 7.20 22.19
CA PHE A 257 -28.91 8.63 22.56
C PHE A 257 -28.77 9.52 21.33
N ASP A 258 -29.24 10.75 21.49
CA ASP A 258 -29.16 11.83 20.55
C ASP A 258 -28.47 13.00 21.25
N VAL A 259 -27.70 13.81 20.53
CA VAL A 259 -27.33 15.14 21.05
C VAL A 259 -27.77 16.20 20.02
N ALA A 260 -28.02 17.40 20.50
CA ALA A 260 -28.34 18.48 19.59
C ALA A 260 -27.33 19.60 19.77
N PHE A 261 -26.90 20.15 18.64
CA PHE A 261 -26.12 21.36 18.60
C PHE A 261 -27.06 22.51 18.26
N ILE A 262 -27.40 23.31 19.27
CA ILE A 262 -28.42 24.38 19.13
C ILE A 262 -27.67 25.68 18.85
N GLY A 263 -27.48 25.97 17.57
CA GLY A 263 -26.78 27.16 17.12
C GLY A 263 -27.74 28.32 16.86
N SER A 264 -27.17 29.49 16.61
CA SER A 264 -27.87 30.72 16.23
C SER A 264 -28.55 30.58 14.86
N ILE A 265 -27.96 29.82 13.91
CA ILE A 265 -28.57 29.66 12.59
C ILE A 265 -29.47 28.44 12.55
N MET A 266 -28.99 27.32 13.12
CA MET A 266 -29.81 26.09 13.07
C MET A 266 -29.38 25.09 14.17
N THR A 267 -30.28 24.15 14.39
CA THR A 267 -30.11 23.10 15.32
C THR A 267 -29.74 21.88 14.48
N VAL A 268 -28.63 21.22 14.82
CA VAL A 268 -28.24 19.99 14.14
C VAL A 268 -28.21 18.87 15.15
N TRP A 269 -28.78 17.74 14.74
CA TRP A 269 -28.92 16.57 15.58
C TRP A 269 -27.89 15.51 15.17
N LEU A 270 -27.27 14.88 16.15
CA LEU A 270 -26.50 13.65 15.93
C LEU A 270 -27.23 12.54 16.68
N SER A 271 -27.83 11.61 15.96
CA SER A 271 -28.59 10.53 16.56
C SER A 271 -27.86 9.17 16.49
N THR A 272 -27.94 8.37 17.55
CA THR A 272 -27.44 6.97 17.52
C THR A 272 -28.57 5.94 17.64
N ALA A 273 -29.79 6.40 17.34
CA ALA A 273 -31.00 5.58 17.32
C ALA A 273 -30.86 4.40 16.37
N PRO A 274 -31.54 3.26 16.63
CA PRO A 274 -31.52 2.14 15.69
C PRO A 274 -32.26 2.37 14.38
N THR A 275 -33.06 3.44 14.31
CA THR A 275 -33.69 3.89 13.07
C THR A 275 -32.72 4.67 12.16
N GLU A 276 -31.55 5.04 12.68
CA GLU A 276 -30.61 5.90 12.01
C GLU A 276 -29.38 5.12 11.58
N PRO A 277 -28.59 5.66 10.64
CA PRO A 277 -27.39 4.95 10.25
C PRO A 277 -26.50 4.66 11.46
N LEU A 278 -25.83 3.52 11.37
CA LEU A 278 -25.08 3.02 12.46
C LEU A 278 -23.84 3.89 12.71
N THR A 279 -23.51 4.11 13.98
CA THR A 279 -22.32 4.80 14.43
C THR A 279 -21.49 3.83 15.27
N HIS A 280 -20.29 4.24 15.69
N HIS A 280 -20.29 4.26 15.70
CA HIS A 280 -19.41 3.36 16.50
CA HIS A 280 -19.39 3.41 16.53
C HIS A 280 -19.91 3.31 17.97
C HIS A 280 -19.91 3.31 17.98
N TRP A 281 -20.99 4.03 18.28
CA TRP A 281 -21.67 3.88 19.61
C TRP A 281 -22.69 2.73 19.62
N TYR A 282 -23.06 2.23 18.45
CA TYR A 282 -24.06 1.22 18.30
C TYR A 282 -25.29 1.63 19.11
N GLN A 283 -25.86 0.63 19.79
CA GLN A 283 -26.84 0.77 20.83
C GLN A 283 -26.42 -0.19 21.94
N VAL A 284 -27.12 -0.12 23.06
CA VAL A 284 -26.82 -0.89 24.23
C VAL A 284 -28.08 -1.54 24.81
N ARG A 285 -27.92 -2.81 25.20
CA ARG A 285 -29.03 -3.54 25.75
C ARG A 285 -28.63 -4.14 27.08
N CYS A 286 -29.51 -3.93 28.06
CA CYS A 286 -29.39 -4.51 29.39
C CYS A 286 -30.47 -5.55 29.55
N LEU A 287 -30.04 -6.79 29.77
CA LEU A 287 -30.95 -7.90 29.96
C LEU A 287 -31.45 -7.95 31.38
N PHE A 288 -32.68 -8.44 31.50
CA PHE A 288 -33.26 -8.83 32.73
C PHE A 288 -32.98 -10.31 32.97
N GLN A 289 -32.71 -10.66 34.22
N GLN A 289 -32.71 -10.65 34.23
CA GLN A 289 -32.34 -12.05 34.56
CA GLN A 289 -32.35 -12.02 34.61
C GLN A 289 -33.57 -12.94 34.40
C GLN A 289 -33.56 -12.93 34.41
N SER A 290 -34.74 -12.36 34.67
CA SER A 290 -35.95 -13.00 34.43
C SER A 290 -36.77 -12.10 33.54
N PRO A 291 -37.17 -12.63 32.39
CA PRO A 291 -38.04 -11.87 31.51
C PRO A 291 -39.44 -11.68 32.07
N LEU A 292 -40.13 -10.66 31.59
CA LEU A 292 -41.46 -10.36 32.02
C LEU A 292 -42.41 -10.54 30.85
N PHE A 293 -43.52 -11.23 31.05
CA PHE A 293 -44.57 -11.33 30.05
C PHE A 293 -45.44 -10.07 30.13
N ALA A 294 -45.76 -9.49 28.98
CA ALA A 294 -46.62 -8.35 28.87
C ALA A 294 -47.48 -8.45 27.60
N LYS A 295 -48.73 -7.99 27.72
CA LYS A 295 -49.64 -7.93 26.61
C LYS A 295 -49.70 -6.49 26.08
N ALA A 296 -49.88 -6.34 24.75
CA ALA A 296 -50.20 -5.04 24.14
C ALA A 296 -51.24 -4.31 25.01
N GLY A 297 -51.00 -3.04 25.33
CA GLY A 297 -51.92 -2.23 26.18
C GLY A 297 -51.55 -2.24 27.67
N ASP A 298 -50.77 -3.25 28.13
CA ASP A 298 -50.22 -3.25 29.49
C ASP A 298 -49.17 -2.16 29.67
N THR A 299 -48.86 -1.87 30.93
CA THR A 299 -47.91 -0.85 31.30
C THR A 299 -46.76 -1.59 32.01
N LEU A 300 -45.55 -1.38 31.52
CA LEU A 300 -44.32 -1.86 32.17
C LEU A 300 -43.64 -0.62 32.80
N SER A 301 -43.54 -0.62 34.13
CA SER A 301 -43.11 0.55 34.85
C SER A 301 -41.93 0.20 35.75
N GLY A 302 -41.13 1.20 36.06
CA GLY A 302 -40.08 1.02 36.96
C GLY A 302 -39.07 2.13 36.87
N THR A 303 -37.79 1.80 37.11
CA THR A 303 -36.78 2.77 37.27
C THR A 303 -35.45 2.20 36.77
N CYS A 304 -34.72 3.05 36.02
CA CYS A 304 -33.37 2.83 35.66
C CYS A 304 -32.52 3.80 36.47
N LEU A 305 -31.65 3.28 37.34
CA LEU A 305 -30.84 4.13 38.22
C LEU A 305 -29.34 3.92 37.86
N LEU A 306 -28.66 4.99 37.47
CA LEU A 306 -27.29 4.95 37.16
C LEU A 306 -26.51 5.62 38.28
N ILE A 307 -25.57 4.85 38.87
CA ILE A 307 -24.77 5.32 39.95
C ILE A 307 -23.31 5.31 39.53
N ALA A 308 -22.72 6.51 39.53
CA ALA A 308 -21.34 6.70 39.04
C ALA A 308 -20.39 5.96 39.98
N ASN A 309 -19.42 5.26 39.42
CA ASN A 309 -18.33 4.58 40.18
C ASN A 309 -17.00 5.26 39.82
N LYS A 310 -15.96 4.85 40.52
CA LYS A 310 -14.64 5.47 40.35
C LYS A 310 -13.88 4.83 39.16
N ARG A 311 -14.44 3.84 38.45
CA ARG A 311 -13.86 3.33 37.22
C ARG A 311 -14.39 4.06 35.99
N GLN A 312 -14.78 5.32 36.14
CA GLN A 312 -15.20 6.15 35.02
C GLN A 312 -16.43 5.55 34.34
N SER A 313 -17.30 4.90 35.11
CA SER A 313 -18.48 4.28 34.54
C SER A 313 -19.65 4.36 35.53
N TYR A 314 -20.62 3.49 35.33
CA TYR A 314 -21.76 3.47 36.18
C TYR A 314 -22.14 2.04 36.55
N ASP A 315 -22.65 1.85 37.76
CA ASP A 315 -23.48 0.69 38.13
C ASP A 315 -24.94 1.01 37.74
N ILE A 316 -25.57 0.09 37.02
CA ILE A 316 -26.86 0.27 36.47
C ILE A 316 -27.80 -0.64 37.24
N SER A 317 -28.85 -0.06 37.79
CA SER A 317 -29.88 -0.82 38.43
C SER A 317 -31.20 -0.62 37.68
N ILE A 318 -31.81 -1.73 37.29
CA ILE A 318 -33.06 -1.65 36.60
C ILE A 318 -34.10 -2.52 37.31
N VAL A 319 -35.22 -1.91 37.69
CA VAL A 319 -36.30 -2.59 38.31
C VAL A 319 -37.54 -2.32 37.48
N ALA A 320 -38.31 -3.36 37.19
CA ALA A 320 -39.39 -3.23 36.29
C ALA A 320 -40.51 -4.16 36.72
N GLN A 321 -41.74 -3.73 36.44
CA GLN A 321 -42.86 -4.58 36.69
C GLN A 321 -43.90 -4.37 35.60
N VAL A 322 -44.65 -5.43 35.33
CA VAL A 322 -45.87 -5.32 34.57
C VAL A 322 -46.99 -4.98 35.54
N ASP A 323 -47.57 -3.79 35.39
CA ASP A 323 -48.53 -3.31 36.39
C ASP A 323 -49.74 -4.24 36.48
N GLN A 324 -50.23 -4.72 35.33
CA GLN A 324 -51.44 -5.53 35.30
C GLN A 324 -51.23 -6.88 36.02
N THR A 325 -50.03 -7.41 36.12
CA THR A 325 -49.86 -8.74 36.74
C THR A 325 -49.05 -8.71 38.04
N GLY A 326 -48.34 -7.63 38.33
CA GLY A 326 -47.37 -7.58 39.43
C GLY A 326 -46.09 -8.38 39.24
N SER A 327 -45.81 -8.90 38.03
CA SER A 327 -44.56 -9.64 37.82
C SER A 327 -43.43 -8.61 37.64
N LYS A 328 -42.36 -8.90 38.40
CA LYS A 328 -41.26 -7.99 38.74
C LYS A 328 -39.93 -8.58 38.25
N SER A 329 -39.00 -7.71 37.86
CA SER A 329 -37.65 -8.10 37.57
C SER A 329 -36.68 -6.97 37.92
N SER A 330 -35.52 -7.33 38.47
CA SER A 330 -34.54 -6.44 39.08
C SER A 330 -33.14 -6.88 38.67
N ASN A 331 -32.27 -5.95 38.24
CA ASN A 331 -31.08 -6.31 37.55
C ASN A 331 -30.00 -5.28 37.76
N LEU A 332 -28.75 -5.74 37.90
CA LEU A 332 -27.61 -4.91 38.20
C LEU A 332 -26.55 -5.13 37.14
N LEU A 333 -26.13 -4.06 36.47
CA LEU A 333 -25.19 -4.24 35.39
C LEU A 333 -23.99 -3.33 35.66
N ASP A 334 -22.83 -3.72 35.09
CA ASP A 334 -21.63 -3.01 35.22
C ASP A 334 -21.27 -2.46 33.84
N LEU A 335 -21.51 -1.17 33.62
CA LEU A 335 -21.33 -0.56 32.30
C LEU A 335 -19.86 -0.48 31.88
N LYS A 336 -18.93 -0.61 32.80
CA LYS A 336 -17.50 -0.67 32.53
C LYS A 336 -17.13 -1.88 31.69
N ASN A 337 -17.76 -3.04 31.89
CA ASN A 337 -17.43 -4.32 31.22
C ASN A 337 -18.53 -4.70 30.23
N PRO A 338 -18.70 -3.97 29.10
CA PRO A 338 -19.76 -4.33 28.18
C PRO A 338 -19.34 -5.58 27.40
N PHE A 339 -20.33 -6.31 26.88
CA PHE A 339 -20.07 -7.37 25.96
C PHE A 339 -20.24 -6.81 24.55
N PHE A 340 -19.14 -6.80 23.76
CA PHE A 340 -19.18 -6.34 22.37
CA PHE A 340 -19.15 -6.34 22.35
C PHE A 340 -19.62 -7.53 21.52
N ARG A 341 -20.88 -7.54 21.12
CA ARG A 341 -21.47 -8.67 20.42
C ARG A 341 -21.38 -8.57 18.89
N TYR A 342 -21.23 -7.37 18.33
CA TYR A 342 -20.91 -7.22 16.85
C TYR A 342 -19.50 -7.78 16.56
N SER B 1 32.02 19.61 -27.26
CA SER B 1 32.85 18.59 -26.57
C SER B 1 32.91 17.33 -27.43
N VAL B 2 33.67 16.33 -26.98
CA VAL B 2 33.71 15.02 -27.61
C VAL B 2 32.30 14.41 -27.65
N PHE B 3 31.52 14.57 -26.56
CA PHE B 3 30.11 14.08 -26.49
C PHE B 3 29.21 14.75 -27.54
N SER B 4 29.12 16.08 -27.54
CA SER B 4 28.21 16.77 -28.51
C SER B 4 28.63 16.54 -29.98
N GLU B 5 29.93 16.31 -30.26
CA GLU B 5 30.39 16.14 -31.68
C GLU B 5 29.93 14.78 -32.24
N ARG B 6 29.88 13.72 -31.39
CA ARG B 6 29.48 12.35 -31.81
C ARG B 6 27.97 12.08 -31.61
N THR B 7 27.18 13.10 -31.19
CA THR B 7 25.76 12.90 -30.76
C THR B 7 24.80 14.02 -31.29
N GLU B 8 23.76 13.65 -32.07
CA GLU B 8 22.63 14.58 -32.40
C GLU B 8 21.97 15.03 -31.07
N GLU B 9 21.69 16.34 -30.94
CA GLU B 9 21.04 16.87 -29.71
C GLU B 9 19.66 16.20 -29.54
N SER B 10 18.94 15.90 -30.61
CA SER B 10 17.67 15.15 -30.53
C SER B 10 17.80 13.78 -29.82
N SER B 11 18.88 13.04 -30.11
CA SER B 11 19.15 11.76 -29.45
C SER B 11 19.49 11.99 -27.96
N ALA B 12 20.33 13.01 -27.66
CA ALA B 12 20.77 13.36 -26.27
C ALA B 12 19.58 13.78 -25.38
N VAL B 13 18.68 14.64 -25.89
CA VAL B 13 17.47 15.09 -25.16
C VAL B 13 16.66 13.84 -24.78
N GLN B 14 16.23 13.01 -25.76
CA GLN B 14 15.46 11.75 -25.47
C GLN B 14 16.23 10.91 -24.41
N TYR B 15 17.56 10.76 -24.59
CA TYR B 15 18.38 9.85 -23.77
C TYR B 15 18.41 10.28 -22.30
N PHE B 16 18.72 11.56 -22.05
CA PHE B 16 18.76 12.10 -20.68
C PHE B 16 17.32 12.29 -20.09
N GLN B 17 16.27 12.56 -20.91
CA GLN B 17 14.88 12.54 -20.36
C GLN B 17 14.60 11.13 -19.78
N PHE B 18 14.95 10.08 -20.54
CA PHE B 18 14.67 8.69 -20.16
C PHE B 18 15.37 8.32 -18.83
N TYR B 19 16.64 8.69 -18.67
CA TYR B 19 17.37 8.37 -17.42
C TYR B 19 17.03 9.32 -16.25
N GLY B 20 16.26 10.39 -16.52
CA GLY B 20 15.69 11.29 -15.51
C GLY B 20 14.59 10.71 -14.63
N TYR B 21 13.95 9.60 -15.04
CA TYR B 21 12.86 9.04 -14.31
C TYR B 21 13.35 8.11 -13.22
N LEU B 22 12.80 8.31 -12.01
CA LEU B 22 13.08 7.43 -10.91
C LEU B 22 12.60 6.02 -11.23
N SER B 23 11.50 5.87 -11.95
CA SER B 23 11.03 4.52 -12.26
C SER B 23 12.09 3.71 -13.03
N GLN B 24 12.83 4.37 -13.93
CA GLN B 24 13.85 3.73 -14.69
C GLN B 24 15.03 3.36 -13.79
N GLN B 25 15.43 4.27 -12.92
CA GLN B 25 16.46 3.95 -11.92
C GLN B 25 16.06 2.71 -11.09
N GLN B 26 14.79 2.68 -10.67
CA GLN B 26 14.28 1.60 -9.88
C GLN B 26 14.34 0.30 -10.65
N ASN B 27 13.98 0.33 -11.92
CA ASN B 27 13.97 -0.86 -12.72
CA ASN B 27 13.98 -0.85 -12.76
C ASN B 27 15.39 -1.44 -12.72
N MET B 28 16.39 -0.58 -12.80
CA MET B 28 17.76 -1.09 -12.88
C MET B 28 18.23 -1.53 -11.51
N MET B 29 17.90 -0.78 -10.46
CA MET B 29 18.29 -1.17 -9.14
C MET B 29 17.68 -2.53 -8.75
N GLN B 30 16.45 -2.83 -9.19
CA GLN B 30 15.73 -4.10 -8.79
C GLN B 30 16.29 -5.33 -9.51
N ASP B 31 17.11 -5.13 -10.54
CA ASP B 31 17.81 -6.24 -11.19
C ASP B 31 18.89 -6.69 -10.23
N TYR B 32 18.57 -7.77 -9.52
CA TYR B 32 19.39 -8.23 -8.43
C TYR B 32 20.76 -8.64 -8.97
N VAL B 33 20.82 -9.22 -10.18
CA VAL B 33 22.11 -9.68 -10.68
C VAL B 33 23.03 -8.46 -10.84
N ARG B 34 22.49 -7.41 -11.48
CA ARG B 34 23.22 -6.17 -11.74
C ARG B 34 23.72 -5.60 -10.40
N THR B 35 22.77 -5.33 -9.51
CA THR B 35 23.09 -4.52 -8.36
C THR B 35 23.93 -5.29 -7.34
N GLY B 36 23.56 -6.56 -7.13
CA GLY B 36 24.24 -7.42 -6.21
C GLY B 36 25.66 -7.71 -6.65
N THR B 37 25.86 -7.87 -7.95
CA THR B 37 27.20 -8.17 -8.45
C THR B 37 28.10 -6.92 -8.37
N TYR B 38 27.59 -5.74 -8.69
CA TYR B 38 28.38 -4.54 -8.48
C TYR B 38 28.79 -4.38 -7.00
N GLN B 39 27.83 -4.62 -6.08
CA GLN B 39 28.14 -4.48 -4.68
C GLN B 39 29.21 -5.49 -4.24
N ARG B 40 29.06 -6.75 -4.64
N ARG B 40 29.06 -6.76 -4.65
CA ARG B 40 30.04 -7.82 -4.31
CA ARG B 40 30.03 -7.82 -4.31
C ARG B 40 31.42 -7.41 -4.86
C ARG B 40 31.41 -7.41 -4.85
N ALA B 41 31.48 -6.96 -6.12
CA ALA B 41 32.74 -6.60 -6.77
C ALA B 41 33.46 -5.51 -5.99
N ILE B 42 32.73 -4.49 -5.59
CA ILE B 42 33.32 -3.38 -4.87
C ILE B 42 33.68 -3.78 -3.42
N LEU B 43 32.74 -4.37 -2.67
CA LEU B 43 33.01 -4.73 -1.22
C LEU B 43 34.10 -5.83 -1.09
N GLN B 44 34.11 -6.88 -1.94
CA GLN B 44 35.11 -7.94 -1.83
C GLN B 44 36.49 -7.44 -2.28
N ASN B 45 36.58 -6.30 -2.98
CA ASN B 45 37.84 -5.64 -3.35
C ASN B 45 38.01 -4.31 -2.56
N HIS B 46 37.79 -4.38 -1.25
CA HIS B 46 37.83 -3.19 -0.35
C HIS B 46 39.17 -2.45 -0.42
N THR B 47 40.29 -3.17 -0.63
CA THR B 47 41.60 -2.55 -0.73
C THR B 47 41.71 -1.65 -1.97
N ASP B 48 40.91 -1.94 -3.02
CA ASP B 48 40.90 -1.05 -4.20
C ASP B 48 40.11 0.24 -3.94
N PHE B 49 39.41 0.33 -2.78
CA PHE B 49 38.63 1.49 -2.44
C PHE B 49 39.08 2.19 -1.15
N LYS B 50 39.58 1.45 -0.14
CA LYS B 50 39.82 2.04 1.20
C LYS B 50 40.75 3.25 1.04
N ASP B 51 40.26 4.44 1.44
CA ASP B 51 41.05 5.68 1.48
C ASP B 51 41.42 6.16 0.06
N LYS B 52 40.71 5.67 -0.97
CA LYS B 52 41.02 6.06 -2.35
C LYS B 52 40.06 7.14 -2.85
N ILE B 53 40.48 7.76 -3.96
CA ILE B 53 39.68 8.73 -4.69
C ILE B 53 39.03 7.98 -5.87
N VAL B 54 37.74 8.24 -6.09
CA VAL B 54 36.93 7.43 -6.97
C VAL B 54 36.12 8.35 -7.88
N LEU B 55 35.99 7.96 -9.14
CA LEU B 55 35.06 8.65 -10.06
C LEU B 55 33.95 7.68 -10.44
N ASP B 56 32.69 8.15 -10.36
CA ASP B 56 31.52 7.39 -10.83
C ASP B 56 30.93 8.06 -12.07
N VAL B 57 31.04 7.35 -13.19
CA VAL B 57 30.65 7.96 -14.43
C VAL B 57 29.20 7.61 -14.67
N GLY B 58 28.34 8.62 -14.64
CA GLY B 58 26.93 8.41 -14.90
C GLY B 58 26.28 7.72 -13.73
N CYS B 59 26.32 8.38 -12.56
CA CYS B 59 25.99 7.76 -11.28
C CYS B 59 24.50 7.47 -11.09
N GLY B 60 23.65 8.12 -11.88
CA GLY B 60 22.22 7.98 -11.74
C GLY B 60 21.83 8.35 -10.34
N SER B 61 21.13 7.42 -9.68
CA SER B 61 20.67 7.57 -8.25
C SER B 61 21.86 7.72 -7.30
N GLY B 62 23.02 7.21 -7.70
CA GLY B 62 24.21 7.34 -6.87
C GLY B 62 24.64 6.02 -6.26
N ILE B 63 23.90 4.96 -6.54
CA ILE B 63 24.05 3.68 -5.85
C ILE B 63 25.52 3.16 -5.80
N LEU B 64 26.27 3.29 -6.89
CA LEU B 64 27.62 2.69 -6.94
C LEU B 64 28.55 3.53 -6.08
N SER B 65 28.31 4.85 -6.03
CA SER B 65 29.06 5.71 -5.15
C SER B 65 28.83 5.33 -3.69
N PHE B 66 27.58 4.98 -3.35
CA PHE B 66 27.32 4.50 -1.99
C PHE B 66 28.07 3.19 -1.73
N PHE B 67 28.19 2.32 -2.73
CA PHE B 67 28.96 1.13 -2.52
C PHE B 67 30.45 1.44 -2.35
N ALA B 68 30.98 2.35 -3.14
CA ALA B 68 32.37 2.78 -2.96
C ALA B 68 32.58 3.30 -1.53
N ALA B 69 31.60 4.06 -1.02
CA ALA B 69 31.63 4.62 0.31
C ALA B 69 31.61 3.51 1.37
N GLN B 70 30.72 2.51 1.22
CA GLN B 70 30.67 1.39 2.16
C GLN B 70 32.04 0.65 2.23
N ALA B 71 32.79 0.64 1.12
CA ALA B 71 34.12 0.01 1.02
C ALA B 71 35.27 0.88 1.52
N GLY B 72 35.00 2.14 1.89
CA GLY B 72 35.99 3.01 2.59
C GLY B 72 36.63 4.12 1.75
N ALA B 73 36.12 4.40 0.56
CA ALA B 73 36.66 5.47 -0.27
C ALA B 73 36.72 6.78 0.52
N ARG B 74 37.79 7.55 0.34
CA ARG B 74 37.94 8.83 0.99
C ARG B 74 37.08 9.85 0.25
N LYS B 75 37.14 9.86 -1.08
CA LYS B 75 36.39 10.84 -1.84
C LYS B 75 35.89 10.22 -3.16
N ILE B 76 34.63 10.52 -3.49
CA ILE B 76 33.95 9.97 -4.64
C ILE B 76 33.28 11.11 -5.42
N TYR B 77 33.65 11.27 -6.69
CA TYR B 77 33.06 12.28 -7.53
C TYR B 77 32.05 11.57 -8.40
N ALA B 78 30.81 11.98 -8.31
CA ALA B 78 29.76 11.31 -8.96
C ALA B 78 29.20 12.23 -10.04
N VAL B 79 29.46 11.87 -11.30
CA VAL B 79 29.07 12.70 -12.44
C VAL B 79 27.81 12.11 -13.07
N GLU B 80 26.84 12.99 -13.34
CA GLU B 80 25.58 12.58 -13.95
C GLU B 80 24.97 13.76 -14.71
N ALA B 81 24.50 13.49 -15.93
CA ALA B 81 24.14 14.51 -16.89
C ALA B 81 22.63 14.72 -16.95
N SER B 82 21.86 13.73 -16.48
CA SER B 82 20.40 13.87 -16.40
C SER B 82 20.02 14.62 -15.10
N THR B 83 18.75 14.99 -15.03
CA THR B 83 18.12 15.60 -13.87
C THR B 83 18.15 14.65 -12.66
N MET B 84 18.46 13.37 -12.85
CA MET B 84 18.77 12.41 -11.76
C MET B 84 19.88 12.91 -10.82
N ALA B 85 20.73 13.82 -11.28
CA ALA B 85 21.81 14.37 -10.40
C ALA B 85 21.26 15.00 -9.13
N GLN B 86 20.12 15.69 -9.26
CA GLN B 86 19.50 16.42 -8.15
C GLN B 86 18.97 15.40 -7.13
N HIS B 87 18.37 14.29 -7.59
CA HIS B 87 17.93 13.24 -6.70
C HIS B 87 19.13 12.57 -6.02
N ALA B 88 20.23 12.36 -6.76
CA ALA B 88 21.44 11.80 -6.16
C ALA B 88 21.95 12.72 -5.05
N GLU B 89 21.88 14.02 -5.27
CA GLU B 89 22.32 15.01 -4.26
C GLU B 89 21.47 14.84 -2.97
N VAL B 90 20.14 14.77 -3.11
CA VAL B 90 19.28 14.55 -1.97
C VAL B 90 19.73 13.29 -1.21
N LEU B 91 20.01 12.18 -1.89
CA LEU B 91 20.41 10.95 -1.20
C LEU B 91 21.75 11.08 -0.51
N VAL B 92 22.67 11.84 -1.10
CA VAL B 92 23.95 12.01 -0.43
C VAL B 92 23.76 12.72 0.91
N LYS B 93 22.90 13.74 0.97
CA LYS B 93 22.63 14.47 2.20
C LYS B 93 21.87 13.55 3.18
N SER B 94 20.85 12.81 2.72
CA SER B 94 20.06 12.05 3.64
C SER B 94 20.86 10.84 4.15
N ASN B 95 21.90 10.39 3.45
CA ASN B 95 22.75 9.31 3.99
C ASN B 95 24.03 9.84 4.63
N ASN B 96 24.12 11.17 4.85
CA ASN B 96 25.15 11.80 5.69
C ASN B 96 26.55 11.56 5.11
N LEU B 97 26.68 11.84 3.81
CA LEU B 97 27.91 11.56 3.09
C LEU B 97 28.35 12.78 2.27
N THR B 98 27.94 14.00 2.64
CA THR B 98 28.35 15.20 1.87
C THR B 98 29.86 15.46 1.97
N ASP B 99 30.49 14.95 3.03
CA ASP B 99 31.97 15.06 3.19
C ASP B 99 32.71 14.13 2.22
N ARG B 100 32.02 13.12 1.68
CA ARG B 100 32.70 12.06 0.94
C ARG B 100 32.21 11.88 -0.51
N ILE B 101 30.97 12.24 -0.84
CA ILE B 101 30.47 12.08 -2.17
C ILE B 101 30.12 13.48 -2.65
N VAL B 102 30.68 13.85 -3.80
CA VAL B 102 30.38 15.09 -4.44
C VAL B 102 29.74 14.80 -5.79
N VAL B 103 28.48 15.18 -5.91
CA VAL B 103 27.76 15.07 -7.11
C VAL B 103 28.10 16.26 -8.00
N ILE B 104 28.41 15.98 -9.27
CA ILE B 104 28.76 17.00 -10.25
C ILE B 104 27.83 16.85 -11.43
N PRO B 105 26.84 17.75 -11.60
CA PRO B 105 25.93 17.66 -12.75
C PRO B 105 26.61 18.00 -14.08
N GLY B 106 26.31 17.23 -15.12
CA GLY B 106 26.81 17.48 -16.47
C GLY B 106 27.46 16.25 -17.08
N LYS B 107 27.93 16.39 -18.32
CA LYS B 107 28.54 15.27 -19.06
C LYS B 107 30.00 15.13 -18.59
N VAL B 108 30.51 13.90 -18.50
CA VAL B 108 31.89 13.67 -18.02
C VAL B 108 32.94 14.26 -18.99
N GLU B 109 32.51 14.45 -20.23
CA GLU B 109 33.31 15.09 -21.27
C GLU B 109 33.36 16.61 -21.10
N GLU B 110 32.51 17.22 -20.25
CA GLU B 110 32.36 18.71 -20.20
C GLU B 110 32.69 19.29 -18.82
N VAL B 111 32.52 18.51 -17.78
CA VAL B 111 32.81 18.95 -16.42
C VAL B 111 34.32 18.88 -16.18
N SER B 112 34.75 19.58 -15.12
CA SER B 112 36.11 19.56 -14.63
C SER B 112 36.09 18.97 -13.22
N LEU B 113 37.04 18.07 -12.93
CA LEU B 113 37.19 17.52 -11.61
C LEU B 113 38.35 18.21 -10.95
N PRO B 114 38.34 18.29 -9.62
CA PRO B 114 39.45 18.95 -8.95
C PRO B 114 40.73 18.10 -8.88
N GLU B 115 40.63 16.79 -9.05
CA GLU B 115 41.83 15.95 -8.88
C GLU B 115 41.73 14.68 -9.73
N GLN B 116 42.87 14.01 -9.91
CA GLN B 116 42.95 12.73 -10.56
C GLN B 116 42.50 11.68 -9.56
N VAL B 117 42.03 10.53 -10.07
CA VAL B 117 41.37 9.52 -9.27
C VAL B 117 42.14 8.19 -9.37
N ASP B 118 41.96 7.36 -8.35
CA ASP B 118 42.64 6.05 -8.23
C ASP B 118 41.88 4.98 -9.02
N ILE B 119 40.57 5.17 -9.18
CA ILE B 119 39.72 4.15 -9.72
C ILE B 119 38.41 4.77 -10.25
N ILE B 120 37.96 4.25 -11.39
CA ILE B 120 36.74 4.69 -12.01
C ILE B 120 35.76 3.52 -11.91
N ILE B 121 34.50 3.85 -11.62
CA ILE B 121 33.42 2.89 -11.63
C ILE B 121 32.28 3.43 -12.50
N SER B 122 31.53 2.52 -13.14
CA SER B 122 30.46 2.91 -13.99
C SER B 122 29.67 1.68 -14.41
N GLU B 123 28.46 1.95 -14.92
CA GLU B 123 27.66 0.96 -15.60
C GLU B 123 27.38 1.43 -17.02
N PRO B 124 28.38 1.38 -17.93
CA PRO B 124 28.22 1.90 -19.29
C PRO B 124 27.60 0.93 -20.31
N MET B 125 27.27 -0.27 -19.91
CA MET B 125 26.82 -1.30 -20.82
C MET B 125 25.37 -1.05 -21.22
N GLY B 126 25.12 -1.03 -22.53
CA GLY B 126 23.78 -1.17 -23.11
C GLY B 126 23.53 -2.54 -23.70
N TYR B 127 22.39 -2.69 -24.40
CA TYR B 127 22.07 -3.93 -25.10
C TYR B 127 23.27 -4.26 -26.00
N MET B 128 23.63 -5.55 -26.04
CA MET B 128 24.72 -6.01 -26.89
C MET B 128 26.01 -5.34 -26.45
N LEU B 129 26.04 -4.84 -25.23
CA LEU B 129 27.18 -4.14 -24.61
C LEU B 129 27.28 -2.71 -25.08
N PHE B 130 27.33 -2.48 -26.41
CA PHE B 130 27.80 -1.24 -26.95
C PHE B 130 26.67 -0.21 -27.15
N ASN B 131 25.40 -0.65 -27.19
CA ASN B 131 24.33 0.27 -27.44
C ASN B 131 24.40 1.39 -26.39
N GLU B 132 24.03 2.60 -26.84
CA GLU B 132 24.04 3.87 -26.04
C GLU B 132 25.39 4.61 -26.12
N ARG B 133 26.44 3.90 -26.55
CA ARG B 133 27.78 4.46 -26.76
C ARG B 133 28.24 5.16 -25.47
N MET B 134 27.89 4.60 -24.34
CA MET B 134 28.32 5.14 -23.11
C MET B 134 29.71 4.58 -22.77
N LEU B 135 30.09 3.47 -23.37
CA LEU B 135 31.48 3.03 -23.16
C LEU B 135 32.51 4.09 -23.56
N GLU B 136 32.17 4.93 -24.53
CA GLU B 136 33.08 5.96 -24.95
C GLU B 136 33.26 7.00 -23.83
N SER B 137 32.17 7.37 -23.14
CA SER B 137 32.24 8.29 -22.02
C SER B 137 33.09 7.66 -20.92
N TYR B 138 32.95 6.38 -20.72
CA TYR B 138 33.72 5.67 -19.71
C TYR B 138 35.19 5.72 -20.04
N LEU B 139 35.53 5.54 -21.30
CA LEU B 139 36.96 5.52 -21.70
C LEU B 139 37.54 6.95 -21.70
N HIS B 140 36.75 7.91 -22.19
CA HIS B 140 37.09 9.31 -22.14
C HIS B 140 37.50 9.73 -20.73
N ALA B 141 36.80 9.15 -19.73
CA ALA B 141 37.05 9.48 -18.33
C ALA B 141 38.44 9.03 -17.89
N LYS B 142 39.16 8.20 -18.67
CA LYS B 142 40.53 7.82 -18.30
C LYS B 142 41.50 9.00 -18.29
N LYS B 143 41.11 10.11 -18.91
CA LYS B 143 41.90 11.32 -18.75
C LYS B 143 42.04 11.77 -17.28
N TYR B 144 41.13 11.34 -16.40
CA TYR B 144 41.19 11.68 -14.97
C TYR B 144 41.81 10.56 -14.13
N LEU B 145 42.27 9.50 -14.79
CA LEU B 145 42.77 8.34 -14.07
C LEU B 145 44.27 8.48 -13.78
N LYS B 146 44.67 8.27 -12.53
CA LYS B 146 46.10 8.21 -12.20
C LYS B 146 46.75 7.08 -12.99
N PRO B 147 48.05 7.23 -13.35
CA PRO B 147 48.80 6.11 -13.93
C PRO B 147 48.60 4.88 -13.03
N SER B 148 48.28 3.76 -13.68
CA SER B 148 48.09 2.47 -12.99
C SER B 148 46.81 2.47 -12.13
N GLY B 149 45.90 3.42 -12.38
CA GLY B 149 44.56 3.36 -11.80
C GLY B 149 43.74 2.24 -12.41
N ASN B 150 42.66 1.87 -11.70
CA ASN B 150 41.85 0.75 -12.07
C ASN B 150 40.50 1.24 -12.63
N MET B 151 39.78 0.31 -13.24
CA MET B 151 38.47 0.54 -13.74
C MET B 151 37.59 -0.64 -13.39
N PHE B 152 36.36 -0.29 -12.99
CA PHE B 152 35.32 -1.21 -12.56
C PHE B 152 34.04 -0.87 -13.32
N PRO B 153 33.74 -1.62 -14.38
CA PRO B 153 34.39 -2.85 -14.80
C PRO B 153 35.69 -2.65 -15.59
N THR B 154 36.51 -3.69 -15.59
CA THR B 154 37.84 -3.64 -16.13
C THR B 154 37.84 -4.11 -17.58
N ILE B 155 37.12 -5.17 -17.89
CA ILE B 155 37.06 -5.66 -19.26
C ILE B 155 35.61 -6.02 -19.59
N GLY B 156 35.27 -5.99 -20.90
CA GLY B 156 33.96 -6.44 -21.41
C GLY B 156 34.11 -7.39 -22.59
N ASP B 157 33.37 -8.50 -22.57
CA ASP B 157 33.37 -9.51 -23.60
C ASP B 157 32.00 -9.51 -24.25
N VAL B 158 31.94 -9.21 -25.54
CA VAL B 158 30.78 -9.58 -26.33
C VAL B 158 30.88 -11.01 -26.87
N HIS B 159 29.80 -11.75 -26.74
CA HIS B 159 29.65 -13.10 -27.25
C HIS B 159 28.62 -13.09 -28.39
N LEU B 160 28.94 -13.80 -29.47
CA LEU B 160 28.07 -14.05 -30.60
C LEU B 160 27.97 -15.53 -30.84
N ALA B 161 26.80 -16.00 -31.27
CA ALA B 161 26.67 -17.40 -31.61
C ALA B 161 25.52 -17.54 -32.61
N PRO B 162 25.63 -18.47 -33.55
CA PRO B 162 24.56 -18.69 -34.51
C PRO B 162 23.38 -19.38 -33.81
N PHE B 163 22.15 -19.03 -34.23
CA PHE B 163 20.98 -19.68 -33.67
C PHE B 163 20.02 -20.17 -34.76
N THR B 164 19.14 -21.10 -34.36
CA THR B 164 18.03 -21.56 -35.18
C THR B 164 16.72 -21.24 -34.42
N ASP B 165 15.77 -20.60 -35.09
CA ASP B 165 14.53 -20.28 -34.48
C ASP B 165 13.55 -20.00 -35.60
N GLU B 166 12.96 -21.09 -36.05
CA GLU B 166 12.12 -21.11 -37.19
C GLU B 166 10.90 -20.22 -36.95
N GLN B 167 10.33 -20.28 -35.75
CA GLN B 167 9.11 -19.53 -35.42
C GLN B 167 9.41 -18.02 -35.47
N LEU B 168 10.61 -17.60 -35.00
CA LEU B 168 10.97 -16.17 -35.00
C LEU B 168 11.12 -15.68 -36.44
N TYR B 169 11.80 -16.50 -37.25
CA TYR B 169 12.02 -16.14 -38.64
C TYR B 169 10.69 -15.95 -39.35
N MET B 170 9.75 -16.86 -39.12
CA MET B 170 8.51 -16.88 -39.88
C MET B 170 7.58 -15.76 -39.42
N GLU B 171 7.62 -15.44 -38.13
CA GLU B 171 6.86 -14.35 -37.56
C GLU B 171 7.11 -13.07 -38.35
N GLN B 172 8.26 -12.84 -38.97
CA GLN B 172 8.49 -11.62 -39.71
C GLN B 172 7.63 -11.55 -41.00
N PHE B 173 7.52 -12.69 -41.67
CA PHE B 173 6.73 -12.72 -42.88
C PHE B 173 5.25 -12.70 -42.53
N THR B 174 4.89 -13.35 -41.47
CA THR B 174 3.53 -13.36 -41.01
C THR B 174 3.05 -11.91 -40.71
N LYS B 175 3.88 -11.13 -40.04
CA LYS B 175 3.56 -9.75 -39.74
C LYS B 175 3.50 -8.93 -41.03
N ALA B 176 4.45 -9.10 -41.91
CA ALA B 176 4.49 -8.33 -43.13
C ALA B 176 3.36 -8.73 -44.09
N ASN B 177 2.83 -9.97 -43.99
CA ASN B 177 1.81 -10.44 -44.90
C ASN B 177 0.48 -9.73 -44.63
N PHE B 178 0.40 -8.94 -43.59
CA PHE B 178 -0.70 -8.05 -43.42
C PHE B 178 -0.88 -7.17 -44.67
N TRP B 179 0.25 -6.77 -45.27
CA TRP B 179 0.21 -5.90 -46.45
C TRP B 179 -0.16 -6.65 -47.73
N TYR B 180 -0.17 -8.00 -47.73
CA TYR B 180 -0.31 -8.81 -48.97
C TYR B 180 -1.79 -9.17 -49.05
N GLN B 181 -2.59 -8.12 -49.27
CA GLN B 181 -4.00 -8.16 -49.30
C GLN B 181 -4.48 -7.30 -50.45
N PRO B 182 -5.20 -7.84 -51.45
CA PRO B 182 -5.58 -7.02 -52.60
C PRO B 182 -6.77 -6.11 -52.27
N SER B 183 -7.44 -6.33 -51.13
CA SER B 183 -8.58 -5.47 -50.85
C SER B 183 -8.80 -5.35 -49.34
N PHE B 184 -7.92 -4.57 -48.73
CA PHE B 184 -8.07 -4.17 -47.34
C PHE B 184 -9.04 -2.99 -47.30
N HIS B 185 -10.27 -3.22 -46.87
CA HIS B 185 -11.33 -2.17 -46.98
C HIS B 185 -11.28 -1.52 -48.38
N GLY B 186 -11.07 -2.33 -49.40
CA GLY B 186 -11.10 -1.88 -50.77
C GLY B 186 -9.80 -1.33 -51.32
N VAL B 187 -8.68 -1.49 -50.62
CA VAL B 187 -7.43 -0.97 -51.04
C VAL B 187 -6.43 -2.11 -51.19
N ASP B 188 -5.67 -2.08 -52.28
CA ASP B 188 -4.72 -3.08 -52.53
C ASP B 188 -3.41 -2.62 -51.86
N LEU B 189 -3.00 -3.34 -50.82
CA LEU B 189 -1.86 -2.93 -50.04
C LEU B 189 -0.58 -3.64 -50.44
N SER B 190 -0.68 -4.61 -51.37
CA SER B 190 0.38 -5.60 -51.61
C SER B 190 1.72 -4.97 -52.00
N ALA B 191 1.70 -3.79 -52.64
CA ALA B 191 2.94 -3.14 -53.09
C ALA B 191 3.82 -2.73 -51.91
N LEU B 192 3.32 -2.69 -50.67
CA LEU B 192 4.15 -2.32 -49.52
C LEU B 192 4.72 -3.53 -48.77
N ARG B 193 4.40 -4.73 -49.21
CA ARG B 193 4.77 -5.89 -48.44
C ARG B 193 6.30 -6.02 -48.35
N GLY B 194 6.98 -5.84 -49.47
CA GLY B 194 8.43 -5.96 -49.48
C GLY B 194 9.06 -4.96 -48.53
N ALA B 195 8.51 -3.72 -48.48
CA ALA B 195 9.09 -2.70 -47.62
C ALA B 195 8.88 -3.08 -46.15
N ALA B 196 7.73 -3.69 -45.86
CA ALA B 196 7.41 -4.09 -44.50
C ALA B 196 8.38 -5.21 -44.03
N VAL B 197 8.65 -6.18 -44.89
CA VAL B 197 9.64 -7.21 -44.58
C VAL B 197 11.00 -6.57 -44.28
N ASP B 198 11.48 -5.69 -45.15
CA ASP B 198 12.74 -4.99 -44.95
C ASP B 198 12.75 -4.35 -43.57
N GLU B 199 11.67 -3.63 -43.23
CA GLU B 199 11.63 -2.92 -41.98
C GLU B 199 11.76 -3.88 -40.78
N TYR B 200 11.06 -5.02 -40.78
CA TYR B 200 11.10 -5.85 -39.60
C TYR B 200 12.46 -6.53 -39.45
N PHE B 201 13.12 -6.88 -40.55
CA PHE B 201 14.41 -7.55 -40.54
C PHE B 201 15.51 -6.56 -40.12
N ARG B 202 15.27 -5.26 -40.22
CA ARG B 202 16.27 -4.27 -39.74
C ARG B 202 16.25 -4.14 -38.20
N GLN B 203 15.24 -4.73 -37.53
CA GLN B 203 15.14 -4.57 -36.09
C GLN B 203 15.84 -5.73 -35.37
N PRO B 204 16.85 -5.47 -34.52
CA PRO B 204 17.29 -6.53 -33.64
C PRO B 204 16.20 -6.88 -32.61
N VAL B 205 16.18 -8.14 -32.20
CA VAL B 205 15.17 -8.69 -31.34
C VAL B 205 15.76 -8.86 -29.94
N VAL B 206 15.19 -8.13 -28.99
CA VAL B 206 15.62 -8.13 -27.61
C VAL B 206 14.62 -8.97 -26.86
N ASP B 207 15.08 -10.15 -26.42
CA ASP B 207 14.34 -11.03 -25.58
C ASP B 207 15.31 -12.13 -25.18
N THR B 208 14.81 -13.11 -24.46
CA THR B 208 15.61 -14.22 -24.02
C THR B 208 15.13 -15.43 -24.82
N PHE B 209 15.82 -16.55 -24.63
CA PHE B 209 15.58 -17.74 -25.38
C PHE B 209 16.25 -18.89 -24.65
N ASP B 210 15.76 -20.08 -24.97
CA ASP B 210 16.29 -21.31 -24.53
C ASP B 210 17.65 -21.55 -25.21
N ILE B 211 18.63 -22.00 -24.44
CA ILE B 211 20.00 -22.20 -24.97
C ILE B 211 20.08 -23.29 -26.04
N ARG B 212 19.05 -24.11 -26.15
CA ARG B 212 19.06 -25.20 -27.14
C ARG B 212 19.05 -24.65 -28.58
N ILE B 213 18.56 -23.44 -28.80
CA ILE B 213 18.56 -22.87 -30.16
C ILE B 213 19.99 -22.51 -30.64
N LEU B 214 20.98 -22.50 -29.75
CA LEU B 214 22.34 -22.10 -30.13
C LEU B 214 23.04 -23.27 -30.76
N MET B 215 23.67 -23.01 -31.91
CA MET B 215 24.18 -24.07 -32.74
C MET B 215 25.71 -24.15 -32.79
N ALA B 216 26.41 -23.33 -32.01
CA ALA B 216 27.84 -23.37 -31.92
C ALA B 216 28.25 -22.61 -30.67
N LYS B 217 29.43 -22.95 -30.17
CA LYS B 217 30.10 -22.26 -29.10
C LYS B 217 30.21 -20.80 -29.55
N SER B 218 30.00 -19.88 -28.62
CA SER B 218 30.11 -18.47 -28.90
C SER B 218 31.56 -18.11 -29.26
N VAL B 219 31.70 -17.07 -30.08
CA VAL B 219 32.95 -16.39 -30.27
C VAL B 219 32.89 -15.09 -29.45
N LYS B 220 34.04 -14.76 -28.86
CA LYS B 220 34.21 -13.73 -27.87
C LYS B 220 35.02 -12.60 -28.50
N TYR B 221 34.55 -11.37 -28.37
CA TYR B 221 35.33 -10.16 -28.73
C TYR B 221 35.47 -9.30 -27.46
N THR B 222 36.70 -8.96 -27.11
CA THR B 222 37.05 -8.46 -25.81
C THR B 222 37.56 -7.03 -25.94
N VAL B 223 37.03 -6.14 -25.10
CA VAL B 223 37.51 -4.80 -24.95
C VAL B 223 38.14 -4.72 -23.57
N ASN B 224 39.41 -4.32 -23.51
CA ASN B 224 40.09 -4.14 -22.29
C ASN B 224 39.97 -2.64 -21.97
N PHE B 225 39.23 -2.27 -20.91
CA PHE B 225 38.92 -0.83 -20.70
C PHE B 225 40.14 -0.08 -20.16
N LEU B 226 41.06 -0.78 -19.49
CA LEU B 226 42.35 -0.17 -19.06
C LEU B 226 43.15 0.36 -20.25
N GLU B 227 43.06 -0.29 -21.41
CA GLU B 227 43.94 0.05 -22.54
C GLU B 227 43.19 0.63 -23.76
N ALA B 228 41.89 0.41 -23.91
CA ALA B 228 41.16 0.91 -25.09
C ALA B 228 41.05 2.45 -25.13
N LYS B 229 40.94 2.97 -26.36
CA LYS B 229 40.69 4.38 -26.61
C LYS B 229 39.25 4.50 -27.09
N GLU B 230 38.63 5.67 -26.86
CA GLU B 230 37.31 6.00 -27.38
C GLU B 230 37.16 5.58 -28.82
N GLY B 231 38.14 5.94 -29.65
CA GLY B 231 38.09 5.74 -31.08
C GLY B 231 37.98 4.28 -31.46
N ASP B 232 38.41 3.37 -30.57
CA ASP B 232 38.32 1.94 -30.85
C ASP B 232 36.86 1.48 -30.96
N LEU B 233 35.90 2.26 -30.44
CA LEU B 233 34.51 1.87 -30.44
C LEU B 233 33.71 2.53 -31.56
N HIS B 234 34.34 3.31 -32.43
CA HIS B 234 33.60 3.93 -33.57
C HIS B 234 33.28 2.88 -34.64
N ARG B 235 34.16 1.89 -34.76
CA ARG B 235 34.07 0.86 -35.74
C ARG B 235 34.54 -0.42 -35.06
N ILE B 236 33.61 -1.35 -34.89
CA ILE B 236 33.92 -2.57 -34.19
C ILE B 236 33.74 -3.71 -35.16
N GLU B 237 34.85 -4.40 -35.45
CA GLU B 237 34.92 -5.45 -36.41
C GLU B 237 35.10 -6.74 -35.62
N ILE B 238 34.11 -7.62 -35.75
CA ILE B 238 34.09 -8.85 -35.03
C ILE B 238 34.11 -9.96 -36.04
N PRO B 239 35.30 -10.54 -36.32
CA PRO B 239 35.38 -11.66 -37.21
C PRO B 239 34.82 -12.82 -36.41
N PHE B 240 34.27 -13.80 -37.12
CA PHE B 240 33.86 -15.00 -36.50
C PHE B 240 34.04 -16.18 -37.42
N LYS B 241 34.35 -17.31 -36.78
CA LYS B 241 34.45 -18.60 -37.41
C LYS B 241 33.83 -19.57 -36.43
N PHE B 242 32.59 -19.99 -36.69
CA PHE B 242 31.92 -20.91 -35.78
C PHE B 242 32.12 -22.35 -36.25
N HIS B 243 32.43 -23.21 -35.29
CA HIS B 243 32.49 -24.60 -35.48
C HIS B 243 31.10 -25.14 -35.11
N MET B 244 30.34 -25.55 -36.13
CA MET B 244 28.96 -25.91 -35.93
C MET B 244 28.89 -27.20 -35.09
N LEU B 245 28.07 -27.20 -34.02
CA LEU B 245 27.90 -28.35 -33.14
C LEU B 245 26.60 -29.13 -33.46
N HIS B 246 25.69 -28.51 -34.19
CA HIS B 246 24.38 -29.11 -34.57
C HIS B 246 24.10 -28.77 -36.04
N SER B 247 23.42 -29.66 -36.72
CA SER B 247 23.04 -29.44 -38.07
C SER B 247 21.68 -28.74 -38.08
N GLY B 248 21.45 -27.82 -39.02
CA GLY B 248 20.16 -27.18 -39.10
C GLY B 248 20.26 -25.89 -39.86
N LEU B 249 19.12 -25.15 -39.93
CA LEU B 249 19.10 -23.85 -40.55
C LEU B 249 19.52 -22.82 -39.53
N VAL B 250 20.45 -21.94 -39.90
CA VAL B 250 20.89 -20.83 -39.10
C VAL B 250 20.09 -19.61 -39.53
N HIS B 251 19.28 -19.09 -38.61
CA HIS B 251 18.43 -17.97 -38.90
C HIS B 251 19.05 -16.65 -38.52
N GLY B 252 20.16 -16.68 -37.77
CA GLY B 252 20.89 -15.43 -37.46
C GLY B 252 21.87 -15.61 -36.32
N LEU B 253 22.29 -14.48 -35.73
CA LEU B 253 23.25 -14.50 -34.63
C LEU B 253 22.61 -13.95 -33.37
N ALA B 254 22.99 -14.56 -32.26
CA ALA B 254 22.60 -14.12 -30.92
C ALA B 254 23.80 -13.46 -30.24
N PHE B 255 23.52 -12.40 -29.51
CA PHE B 255 24.53 -11.63 -28.81
C PHE B 255 24.17 -11.52 -27.34
N TRP B 256 25.23 -11.59 -26.51
CA TRP B 256 25.16 -11.25 -25.11
C TRP B 256 26.53 -10.74 -24.66
N PHE B 257 26.67 -10.36 -23.39
CA PHE B 257 27.95 -9.89 -22.91
C PHE B 257 28.17 -10.18 -21.43
N ASP B 258 29.46 -10.18 -21.06
CA ASP B 258 29.99 -10.33 -19.74
C ASP B 258 30.86 -9.09 -19.47
N VAL B 259 30.97 -8.65 -18.21
CA VAL B 259 32.05 -7.74 -17.82
C VAL B 259 32.75 -8.32 -16.59
N ALA B 260 34.02 -7.99 -16.43
CA ALA B 260 34.76 -8.46 -15.26
C ALA B 260 35.29 -7.26 -14.50
N PHE B 261 35.15 -7.35 -13.17
CA PHE B 261 35.73 -6.43 -12.25
C PHE B 261 37.00 -7.08 -11.69
N ILE B 262 38.16 -6.68 -12.19
CA ILE B 262 39.46 -7.31 -11.87
C ILE B 262 40.08 -6.51 -10.72
N GLY B 263 39.80 -6.96 -9.51
CA GLY B 263 40.32 -6.31 -8.31
C GLY B 263 41.61 -6.95 -7.83
N SER B 264 42.23 -6.30 -6.84
CA SER B 264 43.41 -6.79 -6.14
C SER B 264 43.14 -8.10 -5.39
N ILE B 265 41.92 -8.28 -4.85
CA ILE B 265 41.62 -9.47 -4.05
C ILE B 265 40.99 -10.52 -4.96
N MET B 266 40.04 -10.12 -5.80
CA MET B 266 39.38 -11.10 -6.68
C MET B 266 38.75 -10.43 -7.92
N THR B 267 38.48 -11.29 -8.89
CA THR B 267 37.88 -10.91 -10.11
C THR B 267 36.44 -11.38 -10.01
N VAL B 268 35.48 -10.46 -10.23
CA VAL B 268 34.07 -10.78 -10.19
C VAL B 268 33.49 -10.53 -11.56
N TRP B 269 32.67 -11.49 -12.01
CA TRP B 269 32.06 -11.51 -13.30
C TRP B 269 30.59 -11.17 -13.21
N LEU B 270 30.12 -10.30 -14.08
CA LEU B 270 28.70 -10.08 -14.29
C LEU B 270 28.37 -10.55 -15.71
N SER B 271 27.61 -11.63 -15.81
CA SER B 271 27.23 -12.20 -17.09
C SER B 271 25.77 -11.94 -17.48
N THR B 272 25.52 -11.66 -18.77
CA THR B 272 24.15 -11.59 -19.30
C THR B 272 23.84 -12.71 -20.30
N ALA B 273 24.63 -13.79 -20.21
CA ALA B 273 24.47 -14.98 -21.04
C ALA B 273 23.11 -15.60 -20.82
N PRO B 274 22.55 -16.30 -21.83
CA PRO B 274 21.31 -17.06 -21.67
C PRO B 274 21.43 -18.30 -20.76
N THR B 275 22.65 -18.73 -20.44
CA THR B 275 22.87 -19.80 -19.45
C THR B 275 22.75 -19.28 -17.99
N GLU B 276 22.68 -17.96 -17.80
CA GLU B 276 22.72 -17.36 -16.48
C GLU B 276 21.34 -16.77 -16.17
N PRO B 277 21.04 -16.42 -14.92
CA PRO B 277 19.75 -15.77 -14.65
C PRO B 277 19.54 -14.52 -15.52
N LEU B 278 18.32 -14.29 -15.89
CA LEU B 278 17.95 -13.23 -16.76
C LEU B 278 18.23 -11.87 -16.11
N THR B 279 18.74 -10.92 -16.92
CA THR B 279 18.94 -9.53 -16.45
C THR B 279 18.06 -8.62 -17.32
N HIS B 280 18.01 -7.33 -16.99
N HIS B 280 18.01 -7.32 -16.98
CA HIS B 280 17.17 -6.38 -17.78
CA HIS B 280 17.24 -6.28 -17.75
C HIS B 280 17.85 -6.04 -19.13
C HIS B 280 17.87 -6.04 -19.15
N TRP B 281 19.06 -6.59 -19.38
CA TRP B 281 19.69 -6.50 -20.72
C TRP B 281 19.20 -7.61 -21.67
N TYR B 282 18.55 -8.65 -21.14
CA TYR B 282 18.11 -9.81 -21.90
C TYR B 282 19.30 -10.28 -22.73
N GLN B 283 18.96 -10.68 -23.96
CA GLN B 283 19.90 -10.97 -25.01
C GLN B 283 19.33 -10.34 -26.28
N VAL B 284 20.15 -10.35 -27.34
CA VAL B 284 19.80 -9.74 -28.59
C VAL B 284 20.02 -10.70 -29.76
N ARG B 285 19.05 -10.72 -30.69
CA ARG B 285 19.19 -11.53 -31.87
C ARG B 285 18.96 -10.72 -33.13
N CYS B 286 19.90 -10.90 -34.07
CA CYS B 286 19.85 -10.30 -35.41
C CYS B 286 19.62 -11.42 -36.40
N LEU B 287 18.54 -11.32 -37.15
CA LEU B 287 18.23 -12.32 -38.20
C LEU B 287 19.07 -12.07 -39.44
N PHE B 288 19.30 -13.17 -40.16
CA PHE B 288 19.71 -13.14 -41.54
C PHE B 288 18.48 -13.07 -42.41
N GLN B 289 18.62 -12.41 -43.55
CA GLN B 289 17.50 -12.24 -44.51
C GLN B 289 17.10 -13.61 -45.09
N SER B 290 18.10 -14.46 -45.26
CA SER B 290 17.96 -15.74 -45.75
C SER B 290 18.69 -16.67 -44.82
N PRO B 291 18.03 -17.73 -44.38
CA PRO B 291 18.67 -18.73 -43.56
C PRO B 291 19.72 -19.54 -44.32
N LEU B 292 20.68 -20.07 -43.59
CA LEU B 292 21.77 -20.80 -44.15
C LEU B 292 21.71 -22.21 -43.60
N PHE B 293 21.77 -23.23 -44.46
CA PHE B 293 21.92 -24.59 -44.00
C PHE B 293 23.39 -24.87 -43.65
N ALA B 294 23.61 -25.49 -42.51
CA ALA B 294 24.94 -25.90 -42.07
C ALA B 294 24.85 -27.24 -41.34
N LYS B 295 25.88 -28.08 -41.57
CA LYS B 295 25.97 -29.38 -40.93
C LYS B 295 26.94 -29.26 -39.74
N ALA B 296 26.67 -30.02 -38.67
CA ALA B 296 27.63 -30.22 -37.57
C ALA B 296 29.02 -30.44 -38.17
N GLY B 297 30.05 -29.74 -37.64
CA GLY B 297 31.43 -29.83 -38.15
C GLY B 297 31.78 -28.83 -39.26
N ASP B 298 30.79 -28.22 -39.91
CA ASP B 298 31.03 -27.10 -40.85
C ASP B 298 31.46 -25.85 -40.09
N THR B 299 31.98 -24.89 -40.86
CA THR B 299 32.40 -23.63 -40.34
C THR B 299 31.48 -22.57 -40.97
N LEU B 300 30.91 -21.73 -40.12
CA LEU B 300 30.16 -20.56 -40.55
C LEU B 300 31.02 -19.34 -40.20
N SER B 301 31.47 -18.60 -41.21
CA SER B 301 32.47 -17.56 -41.04
C SER B 301 31.93 -16.25 -41.61
N GLY B 302 32.45 -15.15 -41.08
CA GLY B 302 32.07 -13.92 -41.57
C GLY B 302 32.45 -12.83 -40.60
N THR B 303 31.64 -11.77 -40.63
CA THR B 303 31.98 -10.57 -39.95
C THR B 303 30.71 -9.91 -39.42
N CYS B 304 30.82 -9.45 -38.17
CA CYS B 304 29.86 -8.55 -37.62
C CYS B 304 30.54 -7.19 -37.51
N LEU B 305 30.04 -6.18 -38.22
CA LEU B 305 30.66 -4.87 -38.24
C LEU B 305 29.69 -3.85 -37.62
N LEU B 306 30.12 -3.22 -36.52
CA LEU B 306 29.32 -2.25 -35.87
C LEU B 306 29.90 -0.88 -36.15
N ILE B 307 29.07 -0.01 -36.73
CA ILE B 307 29.46 1.29 -37.11
C ILE B 307 28.64 2.30 -36.30
N ALA B 308 29.35 3.13 -35.51
CA ALA B 308 28.71 4.04 -34.60
C ALA B 308 27.99 5.11 -35.42
N ASN B 309 26.78 5.48 -35.00
CA ASN B 309 26.00 6.57 -35.62
C ASN B 309 25.84 7.67 -34.56
N LYS B 310 25.26 8.79 -34.98
CA LYS B 310 25.11 9.93 -34.10
C LYS B 310 23.84 9.81 -33.24
N ARG B 311 23.05 8.73 -33.37
CA ARG B 311 21.89 8.48 -32.51
C ARG B 311 22.32 7.60 -31.31
N GLN B 312 23.58 7.67 -30.91
CA GLN B 312 24.06 6.95 -29.72
C GLN B 312 23.87 5.45 -29.88
N SER B 313 24.00 4.94 -31.10
CA SER B 313 23.84 3.55 -31.35
C SER B 313 24.77 3.12 -32.51
N TYR B 314 24.43 2.00 -33.12
CA TYR B 314 25.24 1.44 -34.12
C TYR B 314 24.38 0.93 -35.27
N ASP B 315 24.90 1.05 -36.49
CA ASP B 315 24.46 0.25 -37.63
C ASP B 315 25.24 -1.07 -37.62
N ILE B 316 24.52 -2.17 -37.76
CA ILE B 316 25.05 -3.47 -37.63
C ILE B 316 25.02 -4.12 -38.98
N SER B 317 26.20 -4.58 -39.43
CA SER B 317 26.29 -5.30 -40.67
C SER B 317 26.81 -6.70 -40.39
N ILE B 318 26.06 -7.69 -40.87
CA ILE B 318 26.43 -9.05 -40.65
C ILE B 318 26.51 -9.78 -41.98
N VAL B 319 27.67 -10.40 -42.23
CA VAL B 319 27.90 -11.15 -43.44
C VAL B 319 28.34 -12.54 -42.98
N ALA B 320 27.80 -13.57 -43.58
CA ALA B 320 28.09 -14.88 -43.08
C ALA B 320 28.03 -15.87 -44.22
N GLN B 321 28.91 -16.87 -44.15
CA GLN B 321 28.86 -17.90 -45.13
C GLN B 321 29.20 -19.25 -44.49
N VAL B 322 28.63 -20.30 -45.08
CA VAL B 322 29.00 -21.65 -44.75
C VAL B 322 30.17 -22.03 -45.64
N ASP B 323 31.34 -22.22 -45.05
CA ASP B 323 32.55 -22.39 -45.88
C ASP B 323 32.40 -23.62 -46.80
N GLN B 324 31.86 -24.72 -46.25
CA GLN B 324 31.82 -25.97 -46.99
C GLN B 324 30.87 -25.87 -48.19
N THR B 325 29.87 -25.00 -48.19
CA THR B 325 28.91 -24.98 -49.30
C THR B 325 28.94 -23.69 -50.13
N GLY B 326 29.59 -22.63 -49.62
CA GLY B 326 29.50 -21.28 -50.22
C GLY B 326 28.13 -20.60 -50.10
N SER B 327 27.23 -21.08 -49.23
CA SER B 327 25.97 -20.37 -49.00
C SER B 327 26.22 -19.15 -48.09
N LYS B 328 25.71 -17.99 -48.57
CA LYS B 328 26.03 -16.66 -48.06
C LYS B 328 24.74 -15.96 -47.61
N SER B 329 24.85 -15.13 -46.56
CA SER B 329 23.79 -14.26 -46.20
C SER B 329 24.34 -13.00 -45.56
N SER B 330 23.44 -12.03 -45.45
CA SER B 330 23.75 -10.71 -44.97
C SER B 330 22.54 -10.17 -44.19
N ASN B 331 22.79 -9.17 -43.33
CA ASN B 331 21.73 -8.25 -42.94
C ASN B 331 22.41 -6.95 -42.50
N LEU B 332 21.58 -5.89 -42.55
CA LEU B 332 21.87 -4.58 -41.98
C LEU B 332 20.81 -4.26 -40.94
N LEU B 333 21.21 -3.94 -39.74
CA LEU B 333 20.24 -3.71 -38.66
C LEU B 333 20.52 -2.38 -38.01
N ASP B 334 19.47 -1.78 -37.44
CA ASP B 334 19.55 -0.52 -36.74
C ASP B 334 19.33 -0.78 -35.24
N LEU B 335 20.39 -0.78 -34.48
CA LEU B 335 20.32 -1.14 -33.06
C LEU B 335 19.59 -0.10 -32.21
N LYS B 336 19.43 1.11 -32.72
CA LYS B 336 18.62 2.14 -32.05
C LYS B 336 17.15 1.75 -31.94
N ASN B 337 16.58 1.06 -32.94
CA ASN B 337 15.13 0.68 -32.95
C ASN B 337 14.95 -0.83 -32.74
N PRO B 338 15.25 -1.37 -31.54
CA PRO B 338 15.11 -2.82 -31.36
C PRO B 338 13.64 -3.19 -31.24
N PHE B 339 13.32 -4.44 -31.51
CA PHE B 339 11.99 -4.95 -31.26
C PHE B 339 12.01 -5.66 -29.90
N PHE B 340 11.23 -5.13 -28.95
CA PHE B 340 11.09 -5.73 -27.58
C PHE B 340 10.04 -6.84 -27.67
N ARG B 341 10.51 -8.09 -27.74
CA ARG B 341 9.65 -9.28 -27.88
C ARG B 341 9.42 -9.96 -26.51
N TYR B 342 9.81 -9.36 -25.37
CA TYR B 342 9.38 -9.80 -24.03
C TYR B 342 10.24 -11.03 -23.67
N SER C 1 6.86 -6.09 47.62
CA SER C 1 7.30 -7.45 47.26
C SER C 1 8.06 -7.39 45.93
N VAL C 2 8.62 -8.53 45.52
CA VAL C 2 9.26 -8.63 44.20
C VAL C 2 8.23 -8.31 43.09
N PHE C 3 6.98 -8.76 43.25
CA PHE C 3 5.87 -8.46 42.30
C PHE C 3 5.56 -6.96 42.21
N SER C 4 5.26 -6.29 43.32
CA SER C 4 4.92 -4.83 43.26
C SER C 4 6.12 -3.97 42.77
N GLU C 5 7.37 -4.42 42.99
CA GLU C 5 8.55 -3.59 42.58
C GLU C 5 8.72 -3.62 41.04
N ARG C 6 8.38 -4.74 40.38
CA ARG C 6 8.53 -4.88 38.90
C ARG C 6 7.24 -4.52 38.14
N THR C 7 6.20 -4.04 38.85
CA THR C 7 4.82 -3.88 38.25
C THR C 7 4.13 -2.54 38.64
N GLU C 8 3.74 -1.70 37.65
CA GLU C 8 2.82 -0.53 37.89
C GLU C 8 1.50 -1.07 38.52
N GLU C 9 0.99 -0.40 39.57
CA GLU C 9 -0.29 -0.86 40.19
C GLU C 9 -1.43 -0.83 39.15
N SER C 10 -1.42 0.17 38.26
CA SER C 10 -2.33 0.26 37.10
C SER C 10 -2.37 -1.02 36.22
N SER C 11 -1.20 -1.62 35.95
CA SER C 11 -1.12 -2.82 35.14
C SER C 11 -1.65 -4.00 35.93
N ALA C 12 -1.29 -4.11 37.22
CA ALA C 12 -1.71 -5.24 38.14
C ALA C 12 -3.23 -5.28 38.31
N VAL C 13 -3.85 -4.10 38.53
CA VAL C 13 -5.31 -4.01 38.70
C VAL C 13 -5.98 -4.54 37.42
N GLN C 14 -5.68 -3.99 36.25
CA GLN C 14 -6.25 -4.47 34.96
C GLN C 14 -6.03 -5.98 34.82
N TYR C 15 -4.80 -6.47 35.13
CA TYR C 15 -4.39 -7.87 34.93
C TYR C 15 -5.23 -8.83 35.76
N PHE C 16 -5.34 -8.57 37.07
CA PHE C 16 -6.14 -9.41 37.98
C PHE C 16 -7.64 -9.21 37.77
N GLN C 17 -8.15 -8.01 37.37
CA GLN C 17 -9.59 -7.88 37.00
C GLN C 17 -9.86 -8.89 35.86
N PHE C 18 -9.00 -8.91 34.82
CA PHE C 18 -9.21 -9.73 33.61
C PHE C 18 -9.29 -11.23 33.98
N TYR C 19 -8.39 -11.71 34.83
CA TYR C 19 -8.38 -13.13 35.22
C TYR C 19 -9.44 -13.49 36.26
N GLY C 20 -10.10 -12.47 36.82
CA GLY C 20 -11.33 -12.61 37.65
C GLY C 20 -12.58 -13.12 36.94
N TYR C 21 -12.65 -13.06 35.61
CA TYR C 21 -13.86 -13.43 34.89
C TYR C 21 -13.93 -14.93 34.66
N LEU C 22 -15.10 -15.51 34.98
CA LEU C 22 -15.35 -16.87 34.64
C LEU C 22 -15.36 -17.08 33.12
N SER C 23 -15.82 -16.10 32.36
CA SER C 23 -15.79 -16.29 30.89
C SER C 23 -14.37 -16.52 30.36
N GLN C 24 -13.40 -15.83 30.95
CA GLN C 24 -12.02 -15.97 30.56
C GLN C 24 -11.48 -17.35 30.97
N GLN C 25 -11.82 -17.82 32.16
CA GLN C 25 -11.49 -19.20 32.59
C GLN C 25 -12.05 -20.22 31.60
N GLN C 26 -13.28 -20.01 31.18
CA GLN C 26 -13.95 -20.90 30.27
C GLN C 26 -13.22 -20.90 28.93
N ASN C 27 -12.83 -19.73 28.45
CA ASN C 27 -12.19 -19.64 27.17
C ASN C 27 -10.92 -20.52 27.23
N MET C 28 -10.20 -20.48 28.33
CA MET C 28 -8.95 -21.22 28.40
C MET C 28 -9.22 -22.72 28.60
N MET C 29 -10.22 -23.06 29.41
CA MET C 29 -10.50 -24.44 29.64
C MET C 29 -10.97 -25.13 28.36
N GLN C 30 -11.70 -24.41 27.48
CA GLN C 30 -12.24 -24.99 26.22
C GLN C 30 -11.13 -25.25 25.17
N ASP C 31 -9.94 -24.69 25.34
CA ASP C 31 -8.81 -25.07 24.48
C ASP C 31 -8.39 -26.49 24.85
N TYR C 32 -8.87 -27.45 24.07
CA TYR C 32 -8.74 -28.83 24.39
C TYR C 32 -7.25 -29.20 24.35
N VAL C 33 -6.48 -28.63 23.44
CA VAL C 33 -5.08 -29.00 23.37
C VAL C 33 -4.36 -28.60 24.66
N ARG C 34 -4.63 -27.38 25.15
CA ARG C 34 -4.03 -26.86 26.38
CA ARG C 34 -4.03 -26.86 26.38
C ARG C 34 -4.43 -27.80 27.53
N THR C 35 -5.75 -27.98 27.71
CA THR C 35 -6.22 -28.60 28.91
C THR C 35 -5.89 -30.10 28.92
N GLY C 36 -6.09 -30.75 27.79
CA GLY C 36 -5.87 -32.17 27.62
C GLY C 36 -4.41 -32.53 27.72
N THR C 37 -3.53 -31.67 27.22
CA THR C 37 -2.11 -31.92 27.28
C THR C 37 -1.59 -31.73 28.73
N TYR C 38 -2.06 -30.70 29.45
CA TYR C 38 -1.71 -30.59 30.85
C TYR C 38 -2.16 -31.83 31.63
N GLN C 39 -3.39 -32.29 31.35
CA GLN C 39 -3.89 -33.46 32.06
C GLN C 39 -3.01 -34.69 31.76
N ARG C 40 -2.69 -34.93 30.49
CA ARG C 40 -1.87 -36.06 30.05
C ARG C 40 -0.49 -35.97 30.76
N ALA C 41 0.14 -34.80 30.74
CA ALA C 41 1.43 -34.56 31.35
C ALA C 41 1.47 -34.95 32.83
N ILE C 42 0.43 -34.50 33.55
CA ILE C 42 0.34 -34.78 34.98
C ILE C 42 -0.04 -36.25 35.22
N LEU C 43 -1.11 -36.74 34.57
CA LEU C 43 -1.57 -38.17 34.82
C LEU C 43 -0.54 -39.22 34.34
N GLN C 44 0.13 -39.04 33.19
CA GLN C 44 1.11 -40.04 32.71
C GLN C 44 2.39 -40.01 33.56
N ASN C 45 2.61 -38.94 34.34
CA ASN C 45 3.69 -38.82 35.30
C ASN C 45 3.12 -38.86 36.73
N HIS C 46 2.24 -39.82 37.00
CA HIS C 46 1.55 -39.95 38.29
C HIS C 46 2.54 -40.12 39.43
N THR C 47 3.67 -40.80 39.20
CA THR C 47 4.69 -40.98 40.26
C THR C 47 5.31 -39.63 40.67
N ASP C 48 5.30 -38.61 39.79
CA ASP C 48 5.76 -37.28 40.22
C ASP C 48 4.74 -36.55 41.09
N PHE C 49 3.52 -37.12 41.23
CA PHE C 49 2.52 -36.52 42.09
C PHE C 49 2.11 -37.42 43.26
N LYS C 50 2.05 -38.75 43.09
CA LYS C 50 1.55 -39.70 44.13
C LYS C 50 2.17 -39.39 45.50
N ASP C 51 1.36 -38.97 46.47
CA ASP C 51 1.76 -38.74 47.86
C ASP C 51 2.72 -37.54 47.98
N LYS C 52 2.75 -36.66 46.98
CA LYS C 52 3.65 -35.51 47.03
C LYS C 52 2.89 -34.24 47.44
N ILE C 53 3.68 -33.22 47.78
CA ILE C 53 3.23 -31.89 48.07
C ILE C 53 3.43 -31.05 46.81
N VAL C 54 2.44 -30.25 46.43
CA VAL C 54 2.41 -29.58 45.15
C VAL C 54 2.08 -28.10 45.34
N LEU C 55 2.72 -27.24 44.58
CA LEU C 55 2.30 -25.84 44.54
C LEU C 55 1.80 -25.53 43.14
N ASP C 56 0.61 -24.93 43.06
CA ASP C 56 0.01 -24.46 41.80
C ASP C 56 0.04 -22.94 41.75
N VAL C 57 0.86 -22.41 40.85
CA VAL C 57 1.08 -21.00 40.82
C VAL C 57 0.05 -20.41 39.87
N GLY C 58 -0.87 -19.63 40.41
CA GLY C 58 -1.87 -19.01 39.61
C GLY C 58 -2.90 -20.01 39.16
N CYS C 59 -3.61 -20.61 40.10
CA CYS C 59 -4.47 -21.77 39.83
C CYS C 59 -5.76 -21.44 39.10
N GLY C 60 -6.14 -20.17 39.05
CA GLY C 60 -7.38 -19.77 38.41
C GLY C 60 -8.53 -20.55 39.04
N SER C 61 -9.30 -21.23 38.19
CA SER C 61 -10.43 -22.08 38.57
C SER C 61 -9.98 -23.28 39.42
N GLY C 62 -8.71 -23.66 39.30
CA GLY C 62 -8.20 -24.73 40.10
C GLY C 62 -7.91 -25.97 39.28
N ILE C 63 -8.15 -25.92 37.97
CA ILE C 63 -8.18 -27.14 37.16
C ILE C 63 -6.90 -27.99 37.31
N LEU C 64 -5.71 -27.35 37.36
CA LEU C 64 -4.46 -28.10 37.39
C LEU C 64 -4.31 -28.79 38.75
N SER C 65 -4.79 -28.12 39.81
CA SER C 65 -4.81 -28.71 41.14
C SER C 65 -5.68 -29.96 41.15
N PHE C 66 -6.81 -29.91 40.47
CA PHE C 66 -7.65 -31.09 40.38
C PHE C 66 -6.92 -32.20 39.63
N PHE C 67 -6.14 -31.87 38.60
CA PHE C 67 -5.39 -32.90 37.94
C PHE C 67 -4.29 -33.48 38.86
N ALA C 68 -3.59 -32.64 39.62
CA ALA C 68 -2.64 -33.12 40.58
C ALA C 68 -3.30 -34.06 41.59
N ALA C 69 -4.51 -33.73 42.02
CA ALA C 69 -5.30 -34.55 42.93
C ALA C 69 -5.66 -35.90 42.30
N GLN C 70 -6.12 -35.90 41.05
CA GLN C 70 -6.45 -37.15 40.35
C GLN C 70 -5.21 -38.08 40.30
N ALA C 71 -4.01 -37.50 40.21
CA ALA C 71 -2.73 -38.21 40.16
C ALA C 71 -2.19 -38.66 41.52
N GLY C 72 -2.83 -38.28 42.62
CA GLY C 72 -2.58 -38.84 43.94
C GLY C 72 -1.79 -37.92 44.89
N ALA C 73 -1.64 -36.62 44.55
CA ALA C 73 -0.96 -35.69 45.45
C ALA C 73 -1.61 -35.74 46.82
N ARG C 74 -0.76 -35.69 47.87
CA ARG C 74 -1.23 -35.66 49.25
C ARG C 74 -1.76 -34.26 49.54
N LYS C 75 -1.05 -33.21 49.08
CA LYS C 75 -1.41 -31.88 49.40
C LYS C 75 -1.02 -30.95 48.26
N ILE C 76 -1.95 -30.04 47.92
CA ILE C 76 -1.77 -29.08 46.83
C ILE C 76 -2.10 -27.70 47.35
N TYR C 77 -1.15 -26.79 47.28
CA TYR C 77 -1.38 -25.41 47.66
C TYR C 77 -1.62 -24.66 46.38
N ALA C 78 -2.81 -24.05 46.27
CA ALA C 78 -3.21 -23.46 45.08
C ALA C 78 -3.26 -21.96 45.30
N VAL C 79 -2.29 -21.24 44.70
CA VAL C 79 -2.14 -19.82 44.95
C VAL C 79 -2.74 -19.05 43.77
N GLU C 80 -3.55 -18.05 44.13
CA GLU C 80 -4.26 -17.26 43.15
C GLU C 80 -4.61 -15.89 43.73
N ALA C 81 -4.29 -14.86 42.96
CA ALA C 81 -4.29 -13.49 43.43
C ALA C 81 -5.55 -12.75 43.01
N SER C 82 -6.24 -13.25 41.98
CA SER C 82 -7.50 -12.68 41.54
C SER C 82 -8.65 -13.22 42.42
N THR C 83 -9.82 -12.58 42.27
CA THR C 83 -11.04 -12.98 42.90
C THR C 83 -11.50 -14.38 42.44
N MET C 84 -10.92 -14.92 41.39
CA MET C 84 -11.06 -16.36 40.98
C MET C 84 -10.69 -17.35 42.09
N ALA C 85 -9.94 -16.92 43.09
CA ALA C 85 -9.61 -17.80 44.24
C ALA C 85 -10.89 -18.31 44.95
N GLN C 86 -11.87 -17.43 45.07
CA GLN C 86 -13.11 -17.76 45.78
C GLN C 86 -13.92 -18.79 44.97
N HIS C 87 -13.93 -18.67 43.63
CA HIS C 87 -14.57 -19.62 42.79
C HIS C 87 -13.83 -20.99 42.85
N ALA C 88 -12.50 -20.95 42.92
CA ALA C 88 -11.72 -22.19 43.07
C ALA C 88 -12.09 -22.88 44.36
N GLU C 89 -12.26 -22.09 45.43
CA GLU C 89 -12.65 -22.65 46.73
C GLU C 89 -14.01 -23.37 46.64
N VAL C 90 -15.01 -22.74 46.00
CA VAL C 90 -16.27 -23.36 45.82
C VAL C 90 -16.10 -24.72 45.10
N LEU C 91 -15.31 -24.79 44.04
CA LEU C 91 -15.15 -26.06 43.35
C LEU C 91 -14.42 -27.11 44.21
N VAL C 92 -13.47 -26.68 45.02
CA VAL C 92 -12.77 -27.64 45.88
C VAL C 92 -13.76 -28.32 46.85
N LYS C 93 -14.71 -27.53 47.40
CA LYS C 93 -15.73 -28.09 48.28
C LYS C 93 -16.69 -28.98 47.50
N SER C 94 -17.16 -28.55 46.33
CA SER C 94 -18.16 -29.32 45.62
C SER C 94 -17.55 -30.58 45.04
N ASN C 95 -16.25 -30.64 44.85
CA ASN C 95 -15.62 -31.91 44.39
C ASN C 95 -15.01 -32.71 45.54
N ASN C 96 -15.26 -32.31 46.79
CA ASN C 96 -14.98 -33.09 48.01
C ASN C 96 -13.47 -33.32 48.12
N LEU C 97 -12.70 -32.23 48.01
CA LEU C 97 -11.27 -32.28 47.95
C LEU C 97 -10.66 -31.26 48.92
N THR C 98 -11.43 -30.86 49.95
CA THR C 98 -10.99 -29.91 50.95
C THR C 98 -9.84 -30.49 51.79
N ASP C 99 -9.74 -31.82 51.88
CA ASP C 99 -8.61 -32.48 52.57
C ASP C 99 -7.28 -32.35 51.79
N ARG C 100 -7.35 -32.06 50.50
CA ARG C 100 -6.17 -32.17 49.63
C ARG C 100 -5.80 -30.89 48.89
N ILE C 101 -6.74 -29.98 48.60
CA ILE C 101 -6.42 -28.78 47.89
C ILE C 101 -6.73 -27.62 48.80
N VAL C 102 -5.72 -26.77 49.00
CA VAL C 102 -5.82 -25.65 49.85
C VAL C 102 -5.57 -24.40 49.02
N VAL C 103 -6.61 -23.60 48.86
CA VAL C 103 -6.49 -22.39 48.14
C VAL C 103 -5.92 -21.34 49.07
N ILE C 104 -4.92 -20.61 48.58
CA ILE C 104 -4.24 -19.54 49.33
C ILE C 104 -4.32 -18.26 48.52
N PRO C 105 -5.22 -17.34 48.85
CA PRO C 105 -5.38 -16.11 48.09
C PRO C 105 -4.18 -15.17 48.25
N GLY C 106 -3.78 -14.54 47.14
CA GLY C 106 -2.73 -13.57 47.14
C GLY C 106 -1.66 -13.90 46.09
N LYS C 107 -0.65 -13.04 46.02
CA LYS C 107 0.43 -13.18 45.03
C LYS C 107 1.44 -14.19 45.59
N VAL C 108 2.03 -15.03 44.76
CA VAL C 108 2.96 -16.08 45.23
C VAL C 108 4.24 -15.47 45.81
N GLU C 109 4.49 -14.22 45.42
CA GLU C 109 5.58 -13.42 45.96
C GLU C 109 5.29 -12.90 47.38
N GLU C 110 4.05 -12.98 47.88
CA GLU C 110 3.64 -12.29 49.13
C GLU C 110 3.10 -13.25 50.18
N VAL C 111 2.59 -14.38 49.77
CA VAL C 111 1.98 -15.34 50.69
C VAL C 111 3.05 -16.17 51.40
N SER C 112 2.65 -16.86 52.48
CA SER C 112 3.51 -17.81 53.20
C SER C 112 2.87 -19.19 53.13
N LEU C 113 3.65 -20.21 52.79
CA LEU C 113 3.18 -21.58 52.71
C LEU C 113 3.72 -22.32 53.91
N PRO C 114 3.01 -23.33 54.38
CA PRO C 114 3.44 -23.97 55.61
C PRO C 114 4.60 -24.95 55.43
N GLU C 115 4.91 -25.33 54.20
CA GLU C 115 5.78 -26.48 53.92
C GLU C 115 6.54 -26.18 52.58
N GLN C 116 7.68 -26.84 52.36
CA GLN C 116 8.31 -26.84 51.08
C GLN C 116 7.57 -27.89 50.24
N VAL C 117 7.67 -27.78 48.91
CA VAL C 117 6.89 -28.60 48.00
C VAL C 117 7.82 -29.40 47.08
N ASP C 118 7.29 -30.53 46.59
CA ASP C 118 8.02 -31.49 45.79
C ASP C 118 8.02 -31.08 44.33
N ILE C 119 6.98 -30.35 43.91
CA ILE C 119 6.77 -30.05 42.51
C ILE C 119 5.88 -28.81 42.36
N ILE C 120 6.26 -27.97 41.39
CA ILE C 120 5.50 -26.78 41.10
C ILE C 120 4.86 -26.98 39.74
N ILE C 121 3.57 -26.62 39.66
CA ILE C 121 2.85 -26.62 38.40
C ILE C 121 2.27 -25.23 38.13
N SER C 122 2.21 -24.87 36.86
CA SER C 122 1.63 -23.61 36.48
C SER C 122 1.40 -23.58 34.98
N GLU C 123 0.64 -22.59 34.56
CA GLU C 123 0.52 -22.19 33.19
C GLU C 123 0.98 -20.74 33.03
N PRO C 124 2.31 -20.48 33.10
CA PRO C 124 2.81 -19.12 33.04
C PRO C 124 3.03 -18.52 31.64
N MET C 125 2.78 -19.30 30.59
CA MET C 125 3.06 -18.89 29.24
C MET C 125 2.00 -17.91 28.75
N GLY C 126 2.44 -16.74 28.29
CA GLY C 126 1.63 -15.81 27.52
C GLY C 126 1.96 -15.91 26.04
N TYR C 127 1.39 -14.99 25.24
CA TYR C 127 1.72 -14.89 23.83
C TYR C 127 3.24 -14.77 23.74
N MET C 128 3.79 -15.48 22.76
CA MET C 128 5.20 -15.46 22.47
C MET C 128 5.97 -15.96 23.70
N LEU C 129 5.26 -16.72 24.53
CA LEU C 129 5.76 -17.32 25.79
C LEU C 129 5.86 -16.30 26.90
N PHE C 130 6.52 -15.16 26.66
CA PHE C 130 6.97 -14.30 27.74
C PHE C 130 5.93 -13.22 28.15
N ASN C 131 4.95 -12.92 27.32
CA ASN C 131 4.00 -11.90 27.65
C ASN C 131 3.35 -12.24 28.98
N GLU C 132 3.06 -11.17 29.74
CA GLU C 132 2.44 -11.21 31.11
C GLU C 132 3.50 -11.34 32.22
N ARG C 133 4.75 -11.74 31.84
CA ARG C 133 5.85 -11.87 32.79
C ARG C 133 5.42 -12.72 33.97
N MET C 134 4.61 -13.73 33.69
CA MET C 134 4.21 -14.62 34.73
C MET C 134 5.29 -15.68 34.96
N LEU C 135 6.17 -15.86 33.98
CA LEU C 135 7.29 -16.76 34.19
C LEU C 135 8.14 -16.34 35.39
N GLU C 136 8.19 -15.04 35.68
CA GLU C 136 8.94 -14.55 36.84
C GLU C 136 8.31 -15.04 38.15
N SER C 137 6.97 -15.01 38.22
CA SER C 137 6.28 -15.49 39.40
C SER C 137 6.53 -16.97 39.55
N TYR C 138 6.54 -17.68 38.43
CA TYR C 138 6.77 -19.12 38.45
C TYR C 138 8.18 -19.42 38.98
N LEU C 139 9.17 -18.62 38.57
CA LEU C 139 10.53 -18.89 38.97
C LEU C 139 10.76 -18.43 40.43
N HIS C 140 10.19 -17.29 40.79
CA HIS C 140 10.20 -16.82 42.16
C HIS C 140 9.72 -17.90 43.13
N ALA C 141 8.74 -18.68 42.66
CA ALA C 141 8.12 -19.71 43.49
C ALA C 141 9.11 -20.83 43.80
N LYS C 142 10.26 -20.89 43.12
CA LYS C 142 11.24 -21.96 43.43
C LYS C 142 11.79 -21.83 44.84
N LYS C 143 11.62 -20.67 45.47
CA LYS C 143 11.96 -20.57 46.88
C LYS C 143 11.21 -21.58 47.76
N TYR C 144 10.08 -22.13 47.28
CA TYR C 144 9.31 -23.12 48.04
C TYR C 144 9.63 -24.54 47.61
N LEU C 145 10.50 -24.68 46.63
CA LEU C 145 10.80 -25.99 46.04
C LEU C 145 11.89 -26.74 46.83
N LYS C 146 11.59 -27.99 47.19
CA LYS C 146 12.57 -28.83 47.82
C LYS C 146 13.75 -29.03 46.88
N PRO C 147 14.96 -29.26 47.44
CA PRO C 147 16.09 -29.75 46.65
C PRO C 147 15.63 -30.92 45.77
N SER C 148 15.96 -30.84 44.49
CA SER C 148 15.62 -31.87 43.50
C SER C 148 14.11 -31.94 43.21
N GLY C 149 13.36 -30.88 43.58
CA GLY C 149 12.01 -30.72 43.12
C GLY C 149 11.91 -30.44 41.63
N ASN C 150 10.73 -30.74 41.07
CA ASN C 150 10.49 -30.64 39.66
C ASN C 150 9.57 -29.45 39.38
N MET C 151 9.50 -29.10 38.11
CA MET C 151 8.60 -28.07 37.62
C MET C 151 7.90 -28.53 36.37
N PHE C 152 6.61 -28.21 36.32
CA PHE C 152 5.69 -28.56 35.26
C PHE C 152 4.94 -27.31 34.81
N PRO C 153 5.38 -26.71 33.68
CA PRO C 153 6.38 -27.21 32.75
C PRO C 153 7.83 -27.00 33.18
N THR C 154 8.71 -27.82 32.60
CA THR C 154 10.10 -27.88 32.99
C THR C 154 10.94 -26.93 32.15
N ILE C 155 10.70 -26.92 30.84
CA ILE C 155 11.47 -26.06 29.94
C ILE C 155 10.50 -25.43 28.94
N GLY C 156 10.89 -24.28 28.39
CA GLY C 156 10.19 -23.59 27.29
C GLY C 156 11.13 -23.25 26.13
N ASP C 157 10.73 -23.57 24.90
CA ASP C 157 11.48 -23.26 23.69
C ASP C 157 10.70 -22.24 22.89
N VAL C 158 11.28 -21.06 22.69
CA VAL C 158 10.79 -20.15 21.72
C VAL C 158 11.41 -20.43 20.34
N HIS C 159 10.55 -20.47 19.32
CA HIS C 159 10.90 -20.64 17.94
C HIS C 159 10.64 -19.35 17.17
N LEU C 160 11.61 -18.92 16.36
CA LEU C 160 11.46 -17.80 15.44
C LEU C 160 11.83 -18.24 14.04
N ALA C 161 11.17 -17.66 13.06
CA ALA C 161 11.48 -17.92 11.67
C ALA C 161 11.01 -16.77 10.82
N PRO C 162 11.75 -16.42 9.76
CA PRO C 162 11.35 -15.34 8.88
C PRO C 162 10.16 -15.78 8.04
N PHE C 163 9.27 -14.85 7.72
CA PHE C 163 8.12 -15.19 6.91
C PHE C 163 7.89 -14.16 5.80
N THR C 164 7.11 -14.57 4.79
CA THR C 164 6.65 -13.69 3.73
C THR C 164 5.11 -13.73 3.75
N ASP C 165 4.47 -12.56 3.75
CA ASP C 165 3.05 -12.48 3.76
C ASP C 165 2.66 -11.07 3.35
N GLU C 166 2.56 -10.91 2.04
CA GLU C 166 2.35 -9.65 1.41
C GLU C 166 0.99 -9.07 1.84
N GLN C 167 -0.04 -9.92 1.93
CA GLN C 167 -1.39 -9.46 2.28
C GLN C 167 -1.40 -8.91 3.73
N LEU C 168 -0.63 -9.52 4.64
CA LEU C 168 -0.56 -9.05 6.01
C LEU C 168 0.10 -7.68 6.08
N TYR C 169 1.21 -7.58 5.34
CA TYR C 169 1.97 -6.36 5.32
C TYR C 169 1.08 -5.23 4.83
N MET C 170 0.31 -5.48 3.78
CA MET C 170 -0.42 -4.43 3.10
C MET C 170 -1.64 -4.01 3.93
N GLU C 171 -2.25 -4.96 4.65
CA GLU C 171 -3.34 -4.65 5.58
C GLU C 171 -2.91 -3.54 6.57
N GLN C 172 -1.73 -3.72 7.17
CA GLN C 172 -1.24 -2.82 8.22
C GLN C 172 -0.80 -1.47 7.61
N PHE C 173 -0.20 -1.53 6.43
CA PHE C 173 0.29 -0.37 5.76
C PHE C 173 -0.88 0.49 5.28
N THR C 174 -1.89 -0.22 4.77
CA THR C 174 -3.07 0.40 4.27
C THR C 174 -3.79 1.14 5.40
N LYS C 175 -3.91 0.54 6.58
CA LYS C 175 -4.48 1.21 7.74
C LYS C 175 -3.66 2.46 8.11
N ALA C 176 -2.35 2.39 8.14
CA ALA C 176 -1.59 3.60 8.48
C ALA C 176 -1.71 4.72 7.42
N ASN C 177 -1.96 4.34 6.17
CA ASN C 177 -1.96 5.31 5.06
C ASN C 177 -3.18 6.21 5.13
N PHE C 178 -4.11 5.90 6.03
CA PHE C 178 -5.20 6.82 6.33
C PHE C 178 -4.65 8.20 6.68
N TRP C 179 -3.50 8.22 7.34
CA TRP C 179 -2.89 9.47 7.79
C TRP C 179 -2.09 10.19 6.70
N TYR C 180 -2.09 9.70 5.44
N TYR C 180 -2.11 9.73 5.44
CA TYR C 180 -1.50 10.47 4.28
CA TYR C 180 -1.52 10.49 4.32
C TYR C 180 -2.38 11.66 3.83
C TYR C 180 -2.38 11.66 3.85
N GLN C 181 -3.68 11.66 4.17
CA GLN C 181 -4.63 12.48 3.50
C GLN C 181 -4.29 13.95 3.68
N PRO C 182 -4.06 14.73 2.62
CA PRO C 182 -3.84 16.16 2.80
C PRO C 182 -5.16 16.92 3.06
N SER C 183 -6.32 16.26 2.89
CA SER C 183 -7.53 17.01 3.11
C SER C 183 -8.67 16.12 3.60
N PHE C 184 -8.53 15.67 4.85
CA PHE C 184 -9.56 14.93 5.55
C PHE C 184 -10.58 15.91 6.11
N HIS C 185 -11.75 15.98 5.50
CA HIS C 185 -12.70 17.08 5.78
C HIS C 185 -11.98 18.43 5.85
N GLY C 186 -11.04 18.69 4.96
CA GLY C 186 -10.37 19.97 4.92
C GLY C 186 -9.12 20.09 5.78
N VAL C 187 -8.64 18.99 6.39
CA VAL C 187 -7.55 19.03 7.31
C VAL C 187 -6.43 18.15 6.81
N ASP C 188 -5.22 18.68 6.90
CA ASP C 188 -4.08 17.94 6.41
C ASP C 188 -3.52 17.08 7.56
N LEU C 189 -3.63 15.79 7.43
CA LEU C 189 -3.19 14.83 8.48
C LEU C 189 -1.78 14.29 8.22
N SER C 190 -1.17 14.65 7.09
CA SER C 190 -0.01 13.89 6.54
C SER C 190 1.22 13.97 7.45
N ALA C 191 1.32 15.00 8.29
CA ALA C 191 2.50 15.12 9.19
C ALA C 191 2.53 13.98 10.24
N LEU C 192 1.40 13.31 10.48
CA LEU C 192 1.34 12.21 11.45
C LEU C 192 1.47 10.85 10.78
N ARG C 193 1.61 10.79 9.48
CA ARG C 193 1.67 9.51 8.81
C ARG C 193 2.83 8.64 9.32
N GLY C 194 4.00 9.22 9.48
CA GLY C 194 5.14 8.53 10.04
C GLY C 194 4.83 7.90 11.38
N ALA C 195 4.21 8.68 12.28
CA ALA C 195 3.92 8.18 13.63
C ALA C 195 2.87 7.07 13.56
N ALA C 196 1.91 7.19 12.63
CA ALA C 196 0.87 6.20 12.47
C ALA C 196 1.45 4.86 12.02
N VAL C 197 2.36 4.91 11.06
CA VAL C 197 3.04 3.68 10.61
C VAL C 197 3.78 3.03 11.77
N ASP C 198 4.57 3.82 12.50
CA ASP C 198 5.29 3.34 13.68
C ASP C 198 4.32 2.59 14.58
N GLU C 199 3.18 3.21 14.89
CA GLU C 199 2.26 2.63 15.85
C GLU C 199 1.70 1.29 15.36
N TYR C 200 1.32 1.19 14.09
CA TYR C 200 0.71 -0.06 13.62
C TYR C 200 1.76 -1.18 13.56
N PHE C 201 2.98 -0.84 13.16
CA PHE C 201 4.03 -1.88 12.99
C PHE C 201 4.61 -2.28 14.33
N ARG C 202 4.34 -1.48 15.38
CA ARG C 202 4.69 -1.77 16.77
C ARG C 202 3.79 -2.90 17.32
N GLN C 203 2.69 -3.25 16.66
CA GLN C 203 1.78 -4.21 17.24
C GLN C 203 2.11 -5.60 16.72
N PRO C 204 2.42 -6.57 17.59
CA PRO C 204 2.58 -7.91 17.08
C PRO C 204 1.21 -8.45 16.64
N VAL C 205 1.25 -9.32 15.64
CA VAL C 205 0.07 -9.88 15.02
C VAL C 205 -0.13 -11.30 15.51
N VAL C 206 -1.24 -11.50 16.22
CA VAL C 206 -1.59 -12.75 16.83
C VAL C 206 -2.64 -13.37 15.93
N ASP C 207 -2.23 -14.43 15.22
CA ASP C 207 -3.13 -15.27 14.45
C ASP C 207 -2.32 -16.46 13.98
N THR C 208 -2.96 -17.33 13.20
CA THR C 208 -2.31 -18.49 12.65
C THR C 208 -2.07 -18.24 11.17
N PHE C 209 -1.33 -19.16 10.54
CA PHE C 209 -0.91 -19.06 9.17
C PHE C 209 -0.44 -20.43 8.69
N ASP C 210 -0.39 -20.59 7.38
CA ASP C 210 0.07 -21.78 6.75
C ASP C 210 1.60 -21.79 6.82
N ILE C 211 2.20 -22.93 7.12
CA ILE C 211 3.67 -23.02 7.28
C ILE C 211 4.44 -22.72 5.97
N ARG C 212 3.77 -22.70 4.83
CA ARG C 212 4.43 -22.40 3.56
C ARG C 212 4.99 -20.97 3.52
N ILE C 213 4.45 -20.04 4.32
CA ILE C 213 4.97 -18.67 4.34
C ILE C 213 6.36 -18.59 5.01
N LEU C 214 6.81 -19.66 5.67
CA LEU C 214 8.09 -19.61 6.38
C LEU C 214 9.21 -19.84 5.40
N MET C 215 10.24 -19.03 5.52
CA MET C 215 11.32 -19.00 4.54
C MET C 215 12.66 -19.61 5.03
N ALA C 216 12.70 -20.19 6.23
CA ALA C 216 13.88 -20.85 6.76
C ALA C 216 13.46 -21.70 7.94
N LYS C 217 14.27 -22.70 8.26
CA LYS C 217 14.12 -23.50 9.46
C LYS C 217 14.11 -22.55 10.66
N SER C 218 13.24 -22.84 11.65
CA SER C 218 13.19 -22.02 12.87
C SER C 218 14.51 -22.10 13.64
N VAL C 219 14.83 -21.00 14.34
CA VAL C 219 15.84 -20.97 15.40
C VAL C 219 15.12 -21.07 16.75
N LYS C 220 15.75 -21.79 17.68
CA LYS C 220 15.23 -22.19 18.96
C LYS C 220 16.01 -21.48 20.05
N TYR C 221 15.32 -20.86 21.01
CA TYR C 221 15.93 -20.33 22.23
C TYR C 221 15.22 -20.95 23.43
N THR C 222 15.97 -21.55 24.35
CA THR C 222 15.48 -22.42 25.39
C THR C 222 15.68 -21.78 26.75
N VAL C 223 14.63 -21.78 27.58
CA VAL C 223 14.68 -21.39 28.95
C VAL C 223 14.41 -22.64 29.78
N ASN C 224 15.34 -22.98 30.65
CA ASN C 224 15.21 -24.11 31.52
C ASN C 224 14.69 -23.57 32.86
N PHE C 225 13.46 -23.93 33.22
CA PHE C 225 12.81 -23.32 34.42
C PHE C 225 13.37 -23.88 35.73
N LEU C 226 13.91 -25.11 35.72
CA LEU C 226 14.61 -25.67 36.87
C LEU C 226 15.83 -24.82 37.28
N GLU C 227 16.48 -24.14 36.33
CA GLU C 227 17.75 -23.50 36.59
C GLU C 227 17.69 -21.97 36.47
N ALA C 228 16.73 -21.41 35.71
CA ALA C 228 16.69 -19.93 35.54
C ALA C 228 16.30 -19.21 36.86
N LYS C 229 16.79 -17.98 37.03
CA LYS C 229 16.47 -17.09 38.12
C LYS C 229 15.58 -15.98 37.56
N GLU C 230 14.72 -15.39 38.38
CA GLU C 230 13.74 -14.40 37.86
C GLU C 230 14.48 -13.29 37.08
N GLY C 231 15.63 -12.81 37.55
CA GLY C 231 16.30 -11.70 36.89
C GLY C 231 16.81 -12.06 35.50
N ASP C 232 16.89 -13.36 35.16
CA ASP C 232 17.29 -13.76 33.81
C ASP C 232 16.25 -13.33 32.77
N LEU C 233 15.01 -13.05 33.18
CA LEU C 233 13.97 -12.71 32.24
C LEU C 233 13.73 -11.21 32.14
N HIS C 234 14.55 -10.37 32.80
CA HIS C 234 14.42 -8.94 32.67
C HIS C 234 14.87 -8.50 31.28
N ARG C 235 15.84 -9.24 30.72
CA ARG C 235 16.47 -8.90 29.47
C ARG C 235 16.77 -10.19 28.74
N ILE C 236 16.08 -10.43 27.64
CA ILE C 236 16.24 -11.69 26.92
C ILE C 236 16.79 -11.37 25.53
N GLU C 237 17.99 -11.91 25.26
CA GLU C 237 18.73 -11.66 24.03
C GLU C 237 18.74 -12.96 23.20
N ILE C 238 18.10 -12.89 22.03
CA ILE C 238 17.97 -14.04 21.15
C ILE C 238 18.71 -13.75 19.83
N PRO C 239 19.95 -14.23 19.70
CA PRO C 239 20.68 -14.07 18.45
C PRO C 239 20.05 -15.05 17.46
N PHE C 240 20.13 -14.72 16.17
CA PHE C 240 19.64 -15.64 15.15
C PHE C 240 20.44 -15.50 13.86
N LYS C 241 20.54 -16.63 13.15
CA LYS C 241 21.23 -16.76 11.88
C LYS C 241 20.39 -17.72 11.05
N PHE C 242 19.57 -17.21 10.13
CA PHE C 242 18.75 -18.07 9.29
C PHE C 242 19.45 -18.34 7.97
N HIS C 243 19.41 -19.61 7.56
CA HIS C 243 19.84 -20.00 6.23
C HIS C 243 18.59 -20.00 5.32
N MET C 244 18.49 -18.97 4.49
CA MET C 244 17.26 -18.74 3.68
C MET C 244 17.06 -19.88 2.69
N LEU C 245 15.86 -20.49 2.69
CA LEU C 245 15.56 -21.64 1.83
C LEU C 245 14.77 -21.24 0.59
N HIS C 246 14.20 -20.05 0.59
CA HIS C 246 13.37 -19.54 -0.55
C HIS C 246 13.73 -18.07 -0.76
N SER C 247 13.62 -17.62 -1.99
CA SER C 247 13.86 -16.25 -2.33
C SER C 247 12.55 -15.47 -2.19
N GLY C 248 12.62 -14.22 -1.73
CA GLY C 248 11.42 -13.44 -1.60
C GLY C 248 11.64 -12.32 -0.64
N LEU C 249 10.57 -11.55 -0.41
CA LEU C 249 10.57 -10.47 0.55
C LEU C 249 10.26 -11.08 1.91
N VAL C 250 11.07 -10.72 2.90
CA VAL C 250 10.86 -11.09 4.28
C VAL C 250 10.11 -9.95 4.94
N HIS C 251 8.87 -10.22 5.34
CA HIS C 251 8.05 -9.21 5.90
C HIS C 251 8.16 -9.15 7.42
N GLY C 252 8.82 -10.15 8.01
CA GLY C 252 9.10 -10.13 9.44
C GLY C 252 9.46 -11.51 9.98
N LEU C 253 9.36 -11.66 11.31
CA LEU C 253 9.60 -12.92 11.97
C LEU C 253 8.33 -13.43 12.63
N ALA C 254 8.17 -14.75 12.60
CA ALA C 254 7.11 -15.46 13.27
C ALA C 254 7.66 -16.16 14.50
N PHE C 255 6.87 -16.13 15.57
CA PHE C 255 7.20 -16.72 16.83
C PHE C 255 6.13 -17.70 17.27
N TRP C 256 6.58 -18.78 17.87
CA TRP C 256 5.74 -19.69 18.58
C TRP C 256 6.57 -20.34 19.69
N PHE C 257 5.93 -21.17 20.50
CA PHE C 257 6.66 -21.80 21.60
C PHE C 257 6.09 -23.17 21.92
N ASP C 258 6.98 -23.98 22.49
CA ASP C 258 6.73 -25.30 23.00
C ASP C 258 7.11 -25.27 24.48
N VAL C 259 6.41 -26.05 25.32
CA VAL C 259 6.94 -26.34 26.67
C VAL C 259 6.98 -27.84 26.84
N ALA C 260 7.92 -28.30 27.64
CA ALA C 260 8.00 -29.72 27.92
C ALA C 260 7.81 -29.93 29.40
N PHE C 261 7.00 -30.92 29.72
CA PHE C 261 6.86 -31.44 31.04
C PHE C 261 7.74 -32.69 31.14
N ILE C 262 8.89 -32.53 31.78
CA ILE C 262 9.94 -33.60 31.83
C ILE C 262 9.73 -34.37 33.13
N GLY C 263 8.92 -35.42 33.02
CA GLY C 263 8.56 -36.23 34.17
C GLY C 263 9.51 -37.41 34.35
N SER C 264 9.35 -38.09 35.49
CA SER C 264 10.01 -39.37 35.79
C SER C 264 9.66 -40.48 34.79
N ILE C 265 8.40 -40.51 34.30
CA ILE C 265 7.96 -41.60 33.44
C ILE C 265 8.14 -41.21 31.98
N MET C 266 7.79 -39.97 31.65
CA MET C 266 7.88 -39.54 30.25
C MET C 266 7.83 -38.00 30.16
N THR C 267 8.24 -37.54 28.99
CA THR C 267 8.30 -36.17 28.69
C THR C 267 7.11 -35.88 27.80
N VAL C 268 6.28 -34.90 28.16
CA VAL C 268 5.13 -34.51 27.32
C VAL C 268 5.32 -33.08 26.90
N TRP C 269 5.09 -32.86 25.61
CA TRP C 269 5.28 -31.61 24.95
C TRP C 269 3.91 -30.96 24.71
N LEU C 270 3.81 -29.67 24.98
CA LEU C 270 2.71 -28.86 24.55
C LEU C 270 3.25 -27.87 23.54
N SER C 271 2.86 -28.01 22.27
CA SER C 271 3.39 -27.18 21.21
C SER C 271 2.34 -26.16 20.72
N THR C 272 2.78 -24.92 20.45
CA THR C 272 1.92 -23.95 19.77
C THR C 272 2.40 -23.63 18.35
N ALA C 273 3.22 -24.52 17.81
CA ALA C 273 3.76 -24.45 16.44
C ALA C 273 2.65 -24.44 15.41
N PRO C 274 2.86 -23.80 14.25
CA PRO C 274 1.88 -23.80 13.17
C PRO C 274 1.74 -25.15 12.45
N THR C 275 2.63 -26.11 12.71
CA THR C 275 2.46 -27.51 12.27
C THR C 275 1.50 -28.30 13.14
N GLU C 276 1.14 -27.78 14.31
CA GLU C 276 0.42 -28.53 15.32
C GLU C 276 -0.99 -27.98 15.46
N PRO C 277 -1.91 -28.74 16.06
CA PRO C 277 -3.28 -28.24 16.14
C PRO C 277 -3.35 -26.92 16.92
N LEU C 278 -4.28 -26.08 16.51
CA LEU C 278 -4.28 -24.72 16.93
C LEU C 278 -4.66 -24.60 18.41
N THR C 279 -3.99 -23.69 19.13
CA THR C 279 -4.30 -23.36 20.50
C THR C 279 -4.75 -21.90 20.59
N HIS C 280 -5.20 -21.48 21.78
CA HIS C 280 -5.67 -20.08 21.98
C HIS C 280 -4.46 -19.13 22.09
N TRP C 281 -3.23 -19.64 22.03
CA TRP C 281 -2.04 -18.80 21.90
C TRP C 281 -1.73 -18.45 20.44
N TYR C 282 -2.34 -19.15 19.49
CA TYR C 282 -2.11 -18.97 18.08
C TYR C 282 -0.59 -19.02 17.85
N GLN C 283 -0.12 -18.10 17.00
CA GLN C 283 1.24 -17.75 16.81
C GLN C 283 1.30 -16.23 16.73
N VAL C 284 2.52 -15.71 16.73
CA VAL C 284 2.75 -14.28 16.75
C VAL C 284 3.72 -13.85 15.66
N ARG C 285 3.37 -12.76 14.98
CA ARG C 285 4.24 -12.23 13.96
C ARG C 285 4.57 -10.77 14.24
N CYS C 286 5.86 -10.46 14.14
CA CYS C 286 6.38 -9.09 14.17
C CYS C 286 6.80 -8.68 12.76
N LEU C 287 6.06 -7.73 12.19
CA LEU C 287 6.31 -7.17 10.92
C LEU C 287 7.46 -6.17 10.96
N PHE C 288 8.21 -6.15 9.86
CA PHE C 288 9.19 -5.14 9.57
C PHE C 288 8.53 -4.03 8.78
N GLN C 289 8.91 -2.79 9.08
CA GLN C 289 8.26 -1.63 8.47
C GLN C 289 8.68 -1.58 7.01
N SER C 290 9.91 -2.00 6.74
CA SER C 290 10.33 -2.19 5.41
C SER C 290 10.86 -3.60 5.29
N PRO C 291 10.23 -4.40 4.43
CA PRO C 291 10.66 -5.75 4.22
C PRO C 291 12.08 -5.83 3.63
N LEU C 292 12.74 -6.97 3.83
CA LEU C 292 14.05 -7.17 3.30
C LEU C 292 13.97 -8.20 2.19
N PHE C 293 14.60 -7.90 1.05
CA PHE C 293 14.72 -8.90 0.00
C PHE C 293 15.90 -9.84 0.34
N ALA C 294 15.67 -11.15 0.16
CA ALA C 294 16.69 -12.15 0.36
C ALA C 294 16.56 -13.25 -0.70
N LYS C 295 17.72 -13.82 -1.08
CA LYS C 295 17.74 -14.92 -2.02
C LYS C 295 17.98 -16.22 -1.25
N ALA C 296 17.42 -17.33 -1.75
CA ALA C 296 17.74 -18.65 -1.26
C ALA C 296 19.27 -18.77 -1.11
N GLY C 297 19.75 -19.28 0.05
CA GLY C 297 21.21 -19.45 0.27
C GLY C 297 21.84 -18.28 1.02
N ASP C 298 21.17 -17.10 1.04
CA ASP C 298 21.59 -15.99 1.87
C ASP C 298 21.39 -16.30 3.37
N THR C 299 22.03 -15.48 4.21
CA THR C 299 21.92 -15.59 5.63
C THR C 299 21.26 -14.30 6.12
N LEU C 300 20.20 -14.45 6.92
CA LEU C 300 19.54 -13.35 7.59
C LEU C 300 19.87 -13.45 9.08
N SER C 301 20.61 -12.46 9.60
CA SER C 301 21.17 -12.53 10.93
C SER C 301 20.76 -11.30 11.72
N GLY C 302 20.76 -11.46 13.04
CA GLY C 302 20.48 -10.36 13.89
C GLY C 302 20.11 -10.80 15.27
N THR C 303 19.27 -9.98 15.89
CA THR C 303 18.99 -10.09 17.29
C THR C 303 17.54 -9.71 17.57
N CYS C 304 16.89 -10.55 18.37
CA CYS C 304 15.63 -10.23 18.97
C CYS C 304 15.90 -9.96 20.46
N LEU C 305 15.63 -8.74 20.92
CA LEU C 305 15.92 -8.34 22.30
C LEU C 305 14.62 -7.99 23.02
N LEU C 306 14.32 -8.70 24.12
CA LEU C 306 13.13 -8.45 24.88
C LEU C 306 13.54 -7.78 26.19
N ILE C 307 12.99 -6.61 26.43
CA ILE C 307 13.25 -5.87 27.64
C ILE C 307 11.94 -5.73 28.44
N ALA C 308 11.96 -6.28 29.66
CA ALA C 308 10.79 -6.33 30.52
C ALA C 308 10.44 -4.91 30.96
N ASN C 309 9.15 -4.57 30.89
CA ASN C 309 8.66 -3.26 31.33
C ASN C 309 7.75 -3.47 32.55
N LYS C 310 7.37 -2.38 33.16
CA LYS C 310 6.51 -2.42 34.35
C LYS C 310 5.03 -2.64 34.01
N ARG C 311 4.64 -2.73 32.73
CA ARG C 311 3.28 -3.09 32.32
C ARG C 311 3.15 -4.60 32.11
N GLN C 312 3.98 -5.40 32.78
CA GLN C 312 3.89 -6.86 32.72
C GLN C 312 4.05 -7.37 31.29
N SER C 313 4.90 -6.70 30.52
CA SER C 313 5.12 -7.10 29.16
C SER C 313 6.57 -6.79 28.80
N TYR C 314 6.82 -6.72 27.50
CA TYR C 314 8.15 -6.50 27.03
C TYR C 314 8.13 -5.51 25.87
N ASP C 315 9.15 -4.67 25.83
CA ASP C 315 9.55 -3.95 24.62
C ASP C 315 10.47 -4.87 23.81
N ILE C 316 10.14 -5.03 22.53
CA ILE C 316 10.76 -5.95 21.66
C ILE C 316 11.55 -5.13 20.66
N SER C 317 12.85 -5.43 20.56
CA SER C 317 13.65 -4.87 19.50
C SER C 317 14.11 -5.99 18.58
N ILE C 318 13.86 -5.81 17.29
CA ILE C 318 14.34 -6.75 16.32
C ILE C 318 15.19 -6.02 15.28
N VAL C 319 16.45 -6.46 15.18
CA VAL C 319 17.34 -5.96 14.18
C VAL C 319 17.75 -7.13 13.33
N ALA C 320 17.59 -6.96 12.01
CA ALA C 320 17.88 -8.03 11.13
C ALA C 320 18.60 -7.51 9.91
N GLN C 321 19.53 -8.30 9.38
CA GLN C 321 20.19 -7.92 8.17
C GLN C 321 20.38 -9.14 7.26
N VAL C 322 20.34 -8.87 5.96
CA VAL C 322 20.73 -9.85 4.96
C VAL C 322 22.23 -9.71 4.78
N ASP C 323 23.00 -10.73 5.19
CA ASP C 323 24.47 -10.55 5.26
C ASP C 323 25.03 -10.25 3.88
N GLN C 324 24.52 -10.91 2.84
CA GLN C 324 25.13 -10.80 1.51
C GLN C 324 24.96 -9.36 0.96
N THR C 325 23.93 -8.60 1.38
CA THR C 325 23.65 -7.31 0.80
C THR C 325 23.88 -6.13 1.75
N GLY C 326 23.98 -6.41 3.07
CA GLY C 326 24.04 -5.35 4.10
C GLY C 326 22.74 -4.58 4.31
N SER C 327 21.63 -5.12 3.79
CA SER C 327 20.30 -4.61 3.94
C SER C 327 19.83 -4.91 5.38
N LYS C 328 19.50 -3.87 6.16
CA LYS C 328 19.15 -3.88 7.58
C LYS C 328 17.70 -3.41 7.78
N SER C 329 17.04 -3.99 8.75
CA SER C 329 15.78 -3.51 9.28
C SER C 329 15.83 -3.56 10.82
N SER C 330 15.22 -2.53 11.43
CA SER C 330 15.16 -2.26 12.84
C SER C 330 13.72 -1.98 13.21
N ASN C 331 13.24 -2.61 14.27
CA ASN C 331 11.86 -2.55 14.62
C ASN C 331 11.71 -2.60 16.12
N LEU C 332 10.72 -1.88 16.62
CA LEU C 332 10.37 -1.87 18.07
C LEU C 332 8.93 -2.29 18.18
N LEU C 333 8.64 -3.33 18.95
CA LEU C 333 7.27 -3.74 19.13
C LEU C 333 6.91 -3.67 20.61
N ASP C 334 5.64 -3.38 20.83
CA ASP C 334 5.06 -3.29 22.15
C ASP C 334 4.14 -4.50 22.33
N LEU C 335 4.66 -5.51 23.03
CA LEU C 335 3.98 -6.78 23.16
C LEU C 335 2.70 -6.65 24.00
N LYS C 336 2.56 -5.60 24.78
CA LYS C 336 1.35 -5.33 25.53
C LYS C 336 0.13 -5.06 24.63
N ASN C 337 0.29 -4.41 23.48
CA ASN C 337 -0.83 -4.03 22.54
C ASN C 337 -0.84 -4.89 21.27
N PRO C 338 -1.07 -6.22 21.32
CA PRO C 338 -1.08 -7.01 20.10
C PRO C 338 -2.31 -6.76 19.24
N PHE C 339 -2.20 -7.00 17.94
CA PHE C 339 -3.34 -6.94 17.04
C PHE C 339 -3.87 -8.36 16.84
N PHE C 340 -5.10 -8.61 17.33
CA PHE C 340 -5.76 -9.92 17.25
C PHE C 340 -6.45 -10.01 15.91
N ARG C 341 -5.84 -10.70 14.95
CA ARG C 341 -6.31 -10.69 13.56
C ARG C 341 -7.29 -11.84 13.22
N TYR C 342 -7.32 -12.91 14.00
CA TYR C 342 -8.40 -13.94 13.87
C TYR C 342 -9.76 -13.35 14.27
N SER D 1 7.30 28.05 -38.78
CA SER D 1 5.84 27.92 -39.02
C SER D 1 5.12 27.85 -37.67
N VAL D 2 3.79 27.82 -37.71
CA VAL D 2 2.96 27.62 -36.51
C VAL D 2 3.37 26.29 -35.83
N PHE D 3 3.65 25.24 -36.62
CA PHE D 3 4.11 23.93 -36.10
C PHE D 3 5.45 24.01 -35.36
N SER D 4 6.51 24.51 -36.01
CA SER D 4 7.86 24.55 -35.36
C SER D 4 7.87 25.53 -34.15
N GLU D 5 7.00 26.55 -34.14
CA GLU D 5 6.99 27.53 -33.01
C GLU D 5 6.40 26.88 -31.72
N ARG D 6 5.42 25.98 -31.85
CA ARG D 6 4.75 25.31 -30.67
C ARG D 6 5.41 23.94 -30.33
N THR D 7 6.51 23.58 -31.02
CA THR D 7 7.10 22.20 -30.93
C THR D 7 8.65 22.18 -30.80
N GLU D 8 9.19 21.62 -29.71
CA GLU D 8 10.66 21.29 -29.58
C GLU D 8 11.06 20.36 -30.76
N GLU D 9 12.18 20.69 -31.42
CA GLU D 9 12.75 19.89 -32.53
C GLU D 9 12.85 18.41 -32.13
N SER D 10 13.41 18.20 -30.95
CA SER D 10 13.56 16.84 -30.37
C SER D 10 12.25 16.01 -30.31
N SER D 11 11.14 16.65 -29.93
CA SER D 11 9.82 16.01 -29.90
C SER D 11 9.34 15.69 -31.33
N ALA D 12 9.51 16.64 -32.26
CA ALA D 12 9.05 16.51 -33.70
C ALA D 12 9.80 15.37 -34.40
N VAL D 13 11.14 15.29 -34.23
CA VAL D 13 11.95 14.22 -34.84
C VAL D 13 11.43 12.86 -34.33
N GLN D 14 11.39 12.63 -33.02
CA GLN D 14 10.85 11.35 -32.44
C GLN D 14 9.44 11.07 -33.00
N TYR D 15 8.56 12.10 -33.04
CA TYR D 15 7.15 11.97 -33.46
C TYR D 15 7.02 11.48 -34.90
N PHE D 16 7.69 12.16 -35.84
CA PHE D 16 7.66 11.77 -37.27
C PHE D 16 8.47 10.48 -37.54
N GLN D 17 9.55 10.18 -36.78
CA GLN D 17 10.24 8.85 -36.94
C GLN D 17 9.21 7.76 -36.63
N PHE D 18 8.47 7.91 -35.51
CA PHE D 18 7.51 6.91 -35.03
C PHE D 18 6.43 6.62 -36.09
N TYR D 19 5.86 7.67 -36.68
CA TYR D 19 4.80 7.50 -37.72
C TYR D 19 5.35 7.08 -39.11
N GLY D 20 6.67 7.12 -39.27
CA GLY D 20 7.40 6.54 -40.41
C GLY D 20 7.42 5.01 -40.50
N TYR D 21 7.14 4.29 -39.44
CA TYR D 21 7.20 2.82 -39.47
C TYR D 21 5.89 2.24 -40.01
N LEU D 22 6.05 1.32 -40.97
CA LEU D 22 4.93 0.57 -41.47
C LEU D 22 4.29 -0.28 -40.35
N SER D 23 5.08 -0.78 -39.41
CA SER D 23 4.46 -1.57 -38.33
C SER D 23 3.43 -0.75 -37.53
N GLN D 24 3.71 0.54 -37.34
CA GLN D 24 2.82 1.41 -36.62
C GLN D 24 1.58 1.71 -37.46
N GLN D 25 1.73 1.94 -38.76
CA GLN D 25 0.57 2.08 -39.67
C GLN D 25 -0.32 0.82 -39.60
N GLN D 26 0.32 -0.35 -39.59
CA GLN D 26 -0.37 -1.62 -39.52
C GLN D 26 -1.18 -1.70 -38.21
N ASN D 27 -0.55 -1.31 -37.12
CA ASN D 27 -1.17 -1.37 -35.81
C ASN D 27 -2.47 -0.57 -35.88
N MET D 28 -2.42 0.59 -36.52
CA MET D 28 -3.61 1.45 -36.49
C MET D 28 -4.64 0.93 -37.49
N MET D 29 -4.20 0.44 -38.66
CA MET D 29 -5.13 -0.06 -39.61
C MET D 29 -5.87 -1.29 -39.06
N GLN D 30 -5.20 -2.14 -38.27
CA GLN D 30 -5.82 -3.40 -37.71
C GLN D 30 -6.87 -3.09 -36.61
N ASP D 31 -6.93 -1.87 -36.07
CA ASP D 31 -8.01 -1.47 -35.20
C ASP D 31 -9.27 -1.35 -36.05
N TYR D 32 -10.06 -2.40 -36.06
CA TYR D 32 -11.15 -2.52 -36.95
C TYR D 32 -12.19 -1.44 -36.62
N VAL D 33 -12.36 -1.10 -35.37
CA VAL D 33 -13.36 -0.11 -35.00
C VAL D 33 -12.98 1.23 -35.64
N ARG D 34 -11.69 1.60 -35.53
CA ARG D 34 -11.17 2.85 -36.06
CA ARG D 34 -11.22 2.87 -36.07
C ARG D 34 -11.39 2.84 -37.58
N THR D 35 -10.87 1.82 -38.24
CA THR D 35 -10.80 1.86 -39.68
C THR D 35 -12.19 1.71 -40.31
N GLY D 36 -12.97 0.79 -39.76
CA GLY D 36 -14.32 0.46 -40.24
C GLY D 36 -15.27 1.62 -40.03
N THR D 37 -15.11 2.35 -38.92
CA THR D 37 -15.96 3.46 -38.64
C THR D 37 -15.63 4.66 -39.54
N TYR D 38 -14.35 4.92 -39.77
CA TYR D 38 -13.98 5.95 -40.76
C TYR D 38 -14.56 5.62 -42.14
N GLN D 39 -14.42 4.35 -42.55
CA GLN D 39 -14.93 3.97 -43.86
C GLN D 39 -16.46 4.17 -43.91
N ARG D 40 -17.19 3.73 -42.89
N ARG D 40 -17.15 3.85 -42.79
CA ARG D 40 -18.66 3.87 -42.82
CA ARG D 40 -18.58 3.89 -42.72
C ARG D 40 -19.02 5.36 -42.89
C ARG D 40 -19.00 5.35 -42.88
N ALA D 41 -18.35 6.21 -42.11
CA ALA D 41 -18.61 7.64 -42.08
C ALA D 41 -18.47 8.29 -43.43
N ILE D 42 -17.41 7.92 -44.14
CA ILE D 42 -17.13 8.49 -45.43
C ILE D 42 -18.08 7.89 -46.48
N LEU D 43 -18.18 6.57 -46.56
CA LEU D 43 -19.03 5.93 -47.63
C LEU D 43 -20.53 6.21 -47.44
N GLN D 44 -21.07 6.19 -46.22
CA GLN D 44 -22.50 6.47 -46.02
C GLN D 44 -22.82 7.94 -46.31
N ASN D 45 -21.80 8.83 -46.29
CA ASN D 45 -21.93 10.24 -46.62
C ASN D 45 -21.21 10.52 -47.95
N HIS D 46 -21.47 9.68 -48.97
CA HIS D 46 -20.86 9.77 -50.28
C HIS D 46 -21.14 11.12 -50.94
N THR D 47 -22.31 11.68 -50.65
CA THR D 47 -22.75 12.99 -51.14
C THR D 47 -21.81 14.11 -50.68
N ASP D 48 -21.19 13.96 -49.50
CA ASP D 48 -20.22 14.96 -49.02
C ASP D 48 -18.86 14.82 -49.73
N PHE D 49 -18.69 13.77 -50.55
CA PHE D 49 -17.45 13.58 -51.28
C PHE D 49 -17.62 13.60 -52.81
N LYS D 50 -18.76 13.15 -53.35
CA LYS D 50 -18.98 13.00 -54.83
C LYS D 50 -18.56 14.28 -55.54
N ASP D 51 -17.53 14.20 -56.38
CA ASP D 51 -17.05 15.32 -57.25
C ASP D 51 -16.48 16.49 -56.42
N LYS D 52 -16.10 16.24 -55.16
CA LYS D 52 -15.58 17.30 -54.31
C LYS D 52 -14.04 17.26 -54.25
N ILE D 53 -13.48 18.36 -53.74
CA ILE D 53 -12.08 18.51 -53.47
C ILE D 53 -11.88 18.26 -51.97
N VAL D 54 -10.85 17.49 -51.63
CA VAL D 54 -10.68 16.99 -50.28
C VAL D 54 -9.25 17.23 -49.80
N LEU D 55 -9.08 17.58 -48.53
CA LEU D 55 -7.78 17.62 -47.90
C LEU D 55 -7.74 16.53 -46.82
N ASP D 56 -6.69 15.69 -46.88
CA ASP D 56 -6.41 14.67 -45.82
C ASP D 56 -5.18 15.09 -45.02
N VAL D 57 -5.41 15.47 -43.77
CA VAL D 57 -4.36 16.02 -42.98
C VAL D 57 -3.68 14.85 -42.26
N GLY D 58 -2.42 14.60 -42.61
CA GLY D 58 -1.66 13.57 -42.00
C GLY D 58 -2.15 12.21 -42.46
N CYS D 59 -2.04 11.94 -43.76
CA CYS D 59 -2.68 10.79 -44.39
C CYS D 59 -2.02 9.45 -44.06
N GLY D 60 -0.79 9.46 -43.54
CA GLY D 60 -0.09 8.23 -43.24
C GLY D 60 0.02 7.42 -44.52
N SER D 61 -0.44 6.16 -44.45
CA SER D 61 -0.49 5.21 -45.57
C SER D 61 -1.40 5.70 -46.68
N GLY D 62 -2.34 6.59 -46.38
CA GLY D 62 -3.23 7.13 -47.38
C GLY D 62 -4.64 6.62 -47.25
N ILE D 63 -4.90 5.77 -46.26
CA ILE D 63 -6.13 4.98 -46.21
C ILE D 63 -7.40 5.84 -46.34
N LEU D 64 -7.42 6.99 -45.67
CA LEU D 64 -8.69 7.79 -45.65
C LEU D 64 -8.90 8.42 -47.03
N SER D 65 -7.78 8.79 -47.69
CA SER D 65 -7.86 9.30 -49.04
C SER D 65 -8.45 8.26 -49.98
N PHE D 66 -8.06 6.99 -49.82
CA PHE D 66 -8.67 5.95 -50.61
C PHE D 66 -10.15 5.85 -50.33
N PHE D 67 -10.57 6.01 -49.07
CA PHE D 67 -11.98 6.01 -48.80
C PHE D 67 -12.68 7.22 -49.47
N ALA D 68 -12.10 8.39 -49.40
CA ALA D 68 -12.66 9.56 -50.09
C ALA D 68 -12.81 9.30 -51.60
N ALA D 69 -11.82 8.63 -52.19
CA ALA D 69 -11.83 8.24 -53.58
C ALA D 69 -12.96 7.24 -53.88
N GLN D 70 -13.13 6.22 -53.04
CA GLN D 70 -14.21 5.23 -53.24
C GLN D 70 -15.60 5.95 -53.23
N ALA D 71 -15.71 7.05 -52.48
CA ALA D 71 -16.94 7.85 -52.35
C ALA D 71 -17.15 8.86 -53.49
N GLY D 72 -16.17 9.00 -54.38
CA GLY D 72 -16.33 9.75 -55.64
C GLY D 72 -15.64 11.13 -55.68
N ALA D 73 -14.74 11.43 -54.71
CA ALA D 73 -14.04 12.70 -54.73
C ALA D 73 -13.35 12.89 -56.09
N ARG D 74 -13.37 14.13 -56.58
CA ARG D 74 -12.68 14.46 -57.82
C ARG D 74 -11.19 14.59 -57.55
N LYS D 75 -10.82 15.25 -56.44
CA LYS D 75 -9.42 15.42 -56.14
C LYS D 75 -9.24 15.44 -54.62
N ILE D 76 -8.16 14.78 -54.18
CA ILE D 76 -7.81 14.65 -52.78
C ILE D 76 -6.34 15.00 -52.62
N TYR D 77 -6.03 15.98 -51.80
CA TYR D 77 -4.68 16.34 -51.50
C TYR D 77 -4.36 15.70 -50.16
N ALA D 78 -3.37 14.83 -50.16
CA ALA D 78 -3.05 14.08 -49.02
C ALA D 78 -1.71 14.55 -48.49
N VAL D 79 -1.75 15.26 -47.36
CA VAL D 79 -0.59 15.86 -46.76
C VAL D 79 -0.04 14.96 -45.64
N GLU D 80 1.26 14.77 -45.68
CA GLU D 80 1.94 13.88 -44.73
C GLU D 80 3.41 14.29 -44.61
N ALA D 81 3.86 14.43 -43.36
CA ALA D 81 5.15 15.05 -43.03
C ALA D 81 6.21 13.98 -42.75
N SER D 82 5.80 12.76 -42.44
CA SER D 82 6.74 11.66 -42.22
C SER D 82 7.13 11.01 -43.55
N THR D 83 8.17 10.16 -43.50
CA THR D 83 8.64 9.37 -44.63
C THR D 83 7.56 8.39 -45.14
N MET D 84 6.48 8.19 -44.39
CA MET D 84 5.27 7.46 -44.83
C MET D 84 4.65 8.05 -46.10
N ALA D 85 4.95 9.31 -46.43
CA ALA D 85 4.44 9.92 -47.69
C ALA D 85 4.86 9.13 -48.92
N GLN D 86 6.08 8.61 -48.90
CA GLN D 86 6.65 7.89 -50.03
C GLN D 86 5.86 6.57 -50.23
N HIS D 87 5.54 5.90 -49.13
CA HIS D 87 4.80 4.66 -49.16
C HIS D 87 3.36 4.94 -49.60
N ALA D 88 2.78 6.06 -49.15
CA ALA D 88 1.46 6.45 -49.63
C ALA D 88 1.47 6.63 -51.15
N GLU D 89 2.52 7.25 -51.66
CA GLU D 89 2.65 7.45 -53.13
C GLU D 89 2.69 6.10 -53.87
N VAL D 90 3.50 5.14 -53.39
CA VAL D 90 3.51 3.83 -53.97
C VAL D 90 2.09 3.26 -54.01
N LEU D 91 1.31 3.34 -52.94
CA LEU D 91 -0.05 2.77 -52.97
C LEU D 91 -0.98 3.51 -53.93
N VAL D 92 -0.82 4.81 -54.05
CA VAL D 92 -1.68 5.54 -54.98
C VAL D 92 -1.43 5.05 -56.43
N LYS D 93 -0.17 4.80 -56.79
CA LYS D 93 0.16 4.30 -58.13
C LYS D 93 -0.32 2.86 -58.28
N SER D 94 -0.13 1.99 -57.26
CA SER D 94 -0.48 0.61 -57.45
C SER D 94 -2.01 0.45 -57.42
N ASN D 95 -2.75 1.39 -56.87
CA ASN D 95 -4.21 1.31 -56.95
C ASN D 95 -4.80 2.15 -58.08
N ASN D 96 -3.95 2.73 -58.95
CA ASN D 96 -4.38 3.39 -60.18
C ASN D 96 -5.27 4.59 -59.87
N LEU D 97 -4.78 5.44 -58.96
CA LEU D 97 -5.56 6.54 -58.44
C LEU D 97 -4.77 7.85 -58.48
N THR D 98 -3.76 7.89 -59.36
CA THR D 98 -2.89 9.07 -59.54
C THR D 98 -3.68 10.26 -60.12
N ASP D 99 -4.81 10.00 -60.77
CA ASP D 99 -5.68 11.08 -61.30
C ASP D 99 -6.49 11.74 -60.16
N ARG D 100 -6.59 11.07 -59.00
CA ARG D 100 -7.49 11.54 -57.95
CA ARG D 100 -7.50 11.50 -57.94
C ARG D 100 -6.80 11.83 -56.62
N ILE D 101 -5.67 11.17 -56.29
CA ILE D 101 -5.03 11.40 -55.01
C ILE D 101 -3.66 11.93 -55.27
N VAL D 102 -3.37 13.07 -54.67
CA VAL D 102 -2.13 13.75 -54.84
C VAL D 102 -1.49 13.87 -53.47
N VAL D 103 -0.37 13.19 -53.30
CA VAL D 103 0.33 13.26 -52.06
C VAL D 103 1.19 14.52 -52.10
N ILE D 104 1.16 15.26 -51.00
CA ILE D 104 1.95 16.48 -50.80
C ILE D 104 2.79 16.29 -49.56
N PRO D 105 4.10 16.03 -49.69
CA PRO D 105 4.96 15.83 -48.52
C PRO D 105 5.16 17.12 -47.74
N GLY D 106 5.12 17.05 -46.40
CA GLY D 106 5.43 18.18 -45.57
C GLY D 106 4.37 18.43 -44.52
N LYS D 107 4.60 19.44 -43.67
CA LYS D 107 3.70 19.79 -42.57
C LYS D 107 2.55 20.61 -43.14
N VAL D 108 1.31 20.39 -42.66
CA VAL D 108 0.15 21.10 -43.25
C VAL D 108 0.24 22.61 -42.99
N GLU D 109 1.03 22.98 -41.99
CA GLU D 109 1.34 24.34 -41.63
C GLU D 109 2.34 24.99 -42.61
N GLU D 110 3.01 24.24 -43.48
CA GLU D 110 4.15 24.75 -44.30
C GLU D 110 3.91 24.64 -45.81
N VAL D 111 3.09 23.72 -46.24
CA VAL D 111 2.94 23.41 -47.66
C VAL D 111 2.03 24.40 -48.37
N SER D 112 2.00 24.36 -49.70
CA SER D 112 1.10 25.18 -50.55
C SER D 112 0.16 24.27 -51.32
N LEU D 113 -1.15 24.54 -51.25
CA LEU D 113 -2.10 23.75 -52.03
C LEU D 113 -2.56 24.62 -53.19
N PRO D 114 -2.88 24.02 -54.33
CA PRO D 114 -3.27 24.80 -55.47
C PRO D 114 -4.69 25.37 -55.38
N GLU D 115 -5.54 24.79 -54.51
CA GLU D 115 -6.91 25.28 -54.40
C GLU D 115 -7.45 25.06 -52.97
N GLN D 116 -8.57 25.71 -52.68
CA GLN D 116 -9.32 25.52 -51.49
C GLN D 116 -10.12 24.24 -51.64
N VAL D 117 -10.53 23.65 -50.52
CA VAL D 117 -11.13 22.32 -50.49
C VAL D 117 -12.54 22.40 -49.88
N ASP D 118 -13.36 21.41 -50.25
CA ASP D 118 -14.76 21.34 -49.84
C ASP D 118 -14.89 20.66 -48.46
N ILE D 119 -13.91 19.81 -48.12
CA ILE D 119 -13.98 18.99 -46.94
C ILE D 119 -12.60 18.55 -46.50
N ILE D 120 -12.39 18.54 -45.17
CA ILE D 120 -11.15 18.09 -44.59
C ILE D 120 -11.45 16.82 -43.84
N ILE D 121 -10.56 15.83 -43.98
CA ILE D 121 -10.60 14.60 -43.25
C ILE D 121 -9.26 14.36 -42.56
N SER D 122 -9.32 13.69 -41.40
CA SER D 122 -8.13 13.46 -40.61
C SER D 122 -8.46 12.52 -39.47
N GLU D 123 -7.41 11.95 -38.91
CA GLU D 123 -7.47 11.28 -37.63
C GLU D 123 -6.50 11.95 -36.65
N PRO D 124 -6.89 13.11 -36.10
CA PRO D 124 -6.01 13.85 -35.20
C PRO D 124 -6.07 13.44 -33.71
N MET D 125 -6.93 12.50 -33.34
CA MET D 125 -7.18 12.21 -31.95
C MET D 125 -6.04 11.38 -31.37
N GLY D 126 -5.49 11.84 -30.25
CA GLY D 126 -4.60 11.04 -29.41
C GLY D 126 -5.30 10.56 -28.15
N TYR D 127 -4.53 9.97 -27.22
CA TYR D 127 -5.03 9.58 -25.93
C TYR D 127 -5.73 10.78 -25.32
N MET D 128 -6.89 10.51 -24.71
CA MET D 128 -7.68 11.54 -24.04
C MET D 128 -8.08 12.61 -25.05
N LEU D 129 -8.11 12.22 -26.33
CA LEU D 129 -8.42 13.09 -27.48
C LEU D 129 -7.27 14.04 -27.84
N PHE D 130 -6.73 14.78 -26.88
CA PHE D 130 -5.87 15.91 -27.16
C PHE D 130 -4.38 15.57 -27.28
N ASN D 131 -3.93 14.43 -26.75
CA ASN D 131 -2.51 14.12 -26.78
C ASN D 131 -2.04 14.13 -28.24
N GLU D 132 -0.79 14.56 -28.42
CA GLU D 132 -0.08 14.72 -29.74
C GLU D 132 -0.32 16.11 -30.37
N ARG D 133 -1.37 16.83 -29.88
CA ARG D 133 -1.67 18.18 -30.33
C ARG D 133 -1.77 18.22 -31.85
N MET D 134 -2.31 17.15 -32.45
CA MET D 134 -2.51 17.13 -33.81
C MET D 134 -3.87 17.80 -34.12
N LEU D 135 -4.74 17.93 -33.14
CA LEU D 135 -5.94 18.72 -33.39
C LEU D 135 -5.64 20.13 -33.85
N GLU D 136 -4.54 20.69 -33.40
CA GLU D 136 -4.16 22.04 -33.83
C GLU D 136 -3.81 22.08 -35.34
N SER D 137 -3.10 21.05 -35.83
CA SER D 137 -2.78 20.95 -37.24
C SER D 137 -4.08 20.81 -38.01
N TYR D 138 -5.02 20.04 -37.48
CA TYR D 138 -6.31 19.83 -38.13
C TYR D 138 -7.07 21.15 -38.23
N LEU D 139 -7.03 21.96 -37.18
CA LEU D 139 -7.76 23.21 -37.18
C LEU D 139 -7.04 24.27 -38.05
N HIS D 140 -5.72 24.33 -37.95
CA HIS D 140 -4.91 25.16 -38.79
C HIS D 140 -5.24 24.97 -40.27
N ALA D 141 -5.54 23.72 -40.63
CA ALA D 141 -5.83 23.37 -42.02
C ALA D 141 -7.13 24.01 -42.50
N LYS D 142 -7.96 24.58 -41.61
CA LYS D 142 -9.17 25.28 -42.04
C LYS D 142 -8.86 26.49 -42.90
N LYS D 143 -7.62 26.99 -42.87
CA LYS D 143 -7.24 28.04 -43.79
C LYS D 143 -7.42 27.61 -45.27
N TYR D 144 -7.48 26.30 -45.57
CA TYR D 144 -7.69 25.82 -46.93
C TYR D 144 -9.15 25.44 -47.18
N LEU D 145 -10.01 25.63 -46.20
CA LEU D 145 -11.40 25.20 -46.28
C LEU D 145 -12.26 26.30 -46.89
N LYS D 146 -13.02 25.94 -47.93
CA LYS D 146 -14.03 26.85 -48.48
C LYS D 146 -15.03 27.22 -47.39
N PRO D 147 -15.59 28.43 -47.47
CA PRO D 147 -16.73 28.80 -46.63
C PRO D 147 -17.79 27.68 -46.69
N SER D 148 -18.26 27.27 -45.53
CA SER D 148 -19.29 26.23 -45.41
C SER D 148 -18.75 24.83 -45.76
N GLY D 149 -17.42 24.67 -45.79
CA GLY D 149 -16.84 23.34 -45.91
C GLY D 149 -17.01 22.53 -44.64
N ASN D 150 -16.89 21.21 -44.77
CA ASN D 150 -17.14 20.30 -43.70
C ASN D 150 -15.81 19.74 -43.16
N MET D 151 -15.91 19.09 -42.02
CA MET D 151 -14.79 18.45 -41.42
C MET D 151 -15.25 17.10 -40.91
N PHE D 152 -14.37 16.10 -41.12
CA PHE D 152 -14.57 14.75 -40.76
C PHE D 152 -13.32 14.27 -40.03
N PRO D 153 -13.39 14.22 -38.68
CA PRO D 153 -14.56 14.41 -37.85
C PRO D 153 -14.97 15.86 -37.60
N THR D 154 -16.24 16.04 -37.26
CA THR D 154 -16.86 17.35 -37.15
C THR D 154 -16.75 17.88 -35.72
N ILE D 155 -17.04 17.02 -34.74
CA ILE D 155 -16.98 17.44 -33.35
C ILE D 155 -16.30 16.33 -32.55
N GLY D 156 -15.73 16.69 -31.40
CA GLY D 156 -15.20 15.75 -30.40
C GLY D 156 -15.80 16.03 -29.01
N ASP D 157 -16.24 14.97 -28.31
CA ASP D 157 -16.69 15.04 -26.94
C ASP D 157 -15.69 14.30 -26.08
N VAL D 158 -15.08 15.02 -25.13
CA VAL D 158 -14.42 14.37 -24.02
C VAL D 158 -15.39 14.09 -22.89
N HIS D 159 -15.31 12.86 -22.35
CA HIS D 159 -16.07 12.42 -21.18
C HIS D 159 -15.12 12.20 -20.01
N LEU D 160 -15.49 12.70 -18.83
CA LEU D 160 -14.80 12.44 -17.59
C LEU D 160 -15.80 11.89 -16.55
N ALA D 161 -15.30 11.02 -15.67
CA ALA D 161 -16.12 10.52 -14.60
C ALA D 161 -15.23 10.03 -13.48
N PRO D 162 -15.65 10.18 -12.22
CA PRO D 162 -14.88 9.69 -11.09
C PRO D 162 -14.95 8.17 -11.03
N PHE D 163 -13.87 7.53 -10.60
CA PHE D 163 -13.85 6.09 -10.48
C PHE D 163 -13.25 5.63 -9.15
N THR D 164 -13.55 4.37 -8.81
CA THR D 164 -12.94 3.68 -7.68
C THR D 164 -12.23 2.44 -8.20
N ASP D 165 -10.97 2.25 -7.84
CA ASP D 165 -10.21 1.10 -8.28
C ASP D 165 -9.02 0.95 -7.37
N GLU D 166 -9.28 0.26 -6.29
CA GLU D 166 -8.37 0.08 -5.20
C GLU D 166 -7.13 -0.68 -5.69
N GLN D 167 -7.30 -1.70 -6.55
CA GLN D 167 -6.18 -2.51 -7.02
C GLN D 167 -5.25 -1.62 -7.88
N LEU D 168 -5.80 -0.72 -8.70
CA LEU D 168 -4.99 0.17 -9.53
C LEU D 168 -4.19 1.12 -8.64
N TYR D 169 -4.87 1.70 -7.65
CA TYR D 169 -4.25 2.63 -6.75
C TYR D 169 -3.06 1.94 -6.06
N MET D 170 -3.25 0.70 -5.63
CA MET D 170 -2.27 0.05 -4.81
C MET D 170 -1.08 -0.42 -5.65
N GLU D 171 -1.32 -0.81 -6.88
CA GLU D 171 -0.25 -1.16 -7.82
C GLU D 171 0.78 0.01 -7.91
N GLN D 172 0.23 1.22 -8.11
CA GLN D 172 1.07 2.39 -8.33
C GLN D 172 1.74 2.84 -7.02
N PHE D 173 1.03 2.70 -5.92
CA PHE D 173 1.53 3.09 -4.64
C PHE D 173 2.62 2.12 -4.20
N THR D 174 2.37 0.84 -4.49
CA THR D 174 3.29 -0.21 -4.15
C THR D 174 4.60 -0.01 -4.89
N LYS D 175 4.56 0.34 -6.17
CA LYS D 175 5.75 0.64 -6.95
C LYS D 175 6.48 1.83 -6.36
N ALA D 176 5.78 2.91 -5.99
CA ALA D 176 6.52 4.05 -5.43
C ALA D 176 7.16 3.72 -4.08
N ASN D 177 6.56 2.80 -3.33
CA ASN D 177 6.97 2.55 -1.96
C ASN D 177 8.31 1.80 -1.93
N PHE D 178 8.80 1.40 -3.10
CA PHE D 178 10.17 0.95 -3.21
C PHE D 178 11.14 1.98 -2.61
N TRP D 179 10.81 3.27 -2.77
CA TRP D 179 11.65 4.34 -2.31
C TRP D 179 11.46 4.64 -0.83
N TYR D 180 10.63 3.87 -0.07
CA TYR D 180 10.62 3.97 1.40
C TYR D 180 11.82 3.32 2.10
N GLN D 181 12.55 2.45 1.42
CA GLN D 181 13.44 1.53 2.08
C GLN D 181 14.52 2.28 2.81
N PRO D 182 14.67 2.16 4.14
CA PRO D 182 15.80 2.78 4.81
C PRO D 182 17.11 2.00 4.58
N SER D 183 17.03 0.78 4.01
CA SER D 183 18.30 0.09 3.80
C SER D 183 18.30 -0.83 2.59
N PHE D 184 18.29 -0.20 1.42
CA PHE D 184 18.40 -0.88 0.15
C PHE D 184 19.88 -1.17 -0.14
N HIS D 185 20.30 -2.43 -0.01
CA HIS D 185 21.73 -2.76 -0.01
C HIS D 185 22.53 -1.76 0.84
N GLY D 186 21.99 -1.40 2.02
CA GLY D 186 22.69 -0.55 2.95
C GLY D 186 22.52 0.94 2.71
N VAL D 187 21.58 1.36 1.86
CA VAL D 187 21.40 2.75 1.51
C VAL D 187 19.99 3.15 1.83
N ASP D 188 19.88 4.33 2.44
CA ASP D 188 18.60 4.84 2.79
C ASP D 188 18.05 5.66 1.61
N LEU D 189 17.00 5.17 0.99
CA LEU D 189 16.42 5.82 -0.19
C LEU D 189 15.23 6.74 0.18
N SER D 190 14.82 6.75 1.45
CA SER D 190 13.50 7.24 1.85
C SER D 190 13.32 8.74 1.58
N ALA D 191 14.41 9.51 1.50
CA ALA D 191 14.32 10.94 1.18
C ALA D 191 13.68 11.20 -0.21
N LEU D 192 13.72 10.20 -1.11
CA LEU D 192 13.20 10.37 -2.47
C LEU D 192 11.81 9.78 -2.62
N ARG D 193 11.23 9.25 -1.56
CA ARG D 193 9.95 8.61 -1.65
C ARG D 193 8.87 9.58 -2.15
N GLY D 194 8.83 10.80 -1.63
CA GLY D 194 7.87 11.76 -2.06
C GLY D 194 7.98 12.02 -3.56
N ALA D 195 9.22 12.16 -4.07
CA ALA D 195 9.41 12.44 -5.48
C ALA D 195 8.99 11.23 -6.32
N ALA D 196 9.22 10.03 -5.82
CA ALA D 196 8.87 8.83 -6.54
C ALA D 196 7.34 8.70 -6.67
N VAL D 197 6.62 8.97 -5.58
CA VAL D 197 5.18 8.96 -5.63
C VAL D 197 4.67 10.00 -6.62
N ASP D 198 5.19 11.22 -6.56
CA ASP D 198 4.84 12.28 -7.53
C ASP D 198 5.00 11.74 -8.95
N GLU D 199 6.14 11.10 -9.23
CA GLU D 199 6.41 10.69 -10.60
C GLU D 199 5.40 9.63 -11.05
N TYR D 200 5.07 8.64 -10.21
CA TYR D 200 4.20 7.58 -10.67
C TYR D 200 2.77 8.11 -10.84
N PHE D 201 2.35 8.98 -9.94
CA PHE D 201 0.95 9.47 -9.96
C PHE D 201 0.79 10.53 -11.04
N ARG D 202 1.91 11.07 -11.56
CA ARG D 202 1.88 11.96 -12.74
C ARG D 202 1.59 11.17 -14.03
N GLN D 203 1.65 9.83 -14.03
CA GLN D 203 1.50 9.07 -15.25
C GLN D 203 0.05 8.68 -15.43
N PRO D 204 -0.60 9.09 -16.54
CA PRO D 204 -1.96 8.61 -16.76
C PRO D 204 -1.88 7.12 -17.09
N VAL D 205 -2.94 6.40 -16.70
CA VAL D 205 -3.02 4.99 -16.86
C VAL D 205 -3.92 4.68 -18.04
N VAL D 206 -3.31 4.09 -19.06
CA VAL D 206 -3.96 3.82 -20.33
C VAL D 206 -4.23 2.33 -20.33
N ASP D 207 -5.50 1.98 -20.19
CA ASP D 207 -6.01 0.63 -20.26
C ASP D 207 -7.53 0.74 -20.23
N THR D 208 -8.18 -0.41 -20.23
CA THR D 208 -9.63 -0.45 -20.16
C THR D 208 -10.03 -0.91 -18.76
N PHE D 209 -11.34 -0.87 -18.50
CA PHE D 209 -11.88 -1.20 -17.20
C PHE D 209 -13.37 -1.46 -17.35
N ASP D 210 -13.93 -2.16 -16.38
CA ASP D 210 -15.35 -2.42 -16.33
C ASP D 210 -16.04 -1.14 -15.86
N ILE D 211 -17.16 -0.80 -16.48
CA ILE D 211 -17.92 0.44 -16.20
C ILE D 211 -18.44 0.50 -14.76
N ARG D 212 -18.48 -0.62 -14.06
CA ARG D 212 -18.97 -0.65 -12.67
C ARG D 212 -18.10 0.19 -11.73
N ILE D 213 -16.83 0.43 -12.07
CA ILE D 213 -15.96 1.23 -11.22
C ILE D 213 -16.36 2.72 -11.26
N LEU D 214 -17.22 3.14 -12.19
CA LEU D 214 -17.57 4.57 -12.32
C LEU D 214 -18.62 4.92 -11.29
N MET D 215 -18.41 6.05 -10.63
CA MET D 215 -19.19 6.44 -9.50
C MET D 215 -20.16 7.62 -9.75
N ALA D 216 -20.28 8.10 -10.99
CA ALA D 216 -21.23 9.12 -11.36
C ALA D 216 -21.32 9.12 -12.88
N LYS D 217 -22.40 9.69 -13.39
CA LYS D 217 -22.61 9.94 -14.79
C LYS D 217 -21.43 10.77 -15.26
N SER D 218 -20.94 10.50 -16.47
CA SER D 218 -19.88 11.33 -17.07
C SER D 218 -20.34 12.78 -17.32
N VAL D 219 -19.39 13.71 -17.24
CA VAL D 219 -19.54 15.07 -17.74
C VAL D 219 -18.83 15.16 -19.10
N LYS D 220 -19.45 15.89 -20.03
CA LYS D 220 -19.14 15.97 -21.44
C LYS D 220 -18.58 17.37 -21.72
N TYR D 221 -17.42 17.44 -22.39
CA TYR D 221 -16.87 18.72 -22.86
C TYR D 221 -16.66 18.59 -24.38
N THR D 222 -17.22 19.53 -25.14
CA THR D 222 -17.37 19.43 -26.55
C THR D 222 -16.50 20.48 -27.24
N VAL D 223 -15.74 20.03 -28.24
CA VAL D 223 -15.02 20.88 -29.15
C VAL D 223 -15.69 20.72 -30.50
N ASN D 224 -16.16 21.83 -31.07
CA ASN D 224 -16.75 21.82 -32.37
C ASN D 224 -15.63 22.24 -33.33
N PHE D 225 -15.20 21.32 -34.21
CA PHE D 225 -13.98 21.59 -35.04
C PHE D 225 -14.31 22.58 -36.18
N LEU D 226 -15.57 22.66 -36.62
CA LEU D 226 -16.02 23.70 -37.57
C LEU D 226 -15.71 25.10 -37.06
N GLU D 227 -15.80 25.34 -35.75
CA GLU D 227 -15.75 26.72 -35.23
C GLU D 227 -14.51 26.99 -34.35
N ALA D 228 -13.88 25.96 -33.76
CA ALA D 228 -12.68 26.19 -32.93
C ALA D 228 -11.47 26.72 -33.74
N LYS D 229 -10.62 27.50 -33.08
CA LYS D 229 -9.38 28.04 -33.63
C LYS D 229 -8.24 27.31 -32.92
N GLU D 230 -7.09 27.18 -33.58
CA GLU D 230 -6.00 26.39 -32.98
C GLU D 230 -5.67 26.90 -31.56
N GLY D 231 -5.67 28.23 -31.34
CA GLY D 231 -5.27 28.74 -30.04
C GLY D 231 -6.23 28.33 -28.92
N ASP D 232 -7.45 27.90 -29.25
CA ASP D 232 -8.40 27.41 -28.24
C ASP D 232 -7.88 26.17 -27.53
N LEU D 233 -6.93 25.44 -28.13
CA LEU D 233 -6.46 24.21 -27.56
C LEU D 233 -5.16 24.37 -26.79
N HIS D 234 -4.64 25.61 -26.66
CA HIS D 234 -3.45 25.82 -25.86
C HIS D 234 -3.76 25.61 -24.37
N ARG D 235 -5.00 25.96 -23.98
CA ARG D 235 -5.41 25.95 -22.62
C ARG D 235 -6.86 25.49 -22.57
N ILE D 236 -7.11 24.31 -22.01
CA ILE D 236 -8.44 23.75 -22.04
C ILE D 236 -8.94 23.62 -20.60
N GLU D 237 -10.03 24.33 -20.29
CA GLU D 237 -10.61 24.36 -18.97
C GLU D 237 -11.92 23.58 -18.98
N ILE D 238 -11.95 22.49 -18.18
CA ILE D 238 -13.11 21.65 -18.09
C ILE D 238 -13.62 21.70 -16.66
N PRO D 239 -14.65 22.53 -16.38
CA PRO D 239 -15.25 22.52 -15.05
C PRO D 239 -16.08 21.24 -14.95
N PHE D 240 -16.27 20.74 -13.73
CA PHE D 240 -17.10 19.55 -13.54
C PHE D 240 -17.81 19.60 -12.19
N LYS D 241 -19.01 19.00 -12.18
CA LYS D 241 -19.85 18.86 -11.00
C LYS D 241 -20.49 17.47 -11.10
N PHE D 242 -19.97 16.51 -10.37
CA PHE D 242 -20.54 15.15 -10.41
C PHE D 242 -21.52 14.97 -9.26
N HIS D 243 -22.64 14.35 -9.58
CA HIS D 243 -23.60 13.92 -8.58
C HIS D 243 -23.29 12.45 -8.27
N MET D 244 -22.68 12.20 -7.11
CA MET D 244 -22.17 10.86 -6.75
C MET D 244 -23.35 9.89 -6.64
N LEU D 245 -23.26 8.76 -7.34
CA LEU D 245 -24.31 7.73 -7.36
C LEU D 245 -23.99 6.57 -6.40
N HIS D 246 -22.73 6.46 -5.96
CA HIS D 246 -22.27 5.38 -5.08
C HIS D 246 -21.35 5.98 -4.01
N SER D 247 -21.37 5.37 -2.84
CA SER D 247 -20.51 5.75 -1.77
C SER D 247 -19.19 4.96 -1.90
N GLY D 248 -18.08 5.60 -1.54
CA GLY D 248 -16.80 4.92 -1.57
C GLY D 248 -15.68 5.89 -1.81
N LEU D 249 -14.46 5.35 -2.02
CA LEU D 249 -13.30 6.13 -2.26
C LEU D 249 -13.23 6.44 -3.75
N VAL D 250 -12.97 7.70 -4.07
CA VAL D 250 -12.69 8.13 -5.43
C VAL D 250 -11.17 8.16 -5.63
N HIS D 251 -10.66 7.28 -6.46
CA HIS D 251 -9.24 7.18 -6.65
C HIS D 251 -8.75 8.05 -7.81
N GLY D 252 -9.69 8.63 -8.59
CA GLY D 252 -9.34 9.54 -9.64
C GLY D 252 -10.46 9.75 -10.66
N LEU D 253 -10.09 10.32 -11.83
CA LEU D 253 -11.04 10.50 -12.93
C LEU D 253 -10.64 9.65 -14.14
N ALA D 254 -11.65 9.11 -14.82
CA ALA D 254 -11.50 8.39 -16.05
C ALA D 254 -11.95 9.28 -17.21
N PHE D 255 -11.19 9.19 -18.32
CA PHE D 255 -11.44 9.93 -19.51
C PHE D 255 -11.59 8.98 -20.69
N TRP D 256 -12.51 9.35 -21.57
CA TRP D 256 -12.64 8.77 -22.89
C TRP D 256 -13.20 9.83 -23.84
N PHE D 257 -13.32 9.49 -25.12
CA PHE D 257 -13.84 10.48 -26.07
C PHE D 257 -14.60 9.78 -27.20
N ASP D 258 -15.48 10.58 -27.79
CA ASP D 258 -16.26 10.26 -28.95
C ASP D 258 -15.95 11.33 -29.99
N VAL D 259 -15.96 10.98 -31.29
CA VAL D 259 -16.04 12.01 -32.32
C VAL D 259 -17.27 11.73 -33.18
N ALA D 260 -17.83 12.78 -33.77
CA ALA D 260 -18.92 12.56 -34.68
C ALA D 260 -18.56 13.10 -36.06
N PHE D 261 -18.91 12.31 -37.08
CA PHE D 261 -18.84 12.72 -38.45
C PHE D 261 -20.24 13.13 -38.88
N ILE D 262 -20.47 14.44 -38.96
CA ILE D 262 -21.84 14.99 -39.16
C ILE D 262 -21.96 15.27 -40.65
N GLY D 263 -22.46 14.24 -41.36
CA GLY D 263 -22.62 14.29 -42.78
C GLY D 263 -24.02 14.75 -43.18
N SER D 264 -24.20 15.03 -44.47
CA SER D 264 -25.47 15.37 -45.10
C SER D 264 -26.48 14.23 -45.04
N ILE D 265 -26.01 12.97 -45.09
CA ILE D 265 -26.92 11.82 -45.11
C ILE D 265 -27.11 11.31 -43.70
N MET D 266 -26.02 11.19 -42.94
CA MET D 266 -26.15 10.75 -41.54
C MET D 266 -24.90 11.10 -40.71
N THR D 267 -25.11 11.04 -39.40
CA THR D 267 -24.11 11.32 -38.45
C THR D 267 -23.58 9.98 -37.97
N VAL D 268 -22.27 9.78 -38.02
CA VAL D 268 -21.64 8.54 -37.55
C VAL D 268 -20.69 8.89 -36.44
N TRP D 269 -20.78 8.11 -35.38
CA TRP D 269 -20.05 8.28 -34.17
C TRP D 269 -18.93 7.24 -34.10
N LEU D 270 -17.74 7.69 -33.71
CA LEU D 270 -16.67 6.79 -33.31
C LEU D 270 -16.43 6.99 -31.83
N SER D 271 -16.78 6.00 -31.02
CA SER D 271 -16.73 6.09 -29.58
C SER D 271 -15.57 5.25 -29.00
N THR D 272 -14.85 5.82 -28.02
CA THR D 272 -13.86 5.05 -27.26
C THR D 272 -14.26 4.85 -25.80
N ALA D 273 -15.56 5.01 -25.53
CA ALA D 273 -16.19 4.75 -24.24
C ALA D 273 -15.95 3.32 -23.78
N PRO D 274 -15.89 3.08 -22.46
CA PRO D 274 -15.79 1.73 -21.92
C PRO D 274 -17.05 0.86 -22.09
N THR D 275 -18.18 1.48 -22.47
CA THR D 275 -19.39 0.74 -22.88
C THR D 275 -19.29 0.17 -24.30
N GLU D 276 -18.31 0.61 -25.07
CA GLU D 276 -18.23 0.31 -26.49
C GLU D 276 -17.06 -0.62 -26.77
N PRO D 277 -17.03 -1.27 -27.94
CA PRO D 277 -15.93 -2.20 -28.15
C PRO D 277 -14.57 -1.48 -28.08
N LEU D 278 -13.58 -2.23 -27.66
CA LEU D 278 -12.30 -1.67 -27.36
C LEU D 278 -11.60 -1.16 -28.63
N THR D 279 -10.91 -0.02 -28.52
CA THR D 279 -10.09 0.56 -29.58
C THR D 279 -8.66 0.65 -29.04
N HIS D 280 -7.70 1.01 -29.91
CA HIS D 280 -6.28 1.16 -29.52
C HIS D 280 -6.05 2.46 -28.72
N TRP D 281 -7.10 3.28 -28.55
CA TRP D 281 -7.03 4.41 -27.62
C TRP D 281 -7.35 4.02 -26.17
N TYR D 282 -7.94 2.84 -25.98
CA TYR D 282 -8.38 2.36 -24.67
C TYR D 282 -9.19 3.47 -24.00
N GLN D 283 -8.94 3.66 -22.72
CA GLN D 283 -9.38 4.76 -21.93
C GLN D 283 -8.23 5.17 -21.05
N VAL D 284 -8.42 6.31 -20.37
CA VAL D 284 -7.35 6.92 -19.63
C VAL D 284 -7.80 7.29 -18.23
N ARG D 285 -6.96 6.94 -17.24
CA ARG D 285 -7.29 7.29 -15.88
C ARG D 285 -6.16 8.09 -15.27
N CYS D 286 -6.56 9.18 -14.59
CA CYS D 286 -5.69 10.00 -13.77
C CYS D 286 -5.98 9.71 -12.29
N LEU D 287 -5.01 9.09 -11.60
CA LEU D 287 -5.07 8.82 -10.20
C LEU D 287 -4.79 10.05 -9.36
N PHE D 288 -5.51 10.12 -8.24
CA PHE D 288 -5.25 11.04 -7.18
C PHE D 288 -4.28 10.39 -6.22
N GLN D 289 -3.35 11.18 -5.68
CA GLN D 289 -2.31 10.66 -4.80
C GLN D 289 -2.97 10.23 -3.48
N SER D 290 -4.00 10.97 -3.09
CA SER D 290 -4.78 10.60 -1.99
C SER D 290 -6.22 10.63 -2.43
N PRO D 291 -6.89 9.48 -2.35
CA PRO D 291 -8.28 9.38 -2.74
C PRO D 291 -9.21 10.22 -1.84
N LEU D 292 -10.38 10.55 -2.35
CA LEU D 292 -11.36 11.27 -1.58
C LEU D 292 -12.54 10.36 -1.23
N PHE D 293 -12.99 10.41 0.03
CA PHE D 293 -14.21 9.72 0.40
C PHE D 293 -15.44 10.54 0.01
N ALA D 294 -16.44 9.89 -0.55
CA ALA D 294 -17.71 10.51 -0.89
C ALA D 294 -18.88 9.57 -0.62
N LYS D 295 -20.04 10.15 -0.28
CA LYS D 295 -21.27 9.41 -0.10
C LYS D 295 -22.19 9.63 -1.29
N ALA D 296 -22.96 8.61 -1.65
CA ALA D 296 -24.03 8.76 -2.66
C ALA D 296 -24.83 10.04 -2.34
N GLY D 297 -25.10 10.88 -3.35
CA GLY D 297 -25.82 12.16 -3.14
C GLY D 297 -24.91 13.36 -2.95
N ASP D 298 -23.63 13.13 -2.61
CA ASP D 298 -22.65 14.21 -2.53
C ASP D 298 -22.28 14.73 -3.93
N THR D 299 -21.67 15.90 -3.96
CA THR D 299 -21.26 16.53 -5.18
C THR D 299 -19.73 16.61 -5.13
N LEU D 300 -19.08 16.11 -6.19
CA LEU D 300 -17.66 16.25 -6.37
C LEU D 300 -17.43 17.25 -7.48
N SER D 301 -16.79 18.38 -7.16
CA SER D 301 -16.71 19.51 -8.09
C SER D 301 -15.25 19.92 -8.24
N GLY D 302 -14.96 20.55 -9.37
CA GLY D 302 -13.65 21.07 -9.58
C GLY D 302 -13.39 21.36 -11.01
N THR D 303 -12.12 21.23 -11.38
CA THR D 303 -11.65 21.69 -12.67
C THR D 303 -10.52 20.77 -13.16
N CYS D 304 -10.62 20.39 -14.44
CA CYS D 304 -9.60 19.73 -15.15
C CYS D 304 -9.00 20.75 -16.14
N LEU D 305 -7.71 21.06 -15.97
CA LEU D 305 -7.08 22.16 -16.75
C LEU D 305 -5.93 21.58 -17.57
N LEU D 306 -6.02 21.69 -18.89
CA LEU D 306 -5.00 21.11 -19.78
C LEU D 306 -4.20 22.24 -20.38
N ILE D 307 -2.90 22.22 -20.16
CA ILE D 307 -2.00 23.22 -20.66
C ILE D 307 -1.01 22.57 -21.64
N ALA D 308 -1.07 23.02 -22.89
CA ALA D 308 -0.26 22.46 -23.97
C ALA D 308 1.21 22.75 -23.68
N ASN D 309 2.08 21.76 -23.89
CA ASN D 309 3.54 21.93 -23.75
C ASN D 309 4.19 21.78 -25.13
N LYS D 310 5.49 22.03 -25.19
CA LYS D 310 6.19 21.99 -26.47
C LYS D 310 6.61 20.54 -26.82
N ARG D 311 6.31 19.54 -25.97
CA ARG D 311 6.59 18.14 -26.32
C ARG D 311 5.34 17.48 -26.94
N GLN D 312 4.50 18.29 -27.59
CA GLN D 312 3.33 17.81 -28.31
C GLN D 312 2.35 17.10 -27.37
N SER D 313 2.27 17.56 -26.14
CA SER D 313 1.40 16.94 -25.16
C SER D 313 0.81 18.01 -24.25
N TYR D 314 0.32 17.58 -23.10
CA TYR D 314 -0.29 18.51 -22.17
C TYR D 314 0.12 18.20 -20.74
N ASP D 315 0.28 19.24 -19.95
CA ASP D 315 0.29 19.16 -18.48
C ASP D 315 -1.16 19.28 -18.01
N ILE D 316 -1.58 18.33 -17.19
CA ILE D 316 -2.91 18.18 -16.76
C ILE D 316 -2.94 18.55 -15.28
N SER D 317 -3.83 19.47 -14.95
CA SER D 317 -4.12 19.80 -13.56
C SER D 317 -5.55 19.37 -13.24
N ILE D 318 -5.70 18.59 -12.19
CA ILE D 318 -7.03 18.26 -11.71
C ILE D 318 -7.15 18.65 -10.24
N VAL D 319 -8.13 19.51 -9.99
CA VAL D 319 -8.45 19.96 -8.65
C VAL D 319 -9.89 19.54 -8.38
N ALA D 320 -10.10 18.87 -7.26
CA ALA D 320 -11.38 18.23 -7.05
C ALA D 320 -11.70 18.29 -5.57
N GLN D 321 -12.98 18.52 -5.26
CA GLN D 321 -13.39 18.55 -3.88
C GLN D 321 -14.75 17.90 -3.70
N VAL D 322 -14.93 17.29 -2.53
CA VAL D 322 -16.25 16.85 -2.09
C VAL D 322 -16.91 18.03 -1.40
N ASP D 323 -17.98 18.58 -2.00
CA ASP D 323 -18.54 19.84 -1.48
C ASP D 323 -19.03 19.69 -0.05
N GLN D 324 -19.66 18.55 0.26
CA GLN D 324 -20.25 18.37 1.57
C GLN D 324 -19.20 18.32 2.69
N THR D 325 -17.94 17.92 2.40
CA THR D 325 -16.96 17.86 3.49
C THR D 325 -15.84 18.87 3.38
N GLY D 326 -15.68 19.50 2.22
CA GLY D 326 -14.48 20.32 1.90
C GLY D 326 -13.17 19.51 1.75
N SER D 327 -13.27 18.20 1.53
CA SER D 327 -12.13 17.36 1.20
C SER D 327 -11.66 17.67 -0.24
N LYS D 328 -10.40 18.07 -0.43
CA LYS D 328 -9.78 18.51 -1.67
C LYS D 328 -8.64 17.56 -2.08
N SER D 329 -8.49 17.37 -3.39
CA SER D 329 -7.31 16.75 -3.98
C SER D 329 -6.88 17.57 -5.21
N SER D 330 -5.56 17.69 -5.35
CA SER D 330 -4.89 18.45 -6.38
C SER D 330 -3.82 17.58 -6.99
N ASN D 331 -3.77 17.53 -8.32
CA ASN D 331 -2.93 16.61 -8.99
C ASN D 331 -2.43 17.21 -10.29
N LEU D 332 -1.19 16.86 -10.64
CA LEU D 332 -0.57 17.27 -11.91
C LEU D 332 -0.16 16.01 -12.64
N LEU D 333 -0.55 15.87 -13.90
CA LEU D 333 -0.18 14.72 -14.68
C LEU D 333 0.52 15.17 -15.95
N ASP D 334 1.40 14.31 -16.42
CA ASP D 334 2.20 14.51 -17.59
C ASP D 334 1.75 13.48 -18.63
N LEU D 335 0.92 13.94 -19.55
CA LEU D 335 0.30 13.07 -20.53
C LEU D 335 1.29 12.50 -21.54
N LYS D 336 2.47 13.11 -21.66
CA LYS D 336 3.53 12.59 -22.51
C LYS D 336 4.07 11.22 -22.02
N ASN D 337 4.14 10.96 -20.70
CA ASN D 337 4.66 9.68 -20.13
C ASN D 337 3.56 8.79 -19.58
N PRO D 338 2.62 8.23 -20.40
CA PRO D 338 1.57 7.40 -19.83
C PRO D 338 2.11 6.03 -19.39
N PHE D 339 1.41 5.40 -18.44
CA PHE D 339 1.70 4.02 -18.09
C PHE D 339 0.73 3.12 -18.87
N PHE D 340 1.29 2.29 -19.77
CA PHE D 340 0.52 1.34 -20.58
C PHE D 340 0.32 0.07 -19.77
N ARG D 341 -0.85 -0.08 -19.16
CA ARG D 341 -1.09 -1.15 -18.20
C ARG D 341 -1.66 -2.44 -18.85
N TYR D 342 -2.25 -2.33 -20.04
CA TYR D 342 -2.63 -3.50 -20.85
C TYR D 342 -1.39 -4.25 -21.34
C13 KY2 E . -10.65 14.35 29.43
C11 KY2 E . -10.38 15.27 30.46
C28 KY2 E . -16.60 6.76 22.18
C26 KY2 E . -15.62 9.11 22.18
C25 KY2 E . -14.56 9.81 23.10
C24 KY2 E . -14.36 11.30 22.70
C22 KY2 E . -12.19 13.97 19.68
C15 KY2 E . -11.31 12.74 28.12
C17 KY2 E . -11.07 12.38 24.28
C18 KY2 E . -12.22 11.58 24.07
C20 KY2 E . -12.24 12.03 21.52
C21 KY2 E . -12.01 13.50 21.14
C02 KY2 E . -9.83 11.49 24.58
C03 KY2 E . -9.56 11.64 25.80
C05 KY2 E . -10.04 13.17 26.11
C07 KY2 E . -9.98 14.46 28.25
C09 KY2 E . -8.88 16.32 29.06
N06 KY2 E . -10.39 13.44 27.47
N08 KY2 E . -9.09 15.45 28.07
N10 KY2 E . -9.51 16.25 30.24
N12 KY2 E . -11.06 15.17 31.73
N14 KY2 E . -11.45 13.31 29.33
N19 KY2 E . -13.00 11.93 22.82
N23 KY2 E . -13.14 15.10 19.63
N27 KY2 E . -16.36 7.99 22.77
N29 KY2 E . -16.16 6.37 20.97
N30 KY2 E . -17.31 5.86 22.85
O01 KY2 E . -8.84 11.98 23.52
O04 KY2 E . -8.16 11.62 26.06
O16 KY2 E . -11.16 13.25 25.50
C13 KY2 F . 26.53 10.17 -19.59
C11 KY2 F . 27.49 11.21 -19.81
C28 KY2 F . 20.64 -0.20 -19.71
C26 KY2 F . 22.51 0.95 -18.48
C25 KY2 F . 22.32 2.44 -18.10
C24 KY2 F . 23.37 2.98 -17.08
C22 KY2 F . 23.45 4.23 -12.60
C15 KY2 F . 25.10 8.51 -19.60
C17 KY2 F . 23.43 6.62 -16.53
C18 KY2 F . 23.35 5.43 -17.27
C20 KY2 F . 23.72 4.28 -15.15
C21 KY2 F . 22.87 3.80 -13.96
C02 KY2 F . 22.26 7.61 -16.78
C03 KY2 F . 22.70 8.40 -17.65
C05 KY2 F . 24.30 8.53 -17.26
C07 KY2 F . 25.98 10.06 -18.33
C09 KY2 F . 27.24 11.89 -17.59
N06 KY2 F . 25.10 9.02 -18.37
N08 KY2 F . 26.33 10.91 -17.32
N10 KY2 F . 27.81 12.01 -18.80
N12 KY2 F . 28.09 11.37 -21.13
N14 KY2 F . 25.97 9.20 -20.36
N19 KY2 F . 22.95 4.24 -16.41
N23 KY2 F . 24.73 3.60 -12.30
N27 KY2 F . 21.21 0.24 -18.56
N29 KY2 F . 21.21 -0.06 -20.91
N30 KY2 F . 19.47 -0.81 -19.66
O01 KY2 F . 21.95 8.33 -15.48
O04 KY2 F . 22.08 9.74 -17.69
O16 KY2 F . 24.67 7.34 -16.98
C13 KY2 G . 0.04 -14.41 39.51
C11 KY2 G . 0.79 -14.17 40.72
C28 KY2 G . -3.01 -17.20 28.10
C26 KY2 G . -1.81 -17.56 30.25
C25 KY2 G . -2.07 -18.31 31.57
C24 KY2 G . -3.07 -17.53 32.42
C22 KY2 G . -4.93 -21.13 35.02
C15 KY2 G . -0.82 -14.58 37.51
C17 KY2 G . -3.54 -17.06 36.06
C18 KY2 G . -3.04 -16.76 34.76
C20 KY2 G . -4.26 -18.80 34.11
C21 KY2 G . -3.79 -20.11 34.82
C02 KY2 G . -4.57 -15.98 36.53
C03 KY2 G . -3.88 -15.17 37.19
C05 KY2 G . -2.74 -16.12 37.95
C07 KY2 G . -1.06 -15.24 39.60
C09 KY2 G . -0.70 -15.55 41.89
N06 KY2 G . -1.58 -15.34 38.34
N08 KY2 G . -1.40 -15.81 40.78
N10 KY2 G . 0.37 -14.76 41.84
N12 KY2 G . 1.95 -13.29 40.73
N14 KY2 G . 0.16 -14.01 38.22
N19 KY2 G . -3.07 -17.96 33.85
N23 KY2 G . -4.43 -22.51 34.97
N27 KY2 G . -2.87 -17.87 29.29
N29 KY2 G . -2.23 -16.19 27.72
N30 KY2 G . -3.98 -17.52 27.27
O01 KY2 G . -5.63 -16.69 37.36
O04 KY2 G . -4.60 -14.38 38.21
O16 KY2 G . -2.42 -17.03 37.09
C13 KY2 H . 1.10 16.31 -38.93
C11 KY2 H . 1.32 17.60 -39.54
C28 KY2 H . -3.29 7.52 -32.09
C26 KY2 H . -3.88 8.36 -34.33
C25 KY2 H . -3.44 9.46 -35.32
C24 KY2 H . -2.23 9.07 -36.19
C22 KY2 H . -3.57 7.73 -40.46
C15 KY2 H . 0.82 14.52 -37.71
C17 KY2 H . -0.52 10.92 -38.85
C18 KY2 H . -1.09 10.75 -37.56
C20 KY2 H . -2.11 8.80 -38.62
C21 KY2 H . -3.50 8.23 -39.00
C02 KY2 H . 1.02 10.59 -38.90
C03 KY2 H . 1.58 11.70 -38.70
C05 KY2 H . 0.58 12.78 -39.46
C07 KY2 H . 0.97 15.23 -39.77
C09 KY2 H . 1.23 16.61 -41.65
N06 KY2 H . 0.80 14.14 -38.99
N08 KY2 H . 1.05 15.40 -41.13
N10 KY2 H . 1.36 17.69 -40.87
N12 KY2 H . 1.47 18.80 -38.73
N14 KY2 H . 1.00 15.85 -37.66
N19 KY2 H . -2.24 9.78 -37.52
N23 KY2 H . -4.83 8.14 -41.13
N27 KY2 H . -3.39 8.55 -32.97
N29 KY2 H . -3.57 6.24 -32.35
N30 KY2 H . -2.87 7.73 -30.86
O01 KY2 H . 1.35 9.96 -40.23
O04 KY2 H . 2.94 11.80 -39.23
O16 KY2 H . -0.61 12.38 -39.21
#